data_9DE9
# 
_entry.id   9DE9 
# 
_audit_conform.dict_name       mmcif_pdbx.dic 
_audit_conform.dict_version    5.402 
_audit_conform.dict_location   http://mmcif.pdb.org/dictionaries/ascii/mmcif_pdbx.dic 
# 
loop_
_database_2.database_id 
_database_2.database_code 
_database_2.pdbx_database_accession 
_database_2.pdbx_DOI 
PDB   9DE9         pdb_00009de9 10.2210/pdb9de9/pdb 
WWPDB D_1000287929 ?            ?                   
# 
_pdbx_audit_revision_history.ordinal             1 
_pdbx_audit_revision_history.data_content_type   'Structure model' 
_pdbx_audit_revision_history.major_revision      1 
_pdbx_audit_revision_history.minor_revision      0 
_pdbx_audit_revision_history.revision_date       2025-03-26 
_pdbx_audit_revision_history.part_number         ? 
# 
_pdbx_audit_revision_details.ordinal             1 
_pdbx_audit_revision_details.revision_ordinal    1 
_pdbx_audit_revision_details.data_content_type   'Structure model' 
_pdbx_audit_revision_details.provider            repository 
_pdbx_audit_revision_details.type                'Initial release' 
_pdbx_audit_revision_details.description         ? 
_pdbx_audit_revision_details.details             ? 
# 
_pdbx_database_status.status_code                     REL 
_pdbx_database_status.status_code_sf                  REL 
_pdbx_database_status.status_code_mr                  ? 
_pdbx_database_status.entry_id                        9DE9 
_pdbx_database_status.recvd_initial_deposition_date   2024-08-28 
_pdbx_database_status.SG_entry                        N 
_pdbx_database_status.deposit_site                    RCSB 
_pdbx_database_status.process_site                    RCSB 
_pdbx_database_status.status_code_cs                  ? 
_pdbx_database_status.status_code_nmr_data            ? 
_pdbx_database_status.methods_development_category    ? 
_pdbx_database_status.pdb_format_compatible           Y 
# 
_pdbx_contact_author.id                 2 
_pdbx_contact_author.email              dabaker@uw.edu 
_pdbx_contact_author.name_first         David 
_pdbx_contact_author.name_last          Baker 
_pdbx_contact_author.name_mi            ? 
_pdbx_contact_author.role               'principal investigator/group leader' 
_pdbx_contact_author.identifier_ORCID   0000-0001-7896-6217 
# 
loop_
_audit_author.name 
_audit_author.pdbx_ordinal 
_audit_author.identifier_ORCID 
'Bera, A.K.' 1 ? 
'Sims, J.'   2 ? 
'Baker, D.'  3 ? 
# 
_citation.abstract                  ? 
_citation.abstract_id_CAS           ? 
_citation.book_id_ISBN              ? 
_citation.book_publisher            ? 
_citation.book_publisher_city       ? 
_citation.book_title                ? 
_citation.coordinate_linkage        ? 
_citation.country                   US 
_citation.database_id_Medline       ? 
_citation.details                   ? 
_citation.id                        primary 
_citation.journal_abbrev            Biorxiv 
_citation.journal_id_ASTM           ? 
_citation.journal_id_CSD            ? 
_citation.journal_id_ISSN           2692-8205 
_citation.journal_full              ? 
_citation.journal_issue             ? 
_citation.journal_volume            ? 
_citation.language                  ? 
_citation.page_first                ? 
_citation.page_last                 ? 
_citation.title                     
'Massively parallel assessment of designed protein solution properties using mass spectrometry and peptide barcoding.' 
_citation.year                      2025 
_citation.database_id_CSD           ? 
_citation.pdbx_database_id_DOI      10.1101/2025.02.24.639402 
_citation.pdbx_database_id_PubMed   40060547 
_citation.pdbx_database_id_patent   ? 
_citation.unpublished_flag          ? 
# 
loop_
_citation_author.citation_id 
_citation_author.name 
_citation_author.ordinal 
_citation_author.identifier_ORCID 
primary 'Feldman, D.'       1  ?                   
primary 'Sims, J.N.'        2  0000-0002-0479-0367 
primary 'Li, X.'            3  ?                   
primary 'Johnson, R.'       4  ?                   
primary 'Gerben, S.'        5  ?                   
primary 'Kim, D.E.'         6  0000-0002-0023-956X 
primary 'Richardson, C.'    7  ?                   
primary 'Koepnick, B.'      8  ?                   
primary 'Eisenach, H.'      9  ?                   
primary 'Hicks, D.R.'       10 ?                   
primary 'Yang, E.C.'        11 0000-0002-1305-9066 
primary 'Wicky, B.I.M.'     12 ?                   
primary 'Milles, L.F.'      13 0000-0001-8417-3205 
primary 'Bera, A.K.'        14 ?                   
primary 'Kang, A.'          15 ?                   
primary 'Brackenbrough, E.' 16 ?                   
primary 'Joyce, E.'         17 ?                   
primary 'Sankaran, B.'      18 ?                   
primary 'Lubner, J.M.'      19 ?                   
primary 'Goreshnik, I.'     20 ?                   
primary 'Vafeados, D.'      21 ?                   
primary 'Allen, A.'         22 ?                   
primary 'Stewart, L.'       23 ?                   
primary 'MacCoss, M.J.'     24 0000-0003-1853-0256 
primary 'Baker, D.'         25 ?                   
# 
loop_
_entity.id 
_entity.type 
_entity.src_method 
_entity.pdbx_description 
_entity.formula_weight 
_entity.pdbx_number_of_molecules 
_entity.pdbx_ec 
_entity.pdbx_mutation 
_entity.pdbx_fragment 
_entity.details 
1 polymer man HE-B11 9342.850 2  ? ? ? ? 
2 water   nat water  18.015   22 ? ? ? ? 
# 
_entity_poly.entity_id                      1 
_entity_poly.type                           'polypeptide(L)' 
_entity_poly.nstd_linkage                   no 
_entity_poly.nstd_monomer                   no 
_entity_poly.pdbx_seq_one_letter_code       
;MSGMEKVTVVLYVNGDEVALVHAFMTTASLLAKEGKLVEKLILTSNFTERTVRRAFDLVRELLPAKAEIIDALREEAEKY
FAE
;
_entity_poly.pdbx_seq_one_letter_code_can   
;MSGMEKVTVVLYVNGDEVALVHAFMTTASLLAKEGKLVEKLILTSNFTERTVRRAFDLVRELLPAKAEIIDALREEAEKY
FAE
;
_entity_poly.pdbx_strand_id                 A,B 
_entity_poly.pdbx_target_identifier         ? 
# 
_pdbx_entity_nonpoly.entity_id   2 
_pdbx_entity_nonpoly.name        water 
_pdbx_entity_nonpoly.comp_id     HOH 
# 
loop_
_entity_poly_seq.entity_id 
_entity_poly_seq.num 
_entity_poly_seq.mon_id 
_entity_poly_seq.hetero 
1 1  MET n 
1 2  SER n 
1 3  GLY n 
1 4  MET n 
1 5  GLU n 
1 6  LYS n 
1 7  VAL n 
1 8  THR n 
1 9  VAL n 
1 10 VAL n 
1 11 LEU n 
1 12 TYR n 
1 13 VAL n 
1 14 ASN n 
1 15 GLY n 
1 16 ASP n 
1 17 GLU n 
1 18 VAL n 
1 19 ALA n 
1 20 LEU n 
1 21 VAL n 
1 22 HIS n 
1 23 ALA n 
1 24 PHE n 
1 25 MET n 
1 26 THR n 
1 27 THR n 
1 28 ALA n 
1 29 SER n 
1 30 LEU n 
1 31 LEU n 
1 32 ALA n 
1 33 LYS n 
1 34 GLU n 
1 35 GLY n 
1 36 LYS n 
1 37 LEU n 
1 38 VAL n 
1 39 GLU n 
1 40 LYS n 
1 41 LEU n 
1 42 ILE n 
1 43 LEU n 
1 44 THR n 
1 45 SER n 
1 46 ASN n 
1 47 PHE n 
1 48 THR n 
1 49 GLU n 
1 50 ARG n 
1 51 THR n 
1 52 VAL n 
1 53 ARG n 
1 54 ARG n 
1 55 ALA n 
1 56 PHE n 
1 57 ASP n 
1 58 LEU n 
1 59 VAL n 
1 60 ARG n 
1 61 GLU n 
1 62 LEU n 
1 63 LEU n 
1 64 PRO n 
1 65 ALA n 
1 66 LYS n 
1 67 ALA n 
1 68 GLU n 
1 69 ILE n 
1 70 ILE n 
1 71 ASP n 
1 72 ALA n 
1 73 LEU n 
1 74 ARG n 
1 75 GLU n 
1 76 GLU n 
1 77 ALA n 
1 78 GLU n 
1 79 LYS n 
1 80 TYR n 
1 81 PHE n 
1 82 ALA n 
1 83 GLU n 
# 
_entity_src_gen.entity_id                          1 
_entity_src_gen.pdbx_src_id                        1 
_entity_src_gen.pdbx_alt_source_flag               sample 
_entity_src_gen.pdbx_seq_type                      'Biological sequence' 
_entity_src_gen.pdbx_beg_seq_num                   1 
_entity_src_gen.pdbx_end_seq_num                   83 
_entity_src_gen.gene_src_common_name               ? 
_entity_src_gen.gene_src_genus                     ? 
_entity_src_gen.pdbx_gene_src_gene                 ? 
_entity_src_gen.gene_src_species                   ? 
_entity_src_gen.gene_src_strain                    ? 
_entity_src_gen.gene_src_tissue                    ? 
_entity_src_gen.gene_src_tissue_fraction           ? 
_entity_src_gen.gene_src_details                   ? 
_entity_src_gen.pdbx_gene_src_fragment             ? 
_entity_src_gen.pdbx_gene_src_scientific_name      'synthetic construct' 
_entity_src_gen.pdbx_gene_src_ncbi_taxonomy_id     32630 
_entity_src_gen.pdbx_gene_src_variant              ? 
_entity_src_gen.pdbx_gene_src_cell_line            ? 
_entity_src_gen.pdbx_gene_src_atcc                 ? 
_entity_src_gen.pdbx_gene_src_organ                ? 
_entity_src_gen.pdbx_gene_src_organelle            ? 
_entity_src_gen.pdbx_gene_src_cell                 ? 
_entity_src_gen.pdbx_gene_src_cellular_location    ? 
_entity_src_gen.host_org_common_name               ? 
_entity_src_gen.pdbx_host_org_scientific_name      'Escherichia coli' 
_entity_src_gen.pdbx_host_org_ncbi_taxonomy_id     562 
_entity_src_gen.host_org_genus                     ? 
_entity_src_gen.pdbx_host_org_gene                 ? 
_entity_src_gen.pdbx_host_org_organ                ? 
_entity_src_gen.host_org_species                   ? 
_entity_src_gen.pdbx_host_org_tissue               ? 
_entity_src_gen.pdbx_host_org_tissue_fraction      ? 
_entity_src_gen.pdbx_host_org_strain               ? 
_entity_src_gen.pdbx_host_org_variant              ? 
_entity_src_gen.pdbx_host_org_cell_line            ? 
_entity_src_gen.pdbx_host_org_atcc                 ? 
_entity_src_gen.pdbx_host_org_culture_collection   ? 
_entity_src_gen.pdbx_host_org_cell                 ? 
_entity_src_gen.pdbx_host_org_organelle            ? 
_entity_src_gen.pdbx_host_org_cellular_location    ? 
_entity_src_gen.pdbx_host_org_vector_type          ? 
_entity_src_gen.pdbx_host_org_vector               ? 
_entity_src_gen.host_org_details                   ? 
_entity_src_gen.expression_system_id               ? 
_entity_src_gen.plasmid_name                       ? 
_entity_src_gen.plasmid_details                    ? 
_entity_src_gen.pdbx_description                   ? 
# 
loop_
_chem_comp.id 
_chem_comp.type 
_chem_comp.mon_nstd_flag 
_chem_comp.name 
_chem_comp.pdbx_synonyms 
_chem_comp.formula 
_chem_comp.formula_weight 
ALA 'L-peptide linking' y ALANINE         ? 'C3 H7 N O2'     89.093  
ARG 'L-peptide linking' y ARGININE        ? 'C6 H15 N4 O2 1' 175.209 
ASN 'L-peptide linking' y ASPARAGINE      ? 'C4 H8 N2 O3'    132.118 
ASP 'L-peptide linking' y 'ASPARTIC ACID' ? 'C4 H7 N O4'     133.103 
GLU 'L-peptide linking' y 'GLUTAMIC ACID' ? 'C5 H9 N O4'     147.129 
GLY 'peptide linking'   y GLYCINE         ? 'C2 H5 N O2'     75.067  
HIS 'L-peptide linking' y HISTIDINE       ? 'C6 H10 N3 O2 1' 156.162 
HOH non-polymer         . WATER           ? 'H2 O'           18.015  
ILE 'L-peptide linking' y ISOLEUCINE      ? 'C6 H13 N O2'    131.173 
LEU 'L-peptide linking' y LEUCINE         ? 'C6 H13 N O2'    131.173 
LYS 'L-peptide linking' y LYSINE          ? 'C6 H15 N2 O2 1' 147.195 
MET 'L-peptide linking' y METHIONINE      ? 'C5 H11 N O2 S'  149.211 
PHE 'L-peptide linking' y PHENYLALANINE   ? 'C9 H11 N O2'    165.189 
PRO 'L-peptide linking' y PROLINE         ? 'C5 H9 N O2'     115.130 
SER 'L-peptide linking' y SERINE          ? 'C3 H7 N O3'     105.093 
THR 'L-peptide linking' y THREONINE       ? 'C4 H9 N O3'     119.119 
TYR 'L-peptide linking' y TYROSINE        ? 'C9 H11 N O3'    181.189 
VAL 'L-peptide linking' y VALINE          ? 'C5 H11 N O2'    117.146 
# 
loop_
_pdbx_poly_seq_scheme.asym_id 
_pdbx_poly_seq_scheme.entity_id 
_pdbx_poly_seq_scheme.seq_id 
_pdbx_poly_seq_scheme.mon_id 
_pdbx_poly_seq_scheme.ndb_seq_num 
_pdbx_poly_seq_scheme.pdb_seq_num 
_pdbx_poly_seq_scheme.auth_seq_num 
_pdbx_poly_seq_scheme.pdb_mon_id 
_pdbx_poly_seq_scheme.auth_mon_id 
_pdbx_poly_seq_scheme.pdb_strand_id 
_pdbx_poly_seq_scheme.pdb_ins_code 
_pdbx_poly_seq_scheme.hetero 
A 1 1  MET 1  -2 ?  ?   ?   A . n 
A 1 2  SER 2  -1 ?  ?   ?   A . n 
A 1 3  GLY 3  0  ?  ?   ?   A . n 
A 1 4  MET 4  1  ?  ?   ?   A . n 
A 1 5  GLU 5  2  ?  ?   ?   A . n 
A 1 6  LYS 6  3  3  LYS LYS A . n 
A 1 7  VAL 7  4  4  VAL VAL A . n 
A 1 8  THR 8  5  5  THR THR A . n 
A 1 9  VAL 9  6  6  VAL VAL A . n 
A 1 10 VAL 10 7  7  VAL VAL A . n 
A 1 11 LEU 11 8  8  LEU LEU A . n 
A 1 12 TYR 12 9  9  TYR TYR A . n 
A 1 13 VAL 13 10 10 VAL VAL A . n 
A 1 14 ASN 14 11 11 ASN ASN A . n 
A 1 15 GLY 15 12 12 GLY GLY A . n 
A 1 16 ASP 16 13 13 ASP ASP A . n 
A 1 17 GLU 17 14 14 GLU GLU A . n 
A 1 18 VAL 18 15 15 VAL VAL A . n 
A 1 19 ALA 19 16 16 ALA ALA A . n 
A 1 20 LEU 20 17 17 LEU LEU A . n 
A 1 21 VAL 21 18 18 VAL VAL A . n 
A 1 22 HIS 22 19 19 HIS HIS A . n 
A 1 23 ALA 23 20 20 ALA ALA A . n 
A 1 24 PHE 24 21 21 PHE PHE A . n 
A 1 25 MET 25 22 22 MET MET A . n 
A 1 26 THR 26 23 23 THR THR A . n 
A 1 27 THR 27 24 24 THR THR A . n 
A 1 28 ALA 28 25 25 ALA ALA A . n 
A 1 29 SER 29 26 26 SER SER A . n 
A 1 30 LEU 30 27 27 LEU LEU A . n 
A 1 31 LEU 31 28 28 LEU LEU A . n 
A 1 32 ALA 32 29 29 ALA ALA A . n 
A 1 33 LYS 33 30 30 LYS LYS A . n 
A 1 34 GLU 34 31 31 GLU GLU A . n 
A 1 35 GLY 35 32 32 GLY GLY A . n 
A 1 36 LYS 36 33 33 LYS LYS A . n 
A 1 37 LEU 37 34 34 LEU LEU A . n 
A 1 38 VAL 38 35 35 VAL VAL A . n 
A 1 39 GLU 39 36 36 GLU GLU A . n 
A 1 40 LYS 40 37 37 LYS LYS A . n 
A 1 41 LEU 41 38 38 LEU LEU A . n 
A 1 42 ILE 42 39 39 ILE ILE A . n 
A 1 43 LEU 43 40 40 LEU LEU A . n 
A 1 44 THR 44 41 41 THR THR A . n 
A 1 45 SER 45 42 42 SER SER A . n 
A 1 46 ASN 46 43 43 ASN ASN A . n 
A 1 47 PHE 47 44 44 PHE PHE A . n 
A 1 48 THR 48 45 45 THR THR A . n 
A 1 49 GLU 49 46 46 GLU GLU A . n 
A 1 50 ARG 50 47 47 ARG ARG A . n 
A 1 51 THR 51 48 48 THR THR A . n 
A 1 52 VAL 52 49 49 VAL VAL A . n 
A 1 53 ARG 53 50 50 ARG ARG A . n 
A 1 54 ARG 54 51 51 ARG ARG A . n 
A 1 55 ALA 55 52 52 ALA ALA A . n 
A 1 56 PHE 56 53 53 PHE PHE A . n 
A 1 57 ASP 57 54 54 ASP ASP A . n 
A 1 58 LEU 58 55 55 LEU LEU A . n 
A 1 59 VAL 59 56 56 VAL VAL A . n 
A 1 60 ARG 60 57 57 ARG ARG A . n 
A 1 61 GLU 61 58 58 GLU GLU A . n 
A 1 62 LEU 62 59 59 LEU LEU A . n 
A 1 63 LEU 63 60 60 LEU LEU A . n 
A 1 64 PRO 64 61 61 PRO PRO A . n 
A 1 65 ALA 65 62 62 ALA ALA A . n 
A 1 66 LYS 66 63 63 LYS LYS A . n 
A 1 67 ALA 67 64 64 ALA ALA A . n 
A 1 68 GLU 68 65 65 GLU GLU A . n 
A 1 69 ILE 69 66 66 ILE ILE A . n 
A 1 70 ILE 70 67 67 ILE ILE A . n 
A 1 71 ASP 71 68 68 ASP ASP A . n 
A 1 72 ALA 72 69 69 ALA ALA A . n 
A 1 73 LEU 73 70 70 LEU LEU A . n 
A 1 74 ARG 74 71 71 ARG ARG A . n 
A 1 75 GLU 75 72 72 GLU GLU A . n 
A 1 76 GLU 76 73 73 GLU GLU A . n 
A 1 77 ALA 77 74 74 ALA ALA A . n 
A 1 78 GLU 78 75 75 GLU GLU A . n 
A 1 79 LYS 79 76 76 LYS LYS A . n 
A 1 80 TYR 80 77 77 TYR TYR A . n 
A 1 81 PHE 81 78 78 PHE PHE A . n 
A 1 82 ALA 82 79 79 ALA ALA A . n 
A 1 83 GLU 83 80 80 GLU GLU A . n 
B 1 1  MET 1  -2 ?  ?   ?   B . n 
B 1 2  SER 2  -1 ?  ?   ?   B . n 
B 1 3  GLY 3  0  0  GLY GLY B . n 
B 1 4  MET 4  1  1  MET MET B . n 
B 1 5  GLU 5  2  2  GLU GLU B . n 
B 1 6  LYS 6  3  3  LYS LYS B . n 
B 1 7  VAL 7  4  4  VAL VAL B . n 
B 1 8  THR 8  5  5  THR THR B . n 
B 1 9  VAL 9  6  6  VAL VAL B . n 
B 1 10 VAL 10 7  7  VAL VAL B . n 
B 1 11 LEU 11 8  8  LEU LEU B . n 
B 1 12 TYR 12 9  9  TYR TYR B . n 
B 1 13 VAL 13 10 10 VAL VAL B . n 
B 1 14 ASN 14 11 11 ASN ASN B . n 
B 1 15 GLY 15 12 12 GLY GLY B . n 
B 1 16 ASP 16 13 13 ASP ASP B . n 
B 1 17 GLU 17 14 14 GLU GLU B . n 
B 1 18 VAL 18 15 15 VAL VAL B . n 
B 1 19 ALA 19 16 16 ALA ALA B . n 
B 1 20 LEU 20 17 17 LEU LEU B . n 
B 1 21 VAL 21 18 18 VAL VAL B . n 
B 1 22 HIS 22 19 19 HIS HIS B . n 
B 1 23 ALA 23 20 20 ALA ALA B . n 
B 1 24 PHE 24 21 21 PHE PHE B . n 
B 1 25 MET 25 22 22 MET MET B . n 
B 1 26 THR 26 23 23 THR THR B . n 
B 1 27 THR 27 24 24 THR THR B . n 
B 1 28 ALA 28 25 25 ALA ALA B . n 
B 1 29 SER 29 26 26 SER SER B . n 
B 1 30 LEU 30 27 27 LEU LEU B . n 
B 1 31 LEU 31 28 28 LEU LEU B . n 
B 1 32 ALA 32 29 29 ALA ALA B . n 
B 1 33 LYS 33 30 30 LYS LYS B . n 
B 1 34 GLU 34 31 31 GLU GLU B . n 
B 1 35 GLY 35 32 32 GLY GLY B . n 
B 1 36 LYS 36 33 33 LYS LYS B . n 
B 1 37 LEU 37 34 34 LEU LEU B . n 
B 1 38 VAL 38 35 35 VAL VAL B . n 
B 1 39 GLU 39 36 36 GLU GLU B . n 
B 1 40 LYS 40 37 37 LYS LYS B . n 
B 1 41 LEU 41 38 38 LEU LEU B . n 
B 1 42 ILE 42 39 39 ILE ILE B . n 
B 1 43 LEU 43 40 40 LEU LEU B . n 
B 1 44 THR 44 41 41 THR THR B . n 
B 1 45 SER 45 42 42 SER SER B . n 
B 1 46 ASN 46 43 43 ASN ASN B . n 
B 1 47 PHE 47 44 44 PHE PHE B . n 
B 1 48 THR 48 45 45 THR THR B . n 
B 1 49 GLU 49 46 46 GLU GLU B . n 
B 1 50 ARG 50 47 47 ARG ARG B . n 
B 1 51 THR 51 48 48 THR THR B . n 
B 1 52 VAL 52 49 49 VAL VAL B . n 
B 1 53 ARG 53 50 50 ARG ARG B . n 
B 1 54 ARG 54 51 51 ARG ARG B . n 
B 1 55 ALA 55 52 52 ALA ALA B . n 
B 1 56 PHE 56 53 53 PHE PHE B . n 
B 1 57 ASP 57 54 54 ASP ASP B . n 
B 1 58 LEU 58 55 55 LEU LEU B . n 
B 1 59 VAL 59 56 56 VAL VAL B . n 
B 1 60 ARG 60 57 57 ARG ARG B . n 
B 1 61 GLU 61 58 58 GLU GLU B . n 
B 1 62 LEU 62 59 59 LEU LEU B . n 
B 1 63 LEU 63 60 60 LEU LEU B . n 
B 1 64 PRO 64 61 61 PRO PRO B . n 
B 1 65 ALA 65 62 62 ALA ALA B . n 
B 1 66 LYS 66 63 63 LYS LYS B . n 
B 1 67 ALA 67 64 64 ALA ALA B . n 
B 1 68 GLU 68 65 65 GLU GLU B . n 
B 1 69 ILE 69 66 66 ILE ILE B . n 
B 1 70 ILE 70 67 67 ILE ILE B . n 
B 1 71 ASP 71 68 68 ASP ASP B . n 
B 1 72 ALA 72 69 69 ALA ALA B . n 
B 1 73 LEU 73 70 70 LEU LEU B . n 
B 1 74 ARG 74 71 71 ARG ARG B . n 
B 1 75 GLU 75 72 72 GLU GLU B . n 
B 1 76 GLU 76 73 73 GLU GLU B . n 
B 1 77 ALA 77 74 74 ALA ALA B . n 
B 1 78 GLU 78 75 75 GLU GLU B . n 
B 1 79 LYS 79 76 76 LYS LYS B . n 
B 1 80 TYR 80 77 77 TYR TYR B . n 
B 1 81 PHE 81 78 78 PHE PHE B . n 
B 1 82 ALA 82 79 79 ALA ALA B . n 
B 1 83 GLU 83 80 80 GLU GLU B . n 
# 
loop_
_pdbx_nonpoly_scheme.asym_id 
_pdbx_nonpoly_scheme.entity_id 
_pdbx_nonpoly_scheme.mon_id 
_pdbx_nonpoly_scheme.ndb_seq_num 
_pdbx_nonpoly_scheme.pdb_seq_num 
_pdbx_nonpoly_scheme.auth_seq_num 
_pdbx_nonpoly_scheme.pdb_mon_id 
_pdbx_nonpoly_scheme.auth_mon_id 
_pdbx_nonpoly_scheme.pdb_strand_id 
_pdbx_nonpoly_scheme.pdb_ins_code 
C 2 HOH 1  101 17 HOH HOH A . 
C 2 HOH 2  102 7  HOH HOH A . 
C 2 HOH 3  103 19 HOH HOH A . 
C 2 HOH 4  104 13 HOH HOH A . 
C 2 HOH 5  105 2  HOH HOH A . 
C 2 HOH 6  106 18 HOH HOH A . 
C 2 HOH 7  107 11 HOH HOH A . 
C 2 HOH 8  108 10 HOH HOH A . 
C 2 HOH 9  109 20 HOH HOH A . 
C 2 HOH 10 110 5  HOH HOH A . 
C 2 HOH 11 111 22 HOH HOH A . 
D 2 HOH 1  101 8  HOH HOH B . 
D 2 HOH 2  102 14 HOH HOH B . 
D 2 HOH 3  103 1  HOH HOH B . 
D 2 HOH 4  104 3  HOH HOH B . 
D 2 HOH 5  105 12 HOH HOH B . 
D 2 HOH 6  106 21 HOH HOH B . 
D 2 HOH 7  107 9  HOH HOH B . 
D 2 HOH 8  108 6  HOH HOH B . 
D 2 HOH 9  109 16 HOH HOH B . 
D 2 HOH 10 110 4  HOH HOH B . 
D 2 HOH 11 111 15 HOH HOH B . 
# 
loop_
_software.citation_id 
_software.classification 
_software.compiler_name 
_software.compiler_version 
_software.contact_author 
_software.contact_author_email 
_software.date 
_software.description 
_software.dependencies 
_software.hardware 
_software.language 
_software.location 
_software.mods 
_software.name 
_software.os 
_software.os_version 
_software.type 
_software.version 
_software.pdbx_ordinal 
? refinement       ? ? ? ? ? ? ? ? ? ? ? PHENIX ? ? ? 1.21.1_5286 1 
? 'data reduction' ? ? ? ? ? ? ? ? ? ? ? XDS    ? ? ? .           2 
? 'data scaling'   ? ? ? ? ? ? ? ? ? ? ? XSCALE ? ? ? .           3 
? phasing          ? ? ? ? ? ? ? ? ? ? ? PHASER ? ? ? .           4 
# 
_cell.angle_alpha                  90.000 
_cell.angle_alpha_esd              ? 
_cell.angle_beta                   90.000 
_cell.angle_beta_esd               ? 
_cell.angle_gamma                  90.000 
_cell.angle_gamma_esd              ? 
_cell.entry_id                     9DE9 
_cell.details                      ? 
_cell.formula_units_Z              ? 
_cell.length_a                     45.707 
_cell.length_a_esd                 ? 
_cell.length_b                     49.547 
_cell.length_b_esd                 ? 
_cell.length_c                     76.019 
_cell.length_c_esd                 ? 
_cell.volume                       172156.028 
_cell.volume_esd                   ? 
_cell.Z_PDB                        8 
_cell.reciprocal_angle_alpha       ? 
_cell.reciprocal_angle_beta        ? 
_cell.reciprocal_angle_gamma       ? 
_cell.reciprocal_angle_alpha_esd   ? 
_cell.reciprocal_angle_beta_esd    ? 
_cell.reciprocal_angle_gamma_esd   ? 
_cell.reciprocal_length_a          ? 
_cell.reciprocal_length_b          ? 
_cell.reciprocal_length_c          ? 
_cell.reciprocal_length_a_esd      ? 
_cell.reciprocal_length_b_esd      ? 
_cell.reciprocal_length_c_esd      ? 
_cell.pdbx_unique_axis             ? 
_cell.pdbx_esd_method              ? 
# 
_symmetry.entry_id                         9DE9 
_symmetry.cell_setting                     ? 
_symmetry.Int_Tables_number                19 
_symmetry.space_group_name_Hall            'P 2ac 2ab' 
_symmetry.space_group_name_H-M             'P 21 21 21' 
_symmetry.pdbx_full_space_group_name_H-M   ? 
# 
_exptl.absorpt_coefficient_mu     ? 
_exptl.absorpt_correction_T_max   ? 
_exptl.absorpt_correction_T_min   ? 
_exptl.absorpt_correction_type    ? 
_exptl.absorpt_process_details    ? 
_exptl.entry_id                   9DE9 
_exptl.crystals_number            1 
_exptl.details                    ? 
_exptl.method                     'X-RAY DIFFRACTION' 
_exptl.method_details             ? 
# 
_exptl_crystal.colour                       ? 
_exptl_crystal.density_diffrn               ? 
_exptl_crystal.density_Matthews             2.30 
_exptl_crystal.density_method               ? 
_exptl_crystal.density_percent_sol          46.60 
_exptl_crystal.description                  ? 
_exptl_crystal.F_000                        ? 
_exptl_crystal.id                           1 
_exptl_crystal.preparation                  ? 
_exptl_crystal.size_max                     ? 
_exptl_crystal.size_mid                     ? 
_exptl_crystal.size_min                     ? 
_exptl_crystal.size_rad                     ? 
_exptl_crystal.colour_lustre                ? 
_exptl_crystal.colour_modifier              ? 
_exptl_crystal.colour_primary               ? 
_exptl_crystal.density_meas                 ? 
_exptl_crystal.density_meas_esd             ? 
_exptl_crystal.density_meas_gt              ? 
_exptl_crystal.density_meas_lt              ? 
_exptl_crystal.density_meas_temp            ? 
_exptl_crystal.density_meas_temp_esd        ? 
_exptl_crystal.density_meas_temp_gt         ? 
_exptl_crystal.density_meas_temp_lt         ? 
_exptl_crystal.pdbx_crystal_image_url       ? 
_exptl_crystal.pdbx_crystal_image_format    ? 
_exptl_crystal.pdbx_mosaicity               ? 
_exptl_crystal.pdbx_mosaicity_esd           ? 
_exptl_crystal.pdbx_mosaic_method           ? 
_exptl_crystal.pdbx_mosaic_block_size       ? 
_exptl_crystal.pdbx_mosaic_block_size_esd   ? 
# 
_exptl_crystal_grow.apparatus       ? 
_exptl_crystal_grow.atmosphere      ? 
_exptl_crystal_grow.crystal_id      1 
_exptl_crystal_grow.details         ? 
_exptl_crystal_grow.method          'VAPOR DIFFUSION, SITTING DROP' 
_exptl_crystal_grow.method_ref      ? 
_exptl_crystal_grow.pH              7.5 
_exptl_crystal_grow.pressure        ? 
_exptl_crystal_grow.pressure_esd    ? 
_exptl_crystal_grow.seeding         ? 
_exptl_crystal_grow.seeding_ref     ? 
_exptl_crystal_grow.temp_details    ? 
_exptl_crystal_grow.temp_esd        ? 
_exptl_crystal_grow.time            ? 
_exptl_crystal_grow.pdbx_details    '0.1 M Sodium chloride, 1.6 M ammonium sulfate and 0.1 M Sodium HEPES pH 7.5' 
_exptl_crystal_grow.pdbx_pH_range   ? 
_exptl_crystal_grow.temp            293 
# 
_diffrn.ambient_environment              ? 
_diffrn.ambient_temp                     100 
_diffrn.ambient_temp_details             ? 
_diffrn.ambient_temp_esd                 ? 
_diffrn.crystal_id                       1 
_diffrn.crystal_support                  ? 
_diffrn.crystal_treatment                ? 
_diffrn.details                          ? 
_diffrn.id                               1 
_diffrn.ambient_pressure                 ? 
_diffrn.ambient_pressure_esd             ? 
_diffrn.ambient_pressure_gt              ? 
_diffrn.ambient_pressure_lt              ? 
_diffrn.ambient_temp_gt                  ? 
_diffrn.ambient_temp_lt                  ? 
_diffrn.pdbx_serial_crystal_experiment   N 
# 
_diffrn_detector.details                      ? 
_diffrn_detector.detector                     PIXEL 
_diffrn_detector.diffrn_id                    1 
_diffrn_detector.type                         'DECTRIS PILATUS3 2M' 
_diffrn_detector.area_resol_mean              ? 
_diffrn_detector.dtime                        ? 
_diffrn_detector.pdbx_frames_total            ? 
_diffrn_detector.pdbx_collection_time_total   ? 
_diffrn_detector.pdbx_collection_date         2024-05-01 
_diffrn_detector.pdbx_frequency               ? 
_diffrn_detector.id                           ? 
_diffrn_detector.number_of_axes               ? 
# 
_diffrn_radiation.collimation                      ? 
_diffrn_radiation.diffrn_id                        1 
_diffrn_radiation.filter_edge                      ? 
_diffrn_radiation.inhomogeneity                    ? 
_diffrn_radiation.monochromator                    ? 
_diffrn_radiation.polarisn_norm                    ? 
_diffrn_radiation.polarisn_ratio                   ? 
_diffrn_radiation.probe                            ? 
_diffrn_radiation.type                             ? 
_diffrn_radiation.xray_symbol                      ? 
_diffrn_radiation.wavelength_id                    1 
_diffrn_radiation.pdbx_monochromatic_or_laue_m_l   M 
_diffrn_radiation.pdbx_wavelength_list             ? 
_diffrn_radiation.pdbx_wavelength                  ? 
_diffrn_radiation.pdbx_diffrn_protocol             'SINGLE WAVELENGTH' 
_diffrn_radiation.pdbx_analyzer                    ? 
_diffrn_radiation.pdbx_scattering_type             x-ray 
# 
_diffrn_radiation_wavelength.id           1 
_diffrn_radiation_wavelength.wavelength   1.00003 
_diffrn_radiation_wavelength.wt           1.0 
# 
_diffrn_source.current                     ? 
_diffrn_source.details                     ? 
_diffrn_source.diffrn_id                   1 
_diffrn_source.power                       ? 
_diffrn_source.size                        ? 
_diffrn_source.source                      SYNCHROTRON 
_diffrn_source.target                      ? 
_diffrn_source.type                        'ALS BEAMLINE 8.2.2' 
_diffrn_source.voltage                     ? 
_diffrn_source.take-off_angle              ? 
_diffrn_source.pdbx_wavelength_list        1.00003 
_diffrn_source.pdbx_wavelength             ? 
_diffrn_source.pdbx_synchrotron_beamline   8.2.2 
_diffrn_source.pdbx_synchrotron_site       ALS 
# 
_reflns.B_iso_Wilson_estimate                          46.36 
_reflns.entry_id                                       9DE9 
_reflns.data_reduction_details                         ? 
_reflns.data_reduction_method                          ? 
_reflns.d_resolution_high                              2.52 
_reflns.d_resolution_low                               45.71 
_reflns.details                                        ? 
_reflns.limit_h_max                                    ? 
_reflns.limit_h_min                                    ? 
_reflns.limit_k_max                                    ? 
_reflns.limit_k_min                                    ? 
_reflns.limit_l_max                                    ? 
_reflns.limit_l_min                                    ? 
_reflns.number_all                                     ? 
_reflns.number_obs                                     6161 
_reflns.observed_criterion                             ? 
_reflns.observed_criterion_F_max                       ? 
_reflns.observed_criterion_F_min                       ? 
_reflns.observed_criterion_I_max                       ? 
_reflns.observed_criterion_I_min                       ? 
_reflns.observed_criterion_sigma_F                     ? 
_reflns.observed_criterion_sigma_I                     ? 
_reflns.percent_possible_obs                           99.3 
_reflns.R_free_details                                 ? 
_reflns.Rmerge_F_all                                   ? 
_reflns.Rmerge_F_obs                                   ? 
_reflns.Friedel_coverage                               ? 
_reflns.number_gt                                      ? 
_reflns.threshold_expression                           ? 
_reflns.pdbx_redundancy                                12.8 
_reflns.pdbx_netI_over_av_sigmaI                       ? 
_reflns.pdbx_netI_over_sigmaI                          14.8 
_reflns.pdbx_res_netI_over_av_sigmaI_2                 ? 
_reflns.pdbx_res_netI_over_sigmaI_2                    ? 
_reflns.pdbx_chi_squared                               ? 
_reflns.pdbx_scaling_rejects                           ? 
_reflns.pdbx_d_res_high_opt                            ? 
_reflns.pdbx_d_res_low_opt                             ? 
_reflns.pdbx_d_res_opt_method                          ? 
_reflns.phase_calculation_details                      ? 
_reflns.pdbx_Rrim_I_all                                ? 
_reflns.pdbx_Rpim_I_all                                0.037 
_reflns.pdbx_d_opt                                     ? 
_reflns.pdbx_number_measured_all                       ? 
_reflns.pdbx_diffrn_id                                 1 
_reflns.pdbx_ordinal                                   1 
_reflns.pdbx_CC_half                                   0.999 
_reflns.pdbx_CC_star                                   ? 
_reflns.pdbx_R_split                                   ? 
_reflns.pdbx_Rmerge_I_obs                              0.123 
_reflns.pdbx_Rmerge_I_all                              ? 
_reflns.pdbx_Rsym_value                                ? 
_reflns.pdbx_CC_split_method                           ? 
_reflns.pdbx_aniso_diffraction_limit_axis_1_ortho[1]   ? 
_reflns.pdbx_aniso_diffraction_limit_axis_1_ortho[2]   ? 
_reflns.pdbx_aniso_diffraction_limit_axis_1_ortho[3]   ? 
_reflns.pdbx_aniso_diffraction_limit_axis_2_ortho[1]   ? 
_reflns.pdbx_aniso_diffraction_limit_axis_2_ortho[2]   ? 
_reflns.pdbx_aniso_diffraction_limit_axis_2_ortho[3]   ? 
_reflns.pdbx_aniso_diffraction_limit_axis_3_ortho[1]   ? 
_reflns.pdbx_aniso_diffraction_limit_axis_3_ortho[2]   ? 
_reflns.pdbx_aniso_diffraction_limit_axis_3_ortho[3]   ? 
_reflns.pdbx_aniso_diffraction_limit_1                 ? 
_reflns.pdbx_aniso_diffraction_limit_2                 ? 
_reflns.pdbx_aniso_diffraction_limit_3                 ? 
_reflns.pdbx_aniso_B_tensor_eigenvector_1_ortho[1]     ? 
_reflns.pdbx_aniso_B_tensor_eigenvector_1_ortho[2]     ? 
_reflns.pdbx_aniso_B_tensor_eigenvector_1_ortho[3]     ? 
_reflns.pdbx_aniso_B_tensor_eigenvector_2_ortho[1]     ? 
_reflns.pdbx_aniso_B_tensor_eigenvector_2_ortho[2]     ? 
_reflns.pdbx_aniso_B_tensor_eigenvector_2_ortho[3]     ? 
_reflns.pdbx_aniso_B_tensor_eigenvector_3_ortho[1]     ? 
_reflns.pdbx_aniso_B_tensor_eigenvector_3_ortho[2]     ? 
_reflns.pdbx_aniso_B_tensor_eigenvector_3_ortho[3]     ? 
_reflns.pdbx_aniso_B_tensor_eigenvalue_1               ? 
_reflns.pdbx_aniso_B_tensor_eigenvalue_2               ? 
_reflns.pdbx_aniso_B_tensor_eigenvalue_3               ? 
_reflns.pdbx_orthogonalization_convention              ? 
_reflns.pdbx_percent_possible_ellipsoidal              ? 
_reflns.pdbx_percent_possible_spherical                ? 
_reflns.pdbx_percent_possible_ellipsoidal_anomalous    ? 
_reflns.pdbx_percent_possible_spherical_anomalous      ? 
_reflns.pdbx_redundancy_anomalous                      ? 
_reflns.pdbx_CC_half_anomalous                         ? 
_reflns.pdbx_absDiff_over_sigma_anomalous              ? 
_reflns.pdbx_percent_possible_anomalous                ? 
_reflns.pdbx_observed_signal_threshold                 ? 
_reflns.pdbx_signal_type                               ? 
_reflns.pdbx_signal_details                            ? 
_reflns.pdbx_signal_software_id                        ? 
# 
_reflns_shell.d_res_high                                    2.52 
_reflns_shell.d_res_low                                     2.62 
_reflns_shell.meanI_over_sigI_all                           ? 
_reflns_shell.meanI_over_sigI_obs                           2.4 
_reflns_shell.number_measured_all                           ? 
_reflns_shell.number_measured_obs                           ? 
_reflns_shell.number_possible                               ? 
_reflns_shell.number_unique_all                             ? 
_reflns_shell.number_unique_obs                             654 
_reflns_shell.percent_possible_obs                          ? 
_reflns_shell.Rmerge_F_all                                  ? 
_reflns_shell.Rmerge_F_obs                                  ? 
_reflns_shell.meanI_over_sigI_gt                            ? 
_reflns_shell.meanI_over_uI_all                             ? 
_reflns_shell.meanI_over_uI_gt                              ? 
_reflns_shell.number_measured_gt                            ? 
_reflns_shell.number_unique_gt                              ? 
_reflns_shell.percent_possible_gt                           ? 
_reflns_shell.Rmerge_F_gt                                   ? 
_reflns_shell.Rmerge_I_gt                                   ? 
_reflns_shell.pdbx_redundancy                               13 
_reflns_shell.pdbx_chi_squared                              ? 
_reflns_shell.pdbx_netI_over_sigmaI_all                     ? 
_reflns_shell.pdbx_netI_over_sigmaI_obs                     ? 
_reflns_shell.pdbx_Rrim_I_all                               ? 
_reflns_shell.pdbx_Rpim_I_all                               0.315 
_reflns_shell.pdbx_rejects                                  ? 
_reflns_shell.pdbx_ordinal                                  1 
_reflns_shell.pdbx_diffrn_id                                1 
_reflns_shell.pdbx_CC_half                                  0.866 
_reflns_shell.pdbx_CC_star                                  ? 
_reflns_shell.pdbx_R_split                                  ? 
_reflns_shell.percent_possible_all                          97.8 
_reflns_shell.Rmerge_I_all                                  ? 
_reflns_shell.Rmerge_I_obs                                  1.065 
_reflns_shell.pdbx_Rsym_value                               ? 
_reflns_shell.pdbx_percent_possible_ellipsoidal             ? 
_reflns_shell.pdbx_percent_possible_spherical               ? 
_reflns_shell.pdbx_percent_possible_ellipsoidal_anomalous   ? 
_reflns_shell.pdbx_percent_possible_spherical_anomalous     ? 
_reflns_shell.pdbx_redundancy_anomalous                     ? 
_reflns_shell.pdbx_CC_half_anomalous                        ? 
_reflns_shell.pdbx_absDiff_over_sigma_anomalous             ? 
_reflns_shell.pdbx_percent_possible_anomalous               ? 
# 
_refine.aniso_B[1][1]                            ? 
_refine.aniso_B[1][2]                            ? 
_refine.aniso_B[1][3]                            ? 
_refine.aniso_B[2][2]                            ? 
_refine.aniso_B[2][3]                            ? 
_refine.aniso_B[3][3]                            ? 
_refine.B_iso_max                                ? 
_refine.B_iso_mean                               51.26 
_refine.B_iso_min                                ? 
_refine.correlation_coeff_Fo_to_Fc               ? 
_refine.correlation_coeff_Fo_to_Fc_free          ? 
_refine.details                                  ? 
_refine.diff_density_max                         ? 
_refine.diff_density_max_esd                     ? 
_refine.diff_density_min                         ? 
_refine.diff_density_min_esd                     ? 
_refine.diff_density_rms                         ? 
_refine.diff_density_rms_esd                     ? 
_refine.entry_id                                 9DE9 
_refine.pdbx_refine_id                           'X-RAY DIFFRACTION' 
_refine.ls_abs_structure_details                 ? 
_refine.ls_abs_structure_Flack                   ? 
_refine.ls_abs_structure_Flack_esd               ? 
_refine.ls_abs_structure_Rogers                  ? 
_refine.ls_abs_structure_Rogers_esd              ? 
_refine.ls_d_res_high                            2.52 
_refine.ls_d_res_low                             41.51 
_refine.ls_extinction_coef                       ? 
_refine.ls_extinction_coef_esd                   ? 
_refine.ls_extinction_expression                 ? 
_refine.ls_extinction_method                     ? 
_refine.ls_goodness_of_fit_all                   ? 
_refine.ls_goodness_of_fit_all_esd               ? 
_refine.ls_goodness_of_fit_obs                   ? 
_refine.ls_goodness_of_fit_obs_esd               ? 
_refine.ls_hydrogen_treatment                    ? 
_refine.ls_matrix_type                           ? 
_refine.ls_number_constraints                    ? 
_refine.ls_number_parameters                     ? 
_refine.ls_number_reflns_all                     ? 
_refine.ls_number_reflns_obs                     5752 
_refine.ls_number_reflns_R_free                  581 
_refine.ls_number_reflns_R_work                  5171 
_refine.ls_number_restraints                     ? 
_refine.ls_percent_reflns_obs                    92.73 
_refine.ls_percent_reflns_R_free                 10.10 
_refine.ls_R_factor_all                          ? 
_refine.ls_R_factor_obs                          0.2693 
_refine.ls_R_factor_R_free                       0.3051 
_refine.ls_R_factor_R_free_error                 ? 
_refine.ls_R_factor_R_free_error_details         ? 
_refine.ls_R_factor_R_work                       0.2650 
_refine.ls_R_Fsqd_factor_obs                     ? 
_refine.ls_R_I_factor_obs                        ? 
_refine.ls_redundancy_reflns_all                 ? 
_refine.ls_redundancy_reflns_obs                 ? 
_refine.ls_restrained_S_all                      ? 
_refine.ls_restrained_S_obs                      ? 
_refine.ls_shift_over_esd_max                    ? 
_refine.ls_shift_over_esd_mean                   ? 
_refine.ls_structure_factor_coef                 ? 
_refine.ls_weighting_details                     ? 
_refine.ls_weighting_scheme                      ? 
_refine.ls_wR_factor_all                         ? 
_refine.ls_wR_factor_obs                         ? 
_refine.ls_wR_factor_R_free                      ? 
_refine.ls_wR_factor_R_work                      ? 
_refine.occupancy_max                            ? 
_refine.occupancy_min                            ? 
_refine.solvent_model_details                    'FLAT BULK SOLVENT MODEL' 
_refine.solvent_model_param_bsol                 ? 
_refine.solvent_model_param_ksol                 ? 
_refine.pdbx_R_complete                          ? 
_refine.ls_R_factor_gt                           ? 
_refine.ls_goodness_of_fit_gt                    ? 
_refine.ls_goodness_of_fit_ref                   ? 
_refine.ls_shift_over_su_max                     ? 
_refine.ls_shift_over_su_max_lt                  ? 
_refine.ls_shift_over_su_mean                    ? 
_refine.ls_shift_over_su_mean_lt                 ? 
_refine.pdbx_ls_sigma_I                          ? 
_refine.pdbx_ls_sigma_F                          0.02 
_refine.pdbx_ls_sigma_Fsqd                       ? 
_refine.pdbx_data_cutoff_high_absF               ? 
_refine.pdbx_data_cutoff_high_rms_absF           ? 
_refine.pdbx_data_cutoff_low_absF                ? 
_refine.pdbx_isotropic_thermal_model             ? 
_refine.pdbx_ls_cross_valid_method               'FREE R-VALUE' 
_refine.pdbx_method_to_determine_struct          'MOLECULAR REPLACEMENT' 
_refine.pdbx_starting_model                      ? 
_refine.pdbx_stereochemistry_target_values       'GeoStd + Monomer Library + CDL v1.2' 
_refine.pdbx_R_Free_selection_details            ? 
_refine.pdbx_stereochem_target_val_spec_case     ? 
_refine.pdbx_overall_ESU_R                       ? 
_refine.pdbx_overall_ESU_R_Free                  ? 
_refine.pdbx_solvent_vdw_probe_radii             1.1000 
_refine.pdbx_solvent_ion_probe_radii             ? 
_refine.pdbx_solvent_shrinkage_radii             0.9000 
_refine.pdbx_real_space_R                        ? 
_refine.pdbx_density_correlation                 ? 
_refine.pdbx_pd_number_of_powder_patterns        ? 
_refine.pdbx_pd_number_of_points                 ? 
_refine.pdbx_pd_meas_number_of_points            ? 
_refine.pdbx_pd_proc_ls_prof_R_factor            ? 
_refine.pdbx_pd_proc_ls_prof_wR_factor           ? 
_refine.pdbx_pd_Marquardt_correlation_coeff      ? 
_refine.pdbx_pd_Fsqrd_R_factor                   ? 
_refine.pdbx_pd_ls_matrix_band_width             ? 
_refine.pdbx_overall_phase_error                 34.4157 
_refine.pdbx_overall_SU_R_free_Cruickshank_DPI   ? 
_refine.pdbx_overall_SU_R_free_Blow_DPI          ? 
_refine.pdbx_overall_SU_R_Blow_DPI               ? 
_refine.pdbx_TLS_residual_ADP_flag               ? 
_refine.pdbx_diffrn_id                           1 
_refine.overall_SU_B                             ? 
_refine.overall_SU_ML                            0.4119 
_refine.overall_SU_R_Cruickshank_DPI             ? 
_refine.overall_SU_R_free                        ? 
_refine.overall_FOM_free_R_set                   ? 
_refine.overall_FOM_work_R_set                   ? 
_refine.pdbx_average_fsc_overall                 ? 
_refine.pdbx_average_fsc_work                    ? 
_refine.pdbx_average_fsc_free                    ? 
# 
_refine_hist.pdbx_refine_id                   'X-RAY DIFFRACTION' 
_refine_hist.cycle_id                         LAST 
_refine_hist.details                          ? 
_refine_hist.d_res_high                       2.52 
_refine_hist.d_res_low                        41.51 
_refine_hist.number_atoms_solvent             22 
_refine_hist.number_atoms_total               1283 
_refine_hist.number_reflns_all                ? 
_refine_hist.number_reflns_obs                ? 
_refine_hist.number_reflns_R_free             ? 
_refine_hist.number_reflns_R_work             ? 
_refine_hist.R_factor_all                     ? 
_refine_hist.R_factor_obs                     ? 
_refine_hist.R_factor_R_free                  ? 
_refine_hist.R_factor_R_work                  ? 
_refine_hist.pdbx_number_residues_total       ? 
_refine_hist.pdbx_B_iso_mean_ligand           ? 
_refine_hist.pdbx_B_iso_mean_solvent          ? 
_refine_hist.pdbx_number_atoms_protein        1261 
_refine_hist.pdbx_number_atoms_nucleic_acid   0 
_refine_hist.pdbx_number_atoms_ligand         0 
_refine_hist.pdbx_number_atoms_lipid          ? 
_refine_hist.pdbx_number_atoms_carb           ? 
_refine_hist.pdbx_pseudo_atom_details         ? 
# 
loop_
_refine_ls_restr.pdbx_refine_id 
_refine_ls_restr.criterion 
_refine_ls_restr.dev_ideal 
_refine_ls_restr.dev_ideal_target 
_refine_ls_restr.number 
_refine_ls_restr.rejects 
_refine_ls_restr.type 
_refine_ls_restr.weight 
_refine_ls_restr.pdbx_restraint_function 
'X-RAY DIFFRACTION' ? 0.0030  ? 1275 ? f_bond_d           ? ? 
'X-RAY DIFFRACTION' ? 0.5488  ? 1721 ? f_angle_d          ? ? 
'X-RAY DIFFRACTION' ? 0.0365  ? 212  ? f_chiral_restr     ? ? 
'X-RAY DIFFRACTION' ? 0.0057  ? 216  ? f_plane_restr      ? ? 
'X-RAY DIFFRACTION' ? 21.5946 ? 477  ? f_dihedral_angle_d ? ? 
# 
loop_
_refine_ls_shell.pdbx_refine_id 
_refine_ls_shell.d_res_high 
_refine_ls_shell.d_res_low 
_refine_ls_shell.number_reflns_all 
_refine_ls_shell.number_reflns_obs 
_refine_ls_shell.number_reflns_R_free 
_refine_ls_shell.number_reflns_R_work 
_refine_ls_shell.percent_reflns_obs 
_refine_ls_shell.percent_reflns_R_free 
_refine_ls_shell.R_factor_all 
_refine_ls_shell.R_factor_obs 
_refine_ls_shell.R_factor_R_free_error 
_refine_ls_shell.R_factor_R_work 
_refine_ls_shell.redundancy_reflns_all 
_refine_ls_shell.redundancy_reflns_obs 
_refine_ls_shell.wR_factor_all 
_refine_ls_shell.wR_factor_obs 
_refine_ls_shell.wR_factor_R_free 
_refine_ls_shell.wR_factor_R_work 
_refine_ls_shell.pdbx_R_complete 
_refine_ls_shell.pdbx_total_number_of_bins_used 
_refine_ls_shell.pdbx_phase_error 
_refine_ls_shell.pdbx_fsc_work 
_refine_ls_shell.pdbx_fsc_free 
_refine_ls_shell.R_factor_R_free 
'X-RAY DIFFRACTION' 2.52 2.77  . . 125 1148 84.42 . . . . 0.3202 . . . . . . . . . . . 0.3978 
'X-RAY DIFFRACTION' 2.77 3.17  . . 142 1253 91.60 . . . . 0.3099 . . . . . . . . . . . 0.3967 
'X-RAY DIFFRACTION' 3.18 4.00  . . 150 1327 95.91 . . . . 0.2553 . . . . . . . . . . . 0.3442 
'X-RAY DIFFRACTION' 4.00 41.51 . . 164 1443 98.47 . . . . 0.2469 . . . . . . . . . . . 0.2398 
# 
_struct.entry_id                     9DE9 
_struct.title                        'Crystal Structure of HE-B11' 
_struct.pdbx_model_details           ? 
_struct.pdbx_formula_weight          ? 
_struct.pdbx_formula_weight_method   ? 
_struct.pdbx_model_type_details      ? 
_struct.pdbx_CASP_flag               N 
# 
_struct_keywords.entry_id        9DE9 
_struct_keywords.text            'de novo protein, design model, barcoding, Mass spec.' 
_struct_keywords.pdbx_keywords   'DE NOVO PROTEIN' 
# 
loop_
_struct_asym.id 
_struct_asym.pdbx_blank_PDB_chainid_flag 
_struct_asym.pdbx_modified 
_struct_asym.entity_id 
_struct_asym.details 
A N N 1 ? 
B N N 1 ? 
C N N 2 ? 
D N N 2 ? 
# 
_struct_ref.id                         1 
_struct_ref.db_name                    PDB 
_struct_ref.db_code                    9DE9 
_struct_ref.pdbx_db_accession          9DE9 
_struct_ref.pdbx_db_isoform            ? 
_struct_ref.entity_id                  1 
_struct_ref.pdbx_seq_one_letter_code   ? 
_struct_ref.pdbx_align_begin           1 
# 
loop_
_struct_ref_seq.align_id 
_struct_ref_seq.ref_id 
_struct_ref_seq.pdbx_PDB_id_code 
_struct_ref_seq.pdbx_strand_id 
_struct_ref_seq.seq_align_beg 
_struct_ref_seq.pdbx_seq_align_beg_ins_code 
_struct_ref_seq.seq_align_end 
_struct_ref_seq.pdbx_seq_align_end_ins_code 
_struct_ref_seq.pdbx_db_accession 
_struct_ref_seq.db_align_beg 
_struct_ref_seq.pdbx_db_align_beg_ins_code 
_struct_ref_seq.db_align_end 
_struct_ref_seq.pdbx_db_align_end_ins_code 
_struct_ref_seq.pdbx_auth_seq_align_beg 
_struct_ref_seq.pdbx_auth_seq_align_end 
1 1 9DE9 A 1 ? 83 ? 9DE9 -2 ? 80 ? -2 80 
2 1 9DE9 B 1 ? 83 ? 9DE9 -2 ? 80 ? -2 80 
# 
loop_
_pdbx_struct_assembly.id 
_pdbx_struct_assembly.details 
_pdbx_struct_assembly.method_details 
_pdbx_struct_assembly.oligomeric_details 
_pdbx_struct_assembly.oligomeric_count 
1 author_defined_assembly ? monomeric 1 
2 author_defined_assembly ? monomeric 1 
# 
loop_
_pdbx_struct_assembly_gen.assembly_id 
_pdbx_struct_assembly_gen.oper_expression 
_pdbx_struct_assembly_gen.asym_id_list 
1 1 A,C 
2 1 B,D 
# 
_pdbx_struct_assembly_auth_evidence.id                     1 
_pdbx_struct_assembly_auth_evidence.assembly_id            1 
_pdbx_struct_assembly_auth_evidence.experimental_support   none 
_pdbx_struct_assembly_auth_evidence.details                ? 
# 
_pdbx_struct_oper_list.id                   1 
_pdbx_struct_oper_list.type                 'identity operation' 
_pdbx_struct_oper_list.name                 1_555 
_pdbx_struct_oper_list.symmetry_operation   x,y,z 
_pdbx_struct_oper_list.matrix[1][1]         1.0000000000 
_pdbx_struct_oper_list.matrix[1][2]         0.0000000000 
_pdbx_struct_oper_list.matrix[1][3]         0.0000000000 
_pdbx_struct_oper_list.vector[1]            0.0000000000 
_pdbx_struct_oper_list.matrix[2][1]         0.0000000000 
_pdbx_struct_oper_list.matrix[2][2]         1.0000000000 
_pdbx_struct_oper_list.matrix[2][3]         0.0000000000 
_pdbx_struct_oper_list.vector[2]            0.0000000000 
_pdbx_struct_oper_list.matrix[3][1]         0.0000000000 
_pdbx_struct_oper_list.matrix[3][2]         0.0000000000 
_pdbx_struct_oper_list.matrix[3][3]         1.0000000000 
_pdbx_struct_oper_list.vector[3]            0.0000000000 
# 
loop_
_struct_conf.conf_type_id 
_struct_conf.id 
_struct_conf.pdbx_PDB_helix_id 
_struct_conf.beg_label_comp_id 
_struct_conf.beg_label_asym_id 
_struct_conf.beg_label_seq_id 
_struct_conf.pdbx_beg_PDB_ins_code 
_struct_conf.end_label_comp_id 
_struct_conf.end_label_asym_id 
_struct_conf.end_label_seq_id 
_struct_conf.pdbx_end_PDB_ins_code 
_struct_conf.beg_auth_comp_id 
_struct_conf.beg_auth_asym_id 
_struct_conf.beg_auth_seq_id 
_struct_conf.end_auth_comp_id 
_struct_conf.end_auth_asym_id 
_struct_conf.end_auth_seq_id 
_struct_conf.pdbx_PDB_helix_class 
_struct_conf.details 
_struct_conf.pdbx_PDB_helix_length 
HELX_P HELX_P1 AA1 ASP A 16 ? GLY A 35 ? ASP A 13 GLY A 32 1 ? 20 
HELX_P HELX_P2 AA2 THR A 48 ? LEU A 63 ? THR A 45 LEU A 60 1 ? 16 
HELX_P HELX_P3 AA3 LYS A 66 ? ALA A 82 ? LYS A 63 ALA A 79 1 ? 17 
HELX_P HELX_P4 AA4 ASP B 16 ? GLY B 35 ? ASP B 13 GLY B 32 1 ? 20 
HELX_P HELX_P5 AA5 THR B 48 ? LEU B 63 ? THR B 45 LEU B 60 1 ? 16 
HELX_P HELX_P6 AA6 LYS B 66 ? ALA B 82 ? LYS B 63 ALA B 79 1 ? 17 
# 
_struct_conf_type.id          HELX_P 
_struct_conf_type.criteria    ? 
_struct_conf_type.reference   ? 
# 
_struct_sheet.id               AA1 
_struct_sheet.type             ? 
_struct_sheet.number_strands   4 
_struct_sheet.details          ? 
# 
loop_
_struct_sheet_order.sheet_id 
_struct_sheet_order.range_id_1 
_struct_sheet_order.range_id_2 
_struct_sheet_order.offset 
_struct_sheet_order.sense 
AA1 1 2 ? parallel 
AA1 2 3 ? parallel 
AA1 3 4 ? parallel 
# 
loop_
_struct_sheet_range.sheet_id 
_struct_sheet_range.id 
_struct_sheet_range.beg_label_comp_id 
_struct_sheet_range.beg_label_asym_id 
_struct_sheet_range.beg_label_seq_id 
_struct_sheet_range.pdbx_beg_PDB_ins_code 
_struct_sheet_range.end_label_comp_id 
_struct_sheet_range.end_label_asym_id 
_struct_sheet_range.end_label_seq_id 
_struct_sheet_range.pdbx_end_PDB_ins_code 
_struct_sheet_range.beg_auth_comp_id 
_struct_sheet_range.beg_auth_asym_id 
_struct_sheet_range.beg_auth_seq_id 
_struct_sheet_range.end_auth_comp_id 
_struct_sheet_range.end_auth_asym_id 
_struct_sheet_range.end_auth_seq_id 
AA1 1 VAL A 38 ? THR A 44 ? VAL A 35 THR A 41 
AA1 2 VAL A 7  ? VAL A 13 ? VAL A 4  VAL A 10 
AA1 3 LYS B 6  ? TYR B 12 ? LYS B 3  TYR B 9  
AA1 4 LEU B 37 ? LEU B 43 ? LEU B 34 LEU B 40 
# 
loop_
_pdbx_struct_sheet_hbond.sheet_id 
_pdbx_struct_sheet_hbond.range_id_1 
_pdbx_struct_sheet_hbond.range_id_2 
_pdbx_struct_sheet_hbond.range_1_label_atom_id 
_pdbx_struct_sheet_hbond.range_1_label_comp_id 
_pdbx_struct_sheet_hbond.range_1_label_asym_id 
_pdbx_struct_sheet_hbond.range_1_label_seq_id 
_pdbx_struct_sheet_hbond.range_1_PDB_ins_code 
_pdbx_struct_sheet_hbond.range_1_auth_atom_id 
_pdbx_struct_sheet_hbond.range_1_auth_comp_id 
_pdbx_struct_sheet_hbond.range_1_auth_asym_id 
_pdbx_struct_sheet_hbond.range_1_auth_seq_id 
_pdbx_struct_sheet_hbond.range_2_label_atom_id 
_pdbx_struct_sheet_hbond.range_2_label_comp_id 
_pdbx_struct_sheet_hbond.range_2_label_asym_id 
_pdbx_struct_sheet_hbond.range_2_label_seq_id 
_pdbx_struct_sheet_hbond.range_2_PDB_ins_code 
_pdbx_struct_sheet_hbond.range_2_auth_atom_id 
_pdbx_struct_sheet_hbond.range_2_auth_comp_id 
_pdbx_struct_sheet_hbond.range_2_auth_asym_id 
_pdbx_struct_sheet_hbond.range_2_auth_seq_id 
AA1 1 2 O ILE A 42 ? O ILE A 39 N LEU A 11 ? N LEU A 8  
AA1 2 3 N TYR A 12 ? N TYR A 9  O TYR B 12 ? O TYR B 9  
AA1 3 4 N VAL B 9  ? N VAL B 6  O ILE B 42 ? O ILE B 39 
# 
_pdbx_entry_details.entry_id                   9DE9 
_pdbx_entry_details.compound_details           ? 
_pdbx_entry_details.source_details             ? 
_pdbx_entry_details.nonpolymer_details         ? 
_pdbx_entry_details.sequence_details           ? 
_pdbx_entry_details.has_ligand_of_interest     ? 
_pdbx_entry_details.has_protein_modification   N 
# 
loop_
_pdbx_validate_close_contact.id 
_pdbx_validate_close_contact.PDB_model_num 
_pdbx_validate_close_contact.auth_atom_id_1 
_pdbx_validate_close_contact.auth_asym_id_1 
_pdbx_validate_close_contact.auth_comp_id_1 
_pdbx_validate_close_contact.auth_seq_id_1 
_pdbx_validate_close_contact.PDB_ins_code_1 
_pdbx_validate_close_contact.label_alt_id_1 
_pdbx_validate_close_contact.auth_atom_id_2 
_pdbx_validate_close_contact.auth_asym_id_2 
_pdbx_validate_close_contact.auth_comp_id_2 
_pdbx_validate_close_contact.auth_seq_id_2 
_pdbx_validate_close_contact.PDB_ins_code_2 
_pdbx_validate_close_contact.label_alt_id_2 
_pdbx_validate_close_contact.dist 
1 1 O   A VAL 35 ? ? O A HOH 101 ? ? 2.11 
2 1 OE1 B GLU 65 ? ? O B HOH 101 ? ? 2.11 
# 
loop_
_pdbx_validate_torsion.id 
_pdbx_validate_torsion.PDB_model_num 
_pdbx_validate_torsion.auth_comp_id 
_pdbx_validate_torsion.auth_asym_id 
_pdbx_validate_torsion.auth_seq_id 
_pdbx_validate_torsion.PDB_ins_code 
_pdbx_validate_torsion.label_alt_id 
_pdbx_validate_torsion.phi 
_pdbx_validate_torsion.psi 
1 1 ASP A 13 ? ? -126.98 -156.04 
2 1 SER A 42 ? ? -171.20 -166.70 
3 1 GLU B 2  ? ? -108.79 60.85   
4 1 ASP B 13 ? ? -136.17 -155.17 
5 1 THR B 41 ? ? -110.41 77.60   
6 1 LEU B 60 ? ? -116.01 73.32   
# 
loop_
_space_group_symop.id 
_space_group_symop.operation_xyz 
1 x,y,z           
2 x+1/2,-y+1/2,-z 
3 -x,y+1/2,-z+1/2 
4 -x+1/2,-y,z+1/2 
# 
loop_
_pdbx_unobs_or_zero_occ_residues.id 
_pdbx_unobs_or_zero_occ_residues.PDB_model_num 
_pdbx_unobs_or_zero_occ_residues.polymer_flag 
_pdbx_unobs_or_zero_occ_residues.occupancy_flag 
_pdbx_unobs_or_zero_occ_residues.auth_asym_id 
_pdbx_unobs_or_zero_occ_residues.auth_comp_id 
_pdbx_unobs_or_zero_occ_residues.auth_seq_id 
_pdbx_unobs_or_zero_occ_residues.PDB_ins_code 
_pdbx_unobs_or_zero_occ_residues.label_asym_id 
_pdbx_unobs_or_zero_occ_residues.label_comp_id 
_pdbx_unobs_or_zero_occ_residues.label_seq_id 
1 1 Y 1 A MET -2 ? A MET 1 
2 1 Y 1 A SER -1 ? A SER 2 
3 1 Y 1 A GLY 0  ? A GLY 3 
4 1 Y 1 A MET 1  ? A MET 4 
5 1 Y 1 A GLU 2  ? A GLU 5 
6 1 Y 1 B MET -2 ? B MET 1 
7 1 Y 1 B SER -1 ? B SER 2 
# 
loop_
_chem_comp_atom.comp_id 
_chem_comp_atom.atom_id 
_chem_comp_atom.type_symbol 
_chem_comp_atom.pdbx_aromatic_flag 
_chem_comp_atom.pdbx_stereo_config 
_chem_comp_atom.pdbx_ordinal 
ALA N    N N N 1   
ALA CA   C N S 2   
ALA C    C N N 3   
ALA O    O N N 4   
ALA CB   C N N 5   
ALA OXT  O N N 6   
ALA H    H N N 7   
ALA H2   H N N 8   
ALA HA   H N N 9   
ALA HB1  H N N 10  
ALA HB2  H N N 11  
ALA HB3  H N N 12  
ALA HXT  H N N 13  
ARG N    N N N 14  
ARG CA   C N S 15  
ARG C    C N N 16  
ARG O    O N N 17  
ARG CB   C N N 18  
ARG CG   C N N 19  
ARG CD   C N N 20  
ARG NE   N N N 21  
ARG CZ   C N N 22  
ARG NH1  N N N 23  
ARG NH2  N N N 24  
ARG OXT  O N N 25  
ARG H    H N N 26  
ARG H2   H N N 27  
ARG HA   H N N 28  
ARG HB2  H N N 29  
ARG HB3  H N N 30  
ARG HG2  H N N 31  
ARG HG3  H N N 32  
ARG HD2  H N N 33  
ARG HD3  H N N 34  
ARG HE   H N N 35  
ARG HH11 H N N 36  
ARG HH12 H N N 37  
ARG HH21 H N N 38  
ARG HH22 H N N 39  
ARG HXT  H N N 40  
ASN N    N N N 41  
ASN CA   C N S 42  
ASN C    C N N 43  
ASN O    O N N 44  
ASN CB   C N N 45  
ASN CG   C N N 46  
ASN OD1  O N N 47  
ASN ND2  N N N 48  
ASN OXT  O N N 49  
ASN H    H N N 50  
ASN H2   H N N 51  
ASN HA   H N N 52  
ASN HB2  H N N 53  
ASN HB3  H N N 54  
ASN HD21 H N N 55  
ASN HD22 H N N 56  
ASN HXT  H N N 57  
ASP N    N N N 58  
ASP CA   C N S 59  
ASP C    C N N 60  
ASP O    O N N 61  
ASP CB   C N N 62  
ASP CG   C N N 63  
ASP OD1  O N N 64  
ASP OD2  O N N 65  
ASP OXT  O N N 66  
ASP H    H N N 67  
ASP H2   H N N 68  
ASP HA   H N N 69  
ASP HB2  H N N 70  
ASP HB3  H N N 71  
ASP HD2  H N N 72  
ASP HXT  H N N 73  
GLU N    N N N 74  
GLU CA   C N S 75  
GLU C    C N N 76  
GLU O    O N N 77  
GLU CB   C N N 78  
GLU CG   C N N 79  
GLU CD   C N N 80  
GLU OE1  O N N 81  
GLU OE2  O N N 82  
GLU OXT  O N N 83  
GLU H    H N N 84  
GLU H2   H N N 85  
GLU HA   H N N 86  
GLU HB2  H N N 87  
GLU HB3  H N N 88  
GLU HG2  H N N 89  
GLU HG3  H N N 90  
GLU HE2  H N N 91  
GLU HXT  H N N 92  
GLY N    N N N 93  
GLY CA   C N N 94  
GLY C    C N N 95  
GLY O    O N N 96  
GLY OXT  O N N 97  
GLY H    H N N 98  
GLY H2   H N N 99  
GLY HA2  H N N 100 
GLY HA3  H N N 101 
GLY HXT  H N N 102 
HIS N    N N N 103 
HIS CA   C N S 104 
HIS C    C N N 105 
HIS O    O N N 106 
HIS CB   C N N 107 
HIS CG   C Y N 108 
HIS ND1  N Y N 109 
HIS CD2  C Y N 110 
HIS CE1  C Y N 111 
HIS NE2  N Y N 112 
HIS OXT  O N N 113 
HIS H    H N N 114 
HIS H2   H N N 115 
HIS HA   H N N 116 
HIS HB2  H N N 117 
HIS HB3  H N N 118 
HIS HD1  H N N 119 
HIS HD2  H N N 120 
HIS HE1  H N N 121 
HIS HE2  H N N 122 
HIS HXT  H N N 123 
HOH O    O N N 124 
HOH H1   H N N 125 
HOH H2   H N N 126 
ILE N    N N N 127 
ILE CA   C N S 128 
ILE C    C N N 129 
ILE O    O N N 130 
ILE CB   C N S 131 
ILE CG1  C N N 132 
ILE CG2  C N N 133 
ILE CD1  C N N 134 
ILE OXT  O N N 135 
ILE H    H N N 136 
ILE H2   H N N 137 
ILE HA   H N N 138 
ILE HB   H N N 139 
ILE HG12 H N N 140 
ILE HG13 H N N 141 
ILE HG21 H N N 142 
ILE HG22 H N N 143 
ILE HG23 H N N 144 
ILE HD11 H N N 145 
ILE HD12 H N N 146 
ILE HD13 H N N 147 
ILE HXT  H N N 148 
LEU N    N N N 149 
LEU CA   C N S 150 
LEU C    C N N 151 
LEU O    O N N 152 
LEU CB   C N N 153 
LEU CG   C N N 154 
LEU CD1  C N N 155 
LEU CD2  C N N 156 
LEU OXT  O N N 157 
LEU H    H N N 158 
LEU H2   H N N 159 
LEU HA   H N N 160 
LEU HB2  H N N 161 
LEU HB3  H N N 162 
LEU HG   H N N 163 
LEU HD11 H N N 164 
LEU HD12 H N N 165 
LEU HD13 H N N 166 
LEU HD21 H N N 167 
LEU HD22 H N N 168 
LEU HD23 H N N 169 
LEU HXT  H N N 170 
LYS N    N N N 171 
LYS CA   C N S 172 
LYS C    C N N 173 
LYS O    O N N 174 
LYS CB   C N N 175 
LYS CG   C N N 176 
LYS CD   C N N 177 
LYS CE   C N N 178 
LYS NZ   N N N 179 
LYS OXT  O N N 180 
LYS H    H N N 181 
LYS H2   H N N 182 
LYS HA   H N N 183 
LYS HB2  H N N 184 
LYS HB3  H N N 185 
LYS HG2  H N N 186 
LYS HG3  H N N 187 
LYS HD2  H N N 188 
LYS HD3  H N N 189 
LYS HE2  H N N 190 
LYS HE3  H N N 191 
LYS HZ1  H N N 192 
LYS HZ2  H N N 193 
LYS HZ3  H N N 194 
LYS HXT  H N N 195 
MET N    N N N 196 
MET CA   C N S 197 
MET C    C N N 198 
MET O    O N N 199 
MET CB   C N N 200 
MET CG   C N N 201 
MET SD   S N N 202 
MET CE   C N N 203 
MET OXT  O N N 204 
MET H    H N N 205 
MET H2   H N N 206 
MET HA   H N N 207 
MET HB2  H N N 208 
MET HB3  H N N 209 
MET HG2  H N N 210 
MET HG3  H N N 211 
MET HE1  H N N 212 
MET HE2  H N N 213 
MET HE3  H N N 214 
MET HXT  H N N 215 
PHE N    N N N 216 
PHE CA   C N S 217 
PHE C    C N N 218 
PHE O    O N N 219 
PHE CB   C N N 220 
PHE CG   C Y N 221 
PHE CD1  C Y N 222 
PHE CD2  C Y N 223 
PHE CE1  C Y N 224 
PHE CE2  C Y N 225 
PHE CZ   C Y N 226 
PHE OXT  O N N 227 
PHE H    H N N 228 
PHE H2   H N N 229 
PHE HA   H N N 230 
PHE HB2  H N N 231 
PHE HB3  H N N 232 
PHE HD1  H N N 233 
PHE HD2  H N N 234 
PHE HE1  H N N 235 
PHE HE2  H N N 236 
PHE HZ   H N N 237 
PHE HXT  H N N 238 
PRO N    N N N 239 
PRO CA   C N S 240 
PRO C    C N N 241 
PRO O    O N N 242 
PRO CB   C N N 243 
PRO CG   C N N 244 
PRO CD   C N N 245 
PRO OXT  O N N 246 
PRO H    H N N 247 
PRO HA   H N N 248 
PRO HB2  H N N 249 
PRO HB3  H N N 250 
PRO HG2  H N N 251 
PRO HG3  H N N 252 
PRO HD2  H N N 253 
PRO HD3  H N N 254 
PRO HXT  H N N 255 
SER N    N N N 256 
SER CA   C N S 257 
SER C    C N N 258 
SER O    O N N 259 
SER CB   C N N 260 
SER OG   O N N 261 
SER OXT  O N N 262 
SER H    H N N 263 
SER H2   H N N 264 
SER HA   H N N 265 
SER HB2  H N N 266 
SER HB3  H N N 267 
SER HG   H N N 268 
SER HXT  H N N 269 
THR N    N N N 270 
THR CA   C N S 271 
THR C    C N N 272 
THR O    O N N 273 
THR CB   C N R 274 
THR OG1  O N N 275 
THR CG2  C N N 276 
THR OXT  O N N 277 
THR H    H N N 278 
THR H2   H N N 279 
THR HA   H N N 280 
THR HB   H N N 281 
THR HG1  H N N 282 
THR HG21 H N N 283 
THR HG22 H N N 284 
THR HG23 H N N 285 
THR HXT  H N N 286 
TYR N    N N N 287 
TYR CA   C N S 288 
TYR C    C N N 289 
TYR O    O N N 290 
TYR CB   C N N 291 
TYR CG   C Y N 292 
TYR CD1  C Y N 293 
TYR CD2  C Y N 294 
TYR CE1  C Y N 295 
TYR CE2  C Y N 296 
TYR CZ   C Y N 297 
TYR OH   O N N 298 
TYR OXT  O N N 299 
TYR H    H N N 300 
TYR H2   H N N 301 
TYR HA   H N N 302 
TYR HB2  H N N 303 
TYR HB3  H N N 304 
TYR HD1  H N N 305 
TYR HD2  H N N 306 
TYR HE1  H N N 307 
TYR HE2  H N N 308 
TYR HH   H N N 309 
TYR HXT  H N N 310 
VAL N    N N N 311 
VAL CA   C N S 312 
VAL C    C N N 313 
VAL O    O N N 314 
VAL CB   C N N 315 
VAL CG1  C N N 316 
VAL CG2  C N N 317 
VAL OXT  O N N 318 
VAL H    H N N 319 
VAL H2   H N N 320 
VAL HA   H N N 321 
VAL HB   H N N 322 
VAL HG11 H N N 323 
VAL HG12 H N N 324 
VAL HG13 H N N 325 
VAL HG21 H N N 326 
VAL HG22 H N N 327 
VAL HG23 H N N 328 
VAL HXT  H N N 329 
# 
loop_
_chem_comp_bond.comp_id 
_chem_comp_bond.atom_id_1 
_chem_comp_bond.atom_id_2 
_chem_comp_bond.value_order 
_chem_comp_bond.pdbx_aromatic_flag 
_chem_comp_bond.pdbx_stereo_config 
_chem_comp_bond.pdbx_ordinal 
ALA N   CA   sing N N 1   
ALA N   H    sing N N 2   
ALA N   H2   sing N N 3   
ALA CA  C    sing N N 4   
ALA CA  CB   sing N N 5   
ALA CA  HA   sing N N 6   
ALA C   O    doub N N 7   
ALA C   OXT  sing N N 8   
ALA CB  HB1  sing N N 9   
ALA CB  HB2  sing N N 10  
ALA CB  HB3  sing N N 11  
ALA OXT HXT  sing N N 12  
ARG N   CA   sing N N 13  
ARG N   H    sing N N 14  
ARG N   H2   sing N N 15  
ARG CA  C    sing N N 16  
ARG CA  CB   sing N N 17  
ARG CA  HA   sing N N 18  
ARG C   O    doub N N 19  
ARG C   OXT  sing N N 20  
ARG CB  CG   sing N N 21  
ARG CB  HB2  sing N N 22  
ARG CB  HB3  sing N N 23  
ARG CG  CD   sing N N 24  
ARG CG  HG2  sing N N 25  
ARG CG  HG3  sing N N 26  
ARG CD  NE   sing N N 27  
ARG CD  HD2  sing N N 28  
ARG CD  HD3  sing N N 29  
ARG NE  CZ   sing N N 30  
ARG NE  HE   sing N N 31  
ARG CZ  NH1  sing N N 32  
ARG CZ  NH2  doub N N 33  
ARG NH1 HH11 sing N N 34  
ARG NH1 HH12 sing N N 35  
ARG NH2 HH21 sing N N 36  
ARG NH2 HH22 sing N N 37  
ARG OXT HXT  sing N N 38  
ASN N   CA   sing N N 39  
ASN N   H    sing N N 40  
ASN N   H2   sing N N 41  
ASN CA  C    sing N N 42  
ASN CA  CB   sing N N 43  
ASN CA  HA   sing N N 44  
ASN C   O    doub N N 45  
ASN C   OXT  sing N N 46  
ASN CB  CG   sing N N 47  
ASN CB  HB2  sing N N 48  
ASN CB  HB3  sing N N 49  
ASN CG  OD1  doub N N 50  
ASN CG  ND2  sing N N 51  
ASN ND2 HD21 sing N N 52  
ASN ND2 HD22 sing N N 53  
ASN OXT HXT  sing N N 54  
ASP N   CA   sing N N 55  
ASP N   H    sing N N 56  
ASP N   H2   sing N N 57  
ASP CA  C    sing N N 58  
ASP CA  CB   sing N N 59  
ASP CA  HA   sing N N 60  
ASP C   O    doub N N 61  
ASP C   OXT  sing N N 62  
ASP CB  CG   sing N N 63  
ASP CB  HB2  sing N N 64  
ASP CB  HB3  sing N N 65  
ASP CG  OD1  doub N N 66  
ASP CG  OD2  sing N N 67  
ASP OD2 HD2  sing N N 68  
ASP OXT HXT  sing N N 69  
GLU N   CA   sing N N 70  
GLU N   H    sing N N 71  
GLU N   H2   sing N N 72  
GLU CA  C    sing N N 73  
GLU CA  CB   sing N N 74  
GLU CA  HA   sing N N 75  
GLU C   O    doub N N 76  
GLU C   OXT  sing N N 77  
GLU CB  CG   sing N N 78  
GLU CB  HB2  sing N N 79  
GLU CB  HB3  sing N N 80  
GLU CG  CD   sing N N 81  
GLU CG  HG2  sing N N 82  
GLU CG  HG3  sing N N 83  
GLU CD  OE1  doub N N 84  
GLU CD  OE2  sing N N 85  
GLU OE2 HE2  sing N N 86  
GLU OXT HXT  sing N N 87  
GLY N   CA   sing N N 88  
GLY N   H    sing N N 89  
GLY N   H2   sing N N 90  
GLY CA  C    sing N N 91  
GLY CA  HA2  sing N N 92  
GLY CA  HA3  sing N N 93  
GLY C   O    doub N N 94  
GLY C   OXT  sing N N 95  
GLY OXT HXT  sing N N 96  
HIS N   CA   sing N N 97  
HIS N   H    sing N N 98  
HIS N   H2   sing N N 99  
HIS CA  C    sing N N 100 
HIS CA  CB   sing N N 101 
HIS CA  HA   sing N N 102 
HIS C   O    doub N N 103 
HIS C   OXT  sing N N 104 
HIS CB  CG   sing N N 105 
HIS CB  HB2  sing N N 106 
HIS CB  HB3  sing N N 107 
HIS CG  ND1  sing Y N 108 
HIS CG  CD2  doub Y N 109 
HIS ND1 CE1  doub Y N 110 
HIS ND1 HD1  sing N N 111 
HIS CD2 NE2  sing Y N 112 
HIS CD2 HD2  sing N N 113 
HIS CE1 NE2  sing Y N 114 
HIS CE1 HE1  sing N N 115 
HIS NE2 HE2  sing N N 116 
HIS OXT HXT  sing N N 117 
HOH O   H1   sing N N 118 
HOH O   H2   sing N N 119 
ILE N   CA   sing N N 120 
ILE N   H    sing N N 121 
ILE N   H2   sing N N 122 
ILE CA  C    sing N N 123 
ILE CA  CB   sing N N 124 
ILE CA  HA   sing N N 125 
ILE C   O    doub N N 126 
ILE C   OXT  sing N N 127 
ILE CB  CG1  sing N N 128 
ILE CB  CG2  sing N N 129 
ILE CB  HB   sing N N 130 
ILE CG1 CD1  sing N N 131 
ILE CG1 HG12 sing N N 132 
ILE CG1 HG13 sing N N 133 
ILE CG2 HG21 sing N N 134 
ILE CG2 HG22 sing N N 135 
ILE CG2 HG23 sing N N 136 
ILE CD1 HD11 sing N N 137 
ILE CD1 HD12 sing N N 138 
ILE CD1 HD13 sing N N 139 
ILE OXT HXT  sing N N 140 
LEU N   CA   sing N N 141 
LEU N   H    sing N N 142 
LEU N   H2   sing N N 143 
LEU CA  C    sing N N 144 
LEU CA  CB   sing N N 145 
LEU CA  HA   sing N N 146 
LEU C   O    doub N N 147 
LEU C   OXT  sing N N 148 
LEU CB  CG   sing N N 149 
LEU CB  HB2  sing N N 150 
LEU CB  HB3  sing N N 151 
LEU CG  CD1  sing N N 152 
LEU CG  CD2  sing N N 153 
LEU CG  HG   sing N N 154 
LEU CD1 HD11 sing N N 155 
LEU CD1 HD12 sing N N 156 
LEU CD1 HD13 sing N N 157 
LEU CD2 HD21 sing N N 158 
LEU CD2 HD22 sing N N 159 
LEU CD2 HD23 sing N N 160 
LEU OXT HXT  sing N N 161 
LYS N   CA   sing N N 162 
LYS N   H    sing N N 163 
LYS N   H2   sing N N 164 
LYS CA  C    sing N N 165 
LYS CA  CB   sing N N 166 
LYS CA  HA   sing N N 167 
LYS C   O    doub N N 168 
LYS C   OXT  sing N N 169 
LYS CB  CG   sing N N 170 
LYS CB  HB2  sing N N 171 
LYS CB  HB3  sing N N 172 
LYS CG  CD   sing N N 173 
LYS CG  HG2  sing N N 174 
LYS CG  HG3  sing N N 175 
LYS CD  CE   sing N N 176 
LYS CD  HD2  sing N N 177 
LYS CD  HD3  sing N N 178 
LYS CE  NZ   sing N N 179 
LYS CE  HE2  sing N N 180 
LYS CE  HE3  sing N N 181 
LYS NZ  HZ1  sing N N 182 
LYS NZ  HZ2  sing N N 183 
LYS NZ  HZ3  sing N N 184 
LYS OXT HXT  sing N N 185 
MET N   CA   sing N N 186 
MET N   H    sing N N 187 
MET N   H2   sing N N 188 
MET CA  C    sing N N 189 
MET CA  CB   sing N N 190 
MET CA  HA   sing N N 191 
MET C   O    doub N N 192 
MET C   OXT  sing N N 193 
MET CB  CG   sing N N 194 
MET CB  HB2  sing N N 195 
MET CB  HB3  sing N N 196 
MET CG  SD   sing N N 197 
MET CG  HG2  sing N N 198 
MET CG  HG3  sing N N 199 
MET SD  CE   sing N N 200 
MET CE  HE1  sing N N 201 
MET CE  HE2  sing N N 202 
MET CE  HE3  sing N N 203 
MET OXT HXT  sing N N 204 
PHE N   CA   sing N N 205 
PHE N   H    sing N N 206 
PHE N   H2   sing N N 207 
PHE CA  C    sing N N 208 
PHE CA  CB   sing N N 209 
PHE CA  HA   sing N N 210 
PHE C   O    doub N N 211 
PHE C   OXT  sing N N 212 
PHE CB  CG   sing N N 213 
PHE CB  HB2  sing N N 214 
PHE CB  HB3  sing N N 215 
PHE CG  CD1  doub Y N 216 
PHE CG  CD2  sing Y N 217 
PHE CD1 CE1  sing Y N 218 
PHE CD1 HD1  sing N N 219 
PHE CD2 CE2  doub Y N 220 
PHE CD2 HD2  sing N N 221 
PHE CE1 CZ   doub Y N 222 
PHE CE1 HE1  sing N N 223 
PHE CE2 CZ   sing Y N 224 
PHE CE2 HE2  sing N N 225 
PHE CZ  HZ   sing N N 226 
PHE OXT HXT  sing N N 227 
PRO N   CA   sing N N 228 
PRO N   CD   sing N N 229 
PRO N   H    sing N N 230 
PRO CA  C    sing N N 231 
PRO CA  CB   sing N N 232 
PRO CA  HA   sing N N 233 
PRO C   O    doub N N 234 
PRO C   OXT  sing N N 235 
PRO CB  CG   sing N N 236 
PRO CB  HB2  sing N N 237 
PRO CB  HB3  sing N N 238 
PRO CG  CD   sing N N 239 
PRO CG  HG2  sing N N 240 
PRO CG  HG3  sing N N 241 
PRO CD  HD2  sing N N 242 
PRO CD  HD3  sing N N 243 
PRO OXT HXT  sing N N 244 
SER N   CA   sing N N 245 
SER N   H    sing N N 246 
SER N   H2   sing N N 247 
SER CA  C    sing N N 248 
SER CA  CB   sing N N 249 
SER CA  HA   sing N N 250 
SER C   O    doub N N 251 
SER C   OXT  sing N N 252 
SER CB  OG   sing N N 253 
SER CB  HB2  sing N N 254 
SER CB  HB3  sing N N 255 
SER OG  HG   sing N N 256 
SER OXT HXT  sing N N 257 
THR N   CA   sing N N 258 
THR N   H    sing N N 259 
THR N   H2   sing N N 260 
THR CA  C    sing N N 261 
THR CA  CB   sing N N 262 
THR CA  HA   sing N N 263 
THR C   O    doub N N 264 
THR C   OXT  sing N N 265 
THR CB  OG1  sing N N 266 
THR CB  CG2  sing N N 267 
THR CB  HB   sing N N 268 
THR OG1 HG1  sing N N 269 
THR CG2 HG21 sing N N 270 
THR CG2 HG22 sing N N 271 
THR CG2 HG23 sing N N 272 
THR OXT HXT  sing N N 273 
TYR N   CA   sing N N 274 
TYR N   H    sing N N 275 
TYR N   H2   sing N N 276 
TYR CA  C    sing N N 277 
TYR CA  CB   sing N N 278 
TYR CA  HA   sing N N 279 
TYR C   O    doub N N 280 
TYR C   OXT  sing N N 281 
TYR CB  CG   sing N N 282 
TYR CB  HB2  sing N N 283 
TYR CB  HB3  sing N N 284 
TYR CG  CD1  doub Y N 285 
TYR CG  CD2  sing Y N 286 
TYR CD1 CE1  sing Y N 287 
TYR CD1 HD1  sing N N 288 
TYR CD2 CE2  doub Y N 289 
TYR CD2 HD2  sing N N 290 
TYR CE1 CZ   doub Y N 291 
TYR CE1 HE1  sing N N 292 
TYR CE2 CZ   sing Y N 293 
TYR CE2 HE2  sing N N 294 
TYR CZ  OH   sing N N 295 
TYR OH  HH   sing N N 296 
TYR OXT HXT  sing N N 297 
VAL N   CA   sing N N 298 
VAL N   H    sing N N 299 
VAL N   H2   sing N N 300 
VAL CA  C    sing N N 301 
VAL CA  CB   sing N N 302 
VAL CA  HA   sing N N 303 
VAL C   O    doub N N 304 
VAL C   OXT  sing N N 305 
VAL CB  CG1  sing N N 306 
VAL CB  CG2  sing N N 307 
VAL CB  HB   sing N N 308 
VAL CG1 HG11 sing N N 309 
VAL CG1 HG12 sing N N 310 
VAL CG1 HG13 sing N N 311 
VAL CG2 HG21 sing N N 312 
VAL CG2 HG22 sing N N 313 
VAL CG2 HG23 sing N N 314 
VAL OXT HXT  sing N N 315 
# 
_pdbx_audit_support.funding_organization   'Howard Hughes Medical Institute (HHMI)' 
_pdbx_audit_support.country                'United States' 
_pdbx_audit_support.grant_number           ? 
_pdbx_audit_support.ordinal                1 
# 
_pdbx_initial_refinement_model.id               1 
_pdbx_initial_refinement_model.entity_id_list   ? 
_pdbx_initial_refinement_model.type             'in silico model' 
_pdbx_initial_refinement_model.source_name      Other 
_pdbx_initial_refinement_model.accession_code   ? 
_pdbx_initial_refinement_model.details          'de novo designed model' 
# 
_space_group.name_H-M_alt     'P 21 21 21' 
_space_group.name_Hall        'P 2ac 2ab' 
_space_group.IT_number        19 
_space_group.crystal_system   orthorhombic 
_space_group.id               1 
# 
_atom_sites.entry_id                    9DE9 
_atom_sites.Cartn_transf_matrix[1][1]   ? 
_atom_sites.Cartn_transf_matrix[1][2]   ? 
_atom_sites.Cartn_transf_matrix[1][3]   ? 
_atom_sites.Cartn_transf_matrix[2][1]   ? 
_atom_sites.Cartn_transf_matrix[2][2]   ? 
_atom_sites.Cartn_transf_matrix[2][3]   ? 
_atom_sites.Cartn_transf_matrix[3][1]   ? 
_atom_sites.Cartn_transf_matrix[3][2]   ? 
_atom_sites.Cartn_transf_matrix[3][3]   ? 
_atom_sites.Cartn_transf_vector[1]      ? 
_atom_sites.Cartn_transf_vector[2]      ? 
_atom_sites.Cartn_transf_vector[3]      ? 
_atom_sites.Cartn_transform_axes        ? 
_atom_sites.fract_transf_matrix[1][1]   -0.02081196 
_atom_sites.fract_transf_matrix[1][2]   0.00603913 
_atom_sites.fract_transf_matrix[1][3]   -0.00300633 
_atom_sites.fract_transf_matrix[2][1]   -0.00621847 
_atom_sites.fract_transf_matrix[2][2]   -0.01681634 
_atom_sites.fract_transf_matrix[2][3]   0.00926794 
_atom_sites.fract_transf_matrix[3][1]   0.00016132 
_atom_sites.fract_transf_matrix[3][2]   0.00630333 
_atom_sites.fract_transf_matrix[3][3]   0.01154539 
_atom_sites.fract_transf_vector[1]      0.480101 
_atom_sites.fract_transf_vector[2]      0.038407 
_atom_sites.fract_transf_vector[3]      -0.094544 
_atom_sites.solution_primary            ? 
_atom_sites.solution_secondary          ? 
_atom_sites.solution_hydrogens          ? 
_atom_sites.special_details             ? 
# 
loop_
_atom_type.symbol 
_atom_type.scat_dispersion_real 
_atom_type.scat_dispersion_imag 
_atom_type.scat_Cromer_Mann_a1 
_atom_type.scat_Cromer_Mann_a2 
_atom_type.scat_Cromer_Mann_a3 
_atom_type.scat_Cromer_Mann_a4 
_atom_type.scat_Cromer_Mann_b1 
_atom_type.scat_Cromer_Mann_b2 
_atom_type.scat_Cromer_Mann_b3 
_atom_type.scat_Cromer_Mann_b4 
_atom_type.scat_Cromer_Mann_c 
_atom_type.scat_source 
_atom_type.scat_dispersion_source 
C ? ? 3.54356 2.42580 ? ? 25.62398 1.50364  ? ? 0.0 
;2-Gaussian fit: Grosse-Kunstleve RW, Sauter NK, Adams PD: Newsletter of the IUCr Commission on Crystallographic Computing 2004, 3, 22-31.
;
? 
N ? ? 4.01032 2.96436 ? ? 19.97189 1.75589  ? ? 0.0 
;2-Gaussian fit: Grosse-Kunstleve RW, Sauter NK, Adams PD: Newsletter of the IUCr Commission on Crystallographic Computing 2004, 3, 22-31.
;
? 
O ? ? 4.49882 3.47563 ? ? 15.80542 1.70748  ? ? 0.0 
;2-Gaussian fit: Grosse-Kunstleve RW, Sauter NK, Adams PD: Newsletter of the IUCr Commission on Crystallographic Computing 2004, 3, 22-31.
;
? 
S ? ? 9.55732 6.39887 ? ? 1.23737  29.19336 ? ? 0.0 
;2-Gaussian fit: Grosse-Kunstleve RW, Sauter NK, Adams PD: Newsletter of the IUCr Commission on Crystallographic Computing 2004, 3, 22-31.
;
? 
# 
loop_
_atom_site.group_PDB 
_atom_site.id 
_atom_site.type_symbol 
_atom_site.label_atom_id 
_atom_site.label_alt_id 
_atom_site.label_comp_id 
_atom_site.label_asym_id 
_atom_site.label_entity_id 
_atom_site.label_seq_id 
_atom_site.pdbx_PDB_ins_code 
_atom_site.Cartn_x 
_atom_site.Cartn_y 
_atom_site.Cartn_z 
_atom_site.occupancy 
_atom_site.B_iso_or_equiv 
_atom_site.pdbx_formal_charge 
_atom_site.auth_seq_id 
_atom_site.auth_comp_id 
_atom_site.auth_asym_id 
_atom_site.auth_atom_id 
_atom_site.pdbx_PDB_model_num 
ATOM   1    N N   . LYS A 1 6  ? 5.39828   10.87916  12.19497  1.000 32.55885  ? 3   LYS A N   1 
ATOM   2    C CA  . LYS A 1 6  ? 6.01055   9.59705   11.87060  1.000 40.96566  ? 3   LYS A CA  1 
ATOM   3    C C   . LYS A 1 6  ? 4.94234   8.51714   11.72010  1.000 44.64634  ? 3   LYS A C   1 
ATOM   4    O O   . LYS A 1 6  ? 4.13927   8.28796   12.62677  1.000 57.68977  ? 3   LYS A O   1 
ATOM   5    C CB  . LYS A 1 6  ? 7.02850   9.20273   12.93990  1.000 47.23523  ? 3   LYS A CB  1 
ATOM   6    C CG  . LYS A 1 6  ? 8.33310   8.66299   12.37880  1.000 63.57454  ? 3   LYS A CG  1 
ATOM   7    C CD  . LYS A 1 6  ? 9.03970   9.69407   11.51243  1.000 62.53308  ? 3   LYS A CD  1 
ATOM   8    C CE  . LYS A 1 6  ? 9.51771   10.88026  12.33583  1.000 74.94214  ? 3   LYS A CE  1 
ATOM   9    N NZ  . LYS A 1 6  ? 10.04538  11.97702  11.47589  1.000 72.79720  ? 3   LYS A NZ  1 
ATOM   10   N N   . VAL A 1 7  ? 4.95563   7.84837   10.56525  1.000 60.79461  ? 4   VAL A N   1 
ATOM   11   C CA  . VAL A 1 7  ? 3.88910   6.94868   10.15254  1.000 52.09183  ? 4   VAL A CA  1 
ATOM   12   C C   . VAL A 1 7  ? 4.48377   5.59767   9.76770   1.000 39.41846  ? 4   VAL A C   1 
ATOM   13   O O   . VAL A 1 7  ? 5.63246   5.49358   9.32847   1.000 34.56406  ? 4   VAL A O   1 
ATOM   14   C CB  . VAL A 1 7  ? 3.07132   7.53791   8.97660   1.000 44.64479  ? 4   VAL A CB  1 
ATOM   15   C CG1 . VAL A 1 7  ? 3.92621   7.60105   7.71239   1.000 42.42438  ? 4   VAL A CG1 1 
ATOM   16   C CG2 . VAL A 1 7  ? 1.79944   6.74584   8.74294   1.000 64.23242  ? 4   VAL A CG2 1 
ATOM   17   N N   . THR A 1 8  ? 3.68143   4.55205   9.95405   1.000 27.57000  ? 5   THR A N   1 
ATOM   18   C CA  . THR A 1 8  ? 3.98393   3.21475   9.45726   1.000 47.43716  ? 5   THR A CA  1 
ATOM   19   C C   . THR A 1 8  ? 3.06765   2.91850   8.27696   1.000 41.09033  ? 5   THR A C   1 
ATOM   20   O O   . THR A 1 8  ? 1.84161   2.99123   8.40770   1.000 33.78393  ? 5   THR A O   1 
ATOM   21   C CB  . THR A 1 8  ? 3.81154   2.16657   10.55517  1.000 32.97127  ? 5   THR A CB  1 
ATOM   22   O OG1 . THR A 1 8  ? 3.48632   0.90070   9.96819   1.000 58.79616  ? 5   THR A OG1 1 
ATOM   23   C CG2 . THR A 1 8  ? 2.70898   2.57728   11.51692  1.000 47.12558  ? 5   THR A CG2 1 
ATOM   24   N N   . VAL A 1 9  ? 3.66104   2.59781   7.12954   1.000 38.27846  ? 6   VAL A N   1 
ATOM   25   C CA  . VAL A 1 9  ? 2.93624   2.47342   5.86936   1.000 38.35772  ? 6   VAL A CA  1 
ATOM   26   C C   . VAL A 1 9  ? 2.89882   1.00826   5.45698   1.000 38.34466  ? 6   VAL A C   1 
ATOM   27   O O   . VAL A 1 9  ? 3.93125   0.32691   5.46674   1.000 34.04516  ? 6   VAL A O   1 
ATOM   28   C CB  . VAL A 1 9  ? 3.57512   3.33940   4.76865   1.000 39.37712  ? 6   VAL A CB  1 
ATOM   29   C CG1 . VAL A 1 9  ? 3.06569   2.92497   3.39541   1.000 36.94508  ? 6   VAL A CG1 1 
ATOM   30   C CG2 . VAL A 1 9  ? 3.29391   4.81380   5.02526   1.000 29.27405  ? 6   VAL A CG2 1 
ATOM   31   N N   . VAL A 1 10 ? 1.71039   0.52787   5.09719   1.000 38.97752  ? 7   VAL A N   1 
ATOM   32   C CA  . VAL A 1 10 ? 1.52164   -0.79921  4.52011   1.000 30.09737  ? 7   VAL A CA  1 
ATOM   33   C C   . VAL A 1 10 ? 1.16371   -0.61381  3.05232   1.000 45.25320  ? 7   VAL A C   1 
ATOM   34   O O   . VAL A 1 10 ? 0.15087   0.02024   2.72862   1.000 37.63751  ? 7   VAL A O   1 
ATOM   35   C CB  . VAL A 1 10 ? 0.43529   -1.59605  5.25781   1.000 28.33549  ? 7   VAL A CB  1 
ATOM   36   C CG1 . VAL A 1 10 ? 0.18701   -2.92448  4.55726   1.000 39.99227  ? 7   VAL A CG1 1 
ATOM   37   C CG2 . VAL A 1 10 ? 0.83414   -1.82145  6.70959   1.000 41.61765  ? 7   VAL A CG2 1 
ATOM   38   N N   . LEU A 1 11 ? 1.98860   -1.16611  2.16549   1.000 45.79899  ? 8   LEU A N   1 
ATOM   39   C CA  . LEU A 1 11 ? 1.85175   -0.95578  0.72916   1.000 41.95771  ? 8   LEU A CA  1 
ATOM   40   C C   . LEU A 1 11 ? 1.64651   -2.28926  0.02604   1.000 33.69705  ? 8   LEU A C   1 
ATOM   41   O O   . LEU A 1 11 ? 2.45427   -3.21066  0.18696   1.000 30.85789  ? 8   LEU A O   1 
ATOM   42   C CB  . LEU A 1 11 ? 3.07902   -0.23735  0.16329   1.000 36.47125  ? 8   LEU A CB  1 
ATOM   43   C CG  . LEU A 1 11 ? 3.14777   -0.10246  -1.36011  1.000 29.99486  ? 8   LEU A CG  1 
ATOM   44   C CD1 . LEU A 1 11 ? 1.92638   0.62624   -1.89859  1.000 40.05137  ? 8   LEU A CD1 1 
ATOM   45   C CD2 . LEU A 1 11 ? 4.42618   0.60882   -1.78048  1.000 28.94486  ? 8   LEU A CD2 1 
ATOM   46   N N   . TYR A 1 12 ? 0.56851   -2.38763  -0.74915  1.000 36.15599  ? 9   TYR A N   1 
ATOM   47   C CA  . TYR A 1 12 ? 0.35037   -3.49892  -1.66267  1.000 45.65701  ? 9   TYR A CA  1 
ATOM   48   C C   . TYR A 1 12 ? 0.53622   -3.01271  -3.09171  1.000 39.74605  ? 9   TYR A C   1 
ATOM   49   O O   . TYR A 1 12 ? 0.06161   -1.93265  -3.45837  1.000 35.67767  ? 9   TYR A O   1 
ATOM   50   C CB  . TYR A 1 12 ? -1.04743  -4.10837  -1.50622  1.000 30.87092  ? 9   TYR A CB  1 
ATOM   51   C CG  . TYR A 1 12 ? -1.30956  -5.24728  -2.47539  1.000 43.24973  ? 9   TYR A CG  1 
ATOM   52   C CD1 . TYR A 1 12 ? -1.81187  -5.00476  -3.75001  1.000 36.41040  ? 9   TYR A CD1 1 
ATOM   53   C CD2 . TYR A 1 12 ? -1.04107  -6.56266  -2.12031  1.000 41.60153  ? 9   TYR A CD2 1 
ATOM   54   C CE1 . TYR A 1 12 ? -2.03946  -6.03704  -4.63845  1.000 35.21368  ? 9   TYR A CE1 1 
ATOM   55   C CE2 . TYR A 1 12 ? -1.26958  -7.60232  -3.00295  1.000 36.86784  ? 9   TYR A CE2 1 
ATOM   56   C CZ  . TYR A 1 12 ? -1.76873  -7.33332  -4.25979  1.000 33.00470  ? 9   TYR A CZ  1 
ATOM   57   O OH  . TYR A 1 12 ? -1.99724  -8.36471  -5.14194  1.000 45.36236  ? 9   TYR A OH  1 
ATOM   58   N N   . VAL A 1 13 ? 1.22509   -3.81718  -3.89764  1.000 34.98549  ? 10  VAL A N   1 
ATOM   59   C CA  . VAL A 1 13 ? 1.46279   -3.50251  -5.30179  1.000 44.72254  ? 10  VAL A CA  1 
ATOM   60   C C   . VAL A 1 13 ? 1.27597   -4.78047  -6.10547  1.000 37.69465  ? 10  VAL A C   1 
ATOM   61   O O   . VAL A 1 13 ? 1.96481   -5.77656  -5.85879  1.000 32.41961  ? 10  VAL A O   1 
ATOM   62   C CB  . VAL A 1 13 ? 2.86797   -2.92069  -5.54286  1.000 43.91527  ? 10  VAL A CB  1 
ATOM   63   C CG1 . VAL A 1 13 ? 3.07633   -2.63321  -7.01282  1.000 33.08792  ? 10  VAL A CG1 1 
ATOM   64   C CG2 . VAL A 1 13 ? 3.07469   -1.66140  -4.72264  1.000 30.65039  ? 10  VAL A CG2 1 
ATOM   65   N N   . ASN A 1 14 ? 0.34885   -4.75733  -7.05972  1.000 36.52211  ? 11  ASN A N   1 
ATOM   66   C CA  . ASN A 1 14 ? 0.13971   -5.88706  -7.95485  1.000 46.25683  ? 11  ASN A CA  1 
ATOM   67   C C   . ASN A 1 14 ? 1.21797   -5.88282  -9.03633  1.000 61.21038  ? 11  ASN A C   1 
ATOM   68   O O   . ASN A 1 14 ? 2.14989   -5.07498  -9.01885  1.000 61.77640  ? 11  ASN A O   1 
ATOM   69   C CB  . ASN A 1 14 ? -1.25581  -5.83377  -8.56953  1.000 38.24466  ? 11  ASN A CB  1 
ATOM   70   C CG  . ASN A 1 14 ? -1.33194  -4.88909  -9.75317  1.000 50.86085  ? 11  ASN A CG  1 
ATOM   71   O OD1 . ASN A 1 14 ? -0.96840  -3.71927  -9.64893  1.000 60.55748  ? 11  ASN A OD1 1 
ATOM   72   N ND2 . ASN A 1 14 ? -1.76849  -5.40513  -10.89873 1.000 57.45599  ? 11  ASN A ND2 1 
ATOM   73   N N   . GLY A 1 15 ? 1.10232   -6.79930  -9.99413  1.000 56.98754  ? 12  GLY A N   1 
ATOM   74   C CA  . GLY A 1 15 ? 1.92999   -6.71756  -11.18525 1.000 53.71332  ? 12  GLY A CA  1 
ATOM   75   C C   . GLY A 1 15 ? 3.35844   -7.13909  -10.93517 1.000 56.22132  ? 12  GLY A C   1 
ATOM   76   O O   . GLY A 1 15 ? 3.63542   -8.09881  -10.20911 1.000 49.01351  ? 12  GLY A O   1 
ATOM   77   N N   . ASP A 1 16 ? 4.27899   -6.39365  -11.53560 1.000 53.76762  ? 13  ASP A N   1 
ATOM   78   C CA  . ASP A 1 16 ? 5.67585   -6.79404  -11.61518 1.000 66.16815  ? 13  ASP A CA  1 
ATOM   79   C C   . ASP A 1 16 ? 6.56128   -5.66813  -11.08304 1.000 56.63478  ? 13  ASP A C   1 
ATOM   80   O O   . ASP A 1 16 ? 6.14507   -4.82293  -10.28063 1.000 49.51114  ? 13  ASP A O   1 
ATOM   81   C CB  . ASP A 1 16 ? 6.01644   -7.18505  -13.05856 1.000 79.27831  ? 13  ASP A CB  1 
ATOM   82   C CG  . ASP A 1 16 ? 5.54867   -6.15336  -14.06008 1.000 72.66088  ? 13  ASP A CG  1 
ATOM   83   O OD1 . ASP A 1 16 ? 4.90800   -5.16610  -13.63021 1.000 68.91976  ? 13  ASP A OD1 1 
ATOM   84   O OD2 . ASP A 1 16 ? 5.81845   -6.32358  -15.26812 1.000 74.00750  ? 13  ASP A OD2 1 
ATOM   85   N N   . GLU A 1 17 ? 7.81928   -5.65722  -11.52810 1.000 61.62881  ? 14  GLU A N   1 
ATOM   86   C CA  . GLU A 1 17 ? 8.75793   -4.62690  -11.09860 1.000 36.32489  ? 14  GLU A CA  1 
ATOM   87   C C   . GLU A 1 17 ? 8.32992   -3.24509  -11.57611 1.000 37.24466  ? 14  GLU A C   1 
ATOM   88   O O   . GLU A 1 17 ? 8.64620   -2.24174  -10.92823 1.000 39.23517  ? 14  GLU A O   1 
ATOM   89   C CB  . GLU A 1 17 ? 10.16014  -4.96472  -11.61088 1.000 44.59453  ? 14  GLU A CB  1 
ATOM   90   C CG  . GLU A 1 17 ? 11.24766  -3.97951  -11.22528 1.000 56.96355  ? 14  GLU A CG  1 
ATOM   91   C CD  . GLU A 1 17 ? 12.59072  -4.33786  -11.83109 1.000 65.44334  ? 14  GLU A CD  1 
ATOM   92   O OE1 . GLU A 1 17 ? 12.73918  -5.48125  -12.31247 1.000 59.09894  ? 14  GLU A OE1 1 
ATOM   93   O OE2 . GLU A 1 17 ? 13.49421  -3.47490  -11.83381 1.000 58.38532  ? 14  GLU A OE2 1 
ATOM   94   N N   . VAL A 1 18 ? 7.60346   -3.17206  -12.69532 1.000 37.12184  ? 15  VAL A N   1 
ATOM   95   C CA  . VAL A 1 18 ? 7.15703   -1.88050  -13.21716 1.000 42.59558  ? 15  VAL A CA  1 
ATOM   96   C C   . VAL A 1 18 ? 6.17838   -1.22866  -12.25088 1.000 36.62471  ? 15  VAL A C   1 
ATOM   97   O O   . VAL A 1 18 ? 6.33610   -0.06319  -11.86698 1.000 34.83623  ? 15  VAL A O   1 
ATOM   98   C CB  . VAL A 1 18 ? 6.52756   -2.05179  -14.61069 1.000 41.56990  ? 15  VAL A CB  1 
ATOM   99   C CG1 . VAL A 1 18 ? 6.69257   -0.78403  -15.43352 1.000 43.51608  ? 15  VAL A CG1 1 
ATOM   100  C CG2 . VAL A 1 18 ? 7.12957   -3.24177  -15.31061 1.000 49.76768  ? 15  VAL A CG2 1 
ATOM   101  N N   . ALA A 1 19 ? 5.14244   -1.97169  -11.85447 1.000 40.69418  ? 16  ALA A N   1 
ATOM   102  C CA  . ALA A 1 19 ? 4.16685   -1.43921  -10.91150 1.000 42.59946  ? 16  ALA A CA  1 
ATOM   103  C C   . ALA A 1 19 ? 4.80875   -1.08423  -9.57595  1.000 40.60892  ? 16  ALA A C   1 
ATOM   104  O O   . ALA A 1 19 ? 4.36816   -0.14043  -8.91142  1.000 39.37211  ? 16  ALA A O   1 
ATOM   105  C CB  . ALA A 1 19 ? 3.03071   -2.44176  -10.71152 1.000 42.40454  ? 16  ALA A CB  1 
ATOM   106  N N   . LEU A 1 20 ? 5.84896   -1.81625  -9.16603  1.000 34.15458  ? 17  LEU A N   1 
ATOM   107  C CA  . LEU A 1 20 ? 6.53175   -1.47777  -7.91994  1.000 45.60605  ? 17  LEU A CA  1 
ATOM   108  C C   . LEU A 1 20 ? 7.38087   -0.22270  -8.07765  1.000 39.74587  ? 17  LEU A C   1 
ATOM   109  O O   . LEU A 1 20 ? 7.52948   0.55790   -7.12991  1.000 37.84510  ? 17  LEU A O   1 
ATOM   110  C CB  . LEU A 1 20 ? 7.39872   -2.64426  -7.45003  1.000 40.68111  ? 17  LEU A CB  1 
ATOM   111  C CG  . LEU A 1 20 ? 7.84369   -2.50926  -5.99398  1.000 46.15962  ? 17  LEU A CG  1 
ATOM   112  C CD1 . LEU A 1 20 ? 6.64930   -2.70473  -5.07402  1.000 45.76965  ? 17  LEU A CD1 1 
ATOM   113  C CD2 . LEU A 1 20 ? 8.97659   -3.46226  -5.64705  1.000 53.73412  ? 17  LEU A CD2 1 
ATOM   114  N N   . VAL A 1 21 ? 7.96071   -0.02092  -9.26125  1.000 39.43269  ? 18  VAL A N   1 
ATOM   115  C CA  . VAL A 1 21 ? 8.72240   1.19721   -9.51165  1.000 28.37107  ? 18  VAL A CA  1 
ATOM   116  C C   . VAL A 1 21 ? 7.78893   2.39824   -9.58542  1.000 31.00442  ? 18  VAL A C   1 
ATOM   117  O O   . VAL A 1 21 ? 8.08565   3.46830   -9.03989  1.000 24.88521  ? 18  VAL A O   1 
ATOM   118  C CB  . VAL A 1 21 ? 9.56362   1.04148   -10.79223 1.000 36.65142  ? 18  VAL A CB  1 
ATOM   119  C CG1 . VAL A 1 21 ? 10.02527  2.39461   -11.30351 1.000 27.10419  ? 18  VAL A CG1 1 
ATOM   120  C CG2 . VAL A 1 21 ? 10.75799  0.13097   -10.53342 1.000 55.70595  ? 18  VAL A CG2 1 
ATOM   121  N N   . HIS A 1 22 ? 6.63910   2.23722   -10.24510 1.000 29.08319  ? 19  HIS A N   1 
ATOM   122  C CA  . HIS A 1 22 ? 5.67064   3.32616   -10.31897 1.000 31.55190  ? 19  HIS A CA  1 
ATOM   123  C C   . HIS A 1 22 ? 5.07620   3.63474   -8.95067  1.000 38.34279  ? 19  HIS A C   1 
ATOM   124  O O   . HIS A 1 22 ? 4.82691   4.80139   -8.62597  1.000 31.67462  ? 19  HIS A O   1 
ATOM   125  C CB  . HIS A 1 22 ? 4.56191   2.97969   -11.31142 1.000 36.14597  ? 19  HIS A CB  1 
ATOM   126  C CG  . HIS A 1 22 ? 4.98749   3.04562   -12.74472 1.000 56.69649  ? 19  HIS A CG  1 
ATOM   127  N ND1 . HIS A 1 22 ? 4.29996   2.40591   -13.75381 1.000 56.78726  ? 19  HIS A ND1 1 
ATOM   128  C CD2 . HIS A 1 22 ? 6.02352   3.68202   -13.34029 1.000 40.32329  ? 19  HIS A CD2 1 
ATOM   129  C CE1 . HIS A 1 22 ? 4.89722   2.64062   -14.90830 1.000 56.58759  ? 19  HIS A CE1 1 
ATOM   130  N NE2 . HIS A 1 22 ? 5.94558   3.41269   -14.68530 1.000 67.25616  ? 19  HIS A NE2 1 
ATOM   131  N N   . ALA A 1 23 ? 4.83749   2.60291   -8.13697  1.000 34.60843  ? 20  ALA A N   1 
ATOM   132  C CA  . ALA A 1 23 ? 4.23335   2.82059   -6.82747  1.000 29.07356  ? 20  ALA A CA  1 
ATOM   133  C C   . ALA A 1 23 ? 5.19873   3.49419   -5.86174  1.000 42.78301  ? 20  ALA A C   1 
ATOM   134  O O   . ALA A 1 23 ? 4.76584   4.25081   -4.98524  1.000 32.89221  ? 20  ALA A O   1 
ATOM   135  C CB  . ALA A 1 23 ? 3.74463   1.49609   -6.24673  1.000 24.40185  ? 20  ALA A CB  1 
ATOM   136  N N   . PHE A 1 24 ? 6.50044   3.23024   -5.99699  1.000 42.23975  ? 21  PHE A N   1 
ATOM   137  C CA  . PHE A 1 24 ? 7.47588   3.88033   -5.12810  1.000 37.34415  ? 21  PHE A CA  1 
ATOM   138  C C   . PHE A 1 24 ? 7.59834   5.36497   -5.44622  1.000 41.99136  ? 21  PHE A C   1 
ATOM   139  O O   . PHE A 1 24 ? 7.74102   6.19020   -4.53598  1.000 42.85533  ? 21  PHE A O   1 
ATOM   140  C CB  . PHE A 1 24 ? 8.83342   3.19391   -5.25444  1.000 39.68029  ? 21  PHE A CB  1 
ATOM   141  C CG  . PHE A 1 24 ? 8.92670   1.89198   -4.51835  1.000 48.07833  ? 21  PHE A CG  1 
ATOM   142  C CD1 . PHE A 1 24 ? 8.08109   1.61903   -3.45651  1.000 53.89597  ? 21  PHE A CD1 1 
ATOM   143  C CD2 . PHE A 1 24 ? 9.86571   0.94255   -4.88373  1.000 58.30219  ? 21  PHE A CD2 1 
ATOM   144  C CE1 . PHE A 1 24 ? 8.16817   0.42123   -2.77451  1.000 70.64654  ? 21  PHE A CE1 1 
ATOM   145  C CE2 . PHE A 1 24 ? 9.95811   -0.25680  -4.20615  1.000 79.52371  ? 21  PHE A CE2 1 
ATOM   146  C CZ  . PHE A 1 24 ? 9.10702   -0.51783  -3.15160  1.000 85.76961  ? 21  PHE A CZ  1 
ATOM   147  N N   . MET A 1 25 ? 7.55004   5.72355   -6.73128  1.000 35.20347  ? 22  MET A N   1 
ATOM   148  C CA  . MET A 1 25 ? 7.62368   7.13100   -7.11152  1.000 40.64004  ? 22  MET A CA  1 
ATOM   149  C C   . MET A 1 25 ? 6.41410   7.90072   -6.60302  1.000 43.60208  ? 22  MET A C   1 
ATOM   150  O O   . MET A 1 25 ? 6.55231   8.97556   -6.00701  1.000 48.66021  ? 22  MET A O   1 
ATOM   151  C CB  . MET A 1 25 ? 7.73965   7.26023   -8.62851  1.000 40.63405  ? 22  MET A CB  1 
ATOM   152  C CG  . MET A 1 25 ? 9.15601   7.15769   -9.12819  1.000 40.27243  ? 22  MET A CG  1 
ATOM   153  S SD  . MET A 1 25 ? 9.26528   6.71944   -10.86404 1.000 39.74971  ? 22  MET A SD  1 
ATOM   154  C CE  . MET A 1 25 ? 10.81915  5.84930   -10.83493 1.000 38.94272  ? 22  MET A CE  1 
ATOM   155  N N   . THR A 1 26 ? 5.21365   7.36612   -6.83671  1.000 34.84640  ? 23  THR A N   1 
ATOM   156  C CA  . THR A 1 26 ? 4.00907   8.04196   -6.37165  1.000 46.32559  ? 23  THR A CA  1 
ATOM   157  C C   . THR A 1 26 ? 3.97693   8.13647   -4.85326  1.000 41.19450  ? 23  THR A C   1 
ATOM   158  O O   . THR A 1 26 ? 3.47153   9.12123   -4.30476  1.000 54.05838  ? 23  THR A O   1 
ATOM   159  C CB  . THR A 1 26 ? 2.76403   7.32026   -6.88448  1.000 39.20192  ? 23  THR A CB  1 
ATOM   160  O OG1 . THR A 1 26 ? 2.92861   7.01121   -8.27409  1.000 58.55664  ? 23  THR A OG1 1 
ATOM   161  C CG2 . THR A 1 26 ? 1.54031   8.20724   -6.71729  1.000 47.34473  ? 23  THR A CG2 1 
ATOM   162  N N   . THR A 1 27 ? 4.51733   7.13323   -4.15920  1.000 34.20463  ? 24  THR A N   1 
ATOM   163  C CA  . THR A 1 27 ? 4.59572   7.20097   -2.70411  1.000 47.68084  ? 24  THR A CA  1 
ATOM   164  C C   . THR A 1 27 ? 5.57857   8.27732   -2.26021  1.000 45.74086  ? 24  THR A C   1 
ATOM   165  O O   . THR A 1 27 ? 5.24223   9.13629   -1.43729  1.000 48.76402  ? 24  THR A O   1 
ATOM   166  C CB  . THR A 1 27 ? 4.99382   5.83933   -2.13274  1.000 40.71586  ? 24  THR A CB  1 
ATOM   167  O OG1 . THR A 1 27 ? 3.98179   4.87406   -2.44562  1.000 67.69309  ? 24  THR A OG1 1 
ATOM   168  C CG2 . THR A 1 27 ? 5.16012   5.92151   -0.62232  1.000 33.56099  ? 24  THR A CG2 1 
ATOM   169  N N   . ALA A 1 28 ? 6.79767   8.25317   -2.80699  1.000 40.88729  ? 25  ALA A N   1 
ATOM   170  C CA  . ALA A 1 28 ? 7.81165   9.22453   -2.40668  1.000 36.30628  ? 25  ALA A CA  1 
ATOM   171  C C   . ALA A 1 28 ? 7.37332   10.64906  -2.72193  1.000 45.27929  ? 25  ALA A C   1 
ATOM   172  O O   . ALA A 1 28 ? 7.66185   11.57839  -1.95856  1.000 46.10158  ? 25  ALA A O   1 
ATOM   173  C CB  . ALA A 1 28 ? 9.14113   8.90834   -3.09091  1.000 30.59012  ? 25  ALA A CB  1 
ATOM   174  N N   . SER A 1 29 ? 6.67495   10.84246  -3.84280  1.000 50.47207  ? 26  SER A N   1 
ATOM   175  C CA  . SER A 1 29 ? 6.17656   12.17318  -4.17428  1.000 49.91046  ? 26  SER A CA  1 
ATOM   176  C C   . SER A 1 29 ? 5.01152   12.56394  -3.27420  1.000 45.03652  ? 26  SER A C   1 
ATOM   177  O O   . SER A 1 29 ? 4.88244   13.73193  -2.88872  1.000 53.60151  ? 26  SER A O   1 
ATOM   178  C CB  . SER A 1 29 ? 5.76479   12.22973  -5.64466  1.000 34.92413  ? 26  SER A CB  1 
ATOM   179  O OG  . SER A 1 29 ? 6.87006   11.96513  -6.49147  1.000 50.36685  ? 26  SER A OG  1 
ATOM   180  N N   . LEU A 1 30 ? 4.15312   11.60034  -2.92990  1.000 40.25539  ? 27  LEU A N   1 
ATOM   181  C CA  . LEU A 1 30 ? 3.04598   11.88397  -2.02286  1.000 52.49911  ? 27  LEU A CA  1 
ATOM   182  C C   . LEU A 1 30 ? 3.55188   12.21232  -0.62452  1.000 45.02471  ? 27  LEU A C   1 
ATOM   183  O O   . LEU A 1 30 ? 3.02465   13.11393  0.03626   1.000 40.75117  ? 27  LEU A O   1 
ATOM   184  C CB  . LEU A 1 30 ? 2.08514   10.69643  -1.98306  1.000 51.12504  ? 27  LEU A CB  1 
ATOM   185  C CG  . LEU A 1 30 ? 0.78956   10.85577  -1.18870  1.000 57.75823  ? 27  LEU A CG  1 
ATOM   186  C CD1 . LEU A 1 30 ? -0.07708  11.95478  -1.78446  1.000 56.08012  ? 27  LEU A CD1 1 
ATOM   187  C CD2 . LEU A 1 30 ? 0.03623   9.53819   -1.14755  1.000 52.25692  ? 27  LEU A CD2 1 
ATOM   188  N N   . LEU A 1 31 ? 4.57559   11.49267  -0.15893  1.000 42.73667  ? 28  LEU A N   1 
ATOM   189  C CA  . LEU A 1 31 ? 5.15878   11.78921  1.14484   1.000 34.26936  ? 28  LEU A CA  1 
ATOM   190  C C   . LEU A 1 31 ? 5.84430   13.14907  1.14545   1.000 54.93799  ? 28  LEU A C   1 
ATOM   191  O O   . LEU A 1 31 ? 5.81669   13.86391  2.15410   1.000 58.88623  ? 28  LEU A O   1 
ATOM   192  C CB  . LEU A 1 31 ? 6.15139   10.69473  1.53593   1.000 38.04116  ? 28  LEU A CB  1 
ATOM   193  C CG  . LEU A 1 31 ? 5.62580   9.26652   1.68743   1.000 35.98330  ? 28  LEU A CG  1 
ATOM   194  C CD1 . LEU A 1 31 ? 6.78512   8.28325   1.72027   1.000 26.11140  ? 28  LEU A CD1 1 
ATOM   195  C CD2 . LEU A 1 31 ? 4.77243   9.13762   2.93782   1.000 42.11721  ? 28  LEU A CD2 1 
ATOM   196  N N   . ALA A 1 32 ? 6.46548   13.52230  0.02314   1.000 61.05661  ? 29  ALA A N   1 
ATOM   197  C CA  . ALA A 1 32 ? 7.18725   14.78910  -0.04013  1.000 61.96745  ? 29  ALA A CA  1 
ATOM   198  C C   . ALA A 1 32 ? 6.23662   15.97639  0.04529   1.000 62.50904  ? 29  ALA A C   1 
ATOM   199  O O   . ALA A 1 32 ? 6.57718   17.00994  0.63286   1.000 71.31333  ? 29  ALA A O   1 
ATOM   200  C CB  . ALA A 1 32 ? 8.01779   14.85586  -1.32123  1.000 55.73802  ? 29  ALA A CB  1 
ATOM   201  N N   . LYS A 1 33 ? 5.04229   15.84989  -0.53577  1.000 55.10187  ? 30  LYS A N   1 
ATOM   202  C CA  . LYS A 1 33 ? 4.06991   16.93509  -0.46804  1.000 51.12837  ? 30  LYS A CA  1 
ATOM   203  C C   . LYS A 1 33 ? 3.57423   17.13840  0.95894   1.000 50.13400  ? 30  LYS A C   1 
ATOM   204  O O   . LYS A 1 33 ? 3.59048   18.25954  1.48011   1.000 59.94215  ? 30  LYS A O   1 
ATOM   205  C CB  . LYS A 1 33 ? 2.90135   16.65163  -1.41350  1.000 42.54026  ? 30  LYS A CB  1 
ATOM   206  C CG  . LYS A 1 33 ? 3.27675   16.65502  -2.88728  1.000 41.64360  ? 30  LYS A CG  1 
ATOM   207  C CD  . LYS A 1 33 ? 2.03760   16.73934  -3.76476  1.000 52.65609  ? 30  LYS A CD  1 
ATOM   208  C CE  . LYS A 1 33 ? 2.38563   17.09393  -5.20520  1.000 72.77741  ? 30  LYS A CE  1 
ATOM   209  N NZ  . LYS A 1 33 ? 2.97317   15.94963  -5.95662  1.000 64.91795  ? 30  LYS A NZ  1 
ATOM   210  N N   . GLU A 1 34 ? 3.13713   16.05938  1.61062   1.000 50.19285  ? 31  GLU A N   1 
ATOM   211  C CA  . GLU A 1 34 ? 2.60969   16.14476  2.96665   1.000 53.53701  ? 31  GLU A CA  1 
ATOM   212  C C   . GLU A 1 34 ? 3.69081   16.36241  4.01682   1.000 68.00218  ? 31  GLU A C   1 
ATOM   213  O O   . GLU A 1 34 ? 3.35458   16.62507  5.17666   1.000 85.76014  ? 31  GLU A O   1 
ATOM   214  C CB  . GLU A 1 34 ? 1.81966   14.87558  3.29560   1.000 36.96067  ? 31  GLU A CB  1 
ATOM   215  C CG  . GLU A 1 34 ? 0.39027   14.88257  2.77774   1.000 48.95198  ? 31  GLU A CG  1 
ATOM   216  C CD  . GLU A 1 34 ? -0.06211  13.52139  2.28442   1.000 71.08141  ? 31  GLU A CD  1 
ATOM   217  O OE1 . GLU A 1 34 ? 0.51205   13.03022  1.29092   1.000 86.21437  ? 31  GLU A OE1 1 
ATOM   218  O OE2 . GLU A 1 34 ? -0.98707  12.93977  2.88994   1.000 46.80832  ? 31  GLU A OE2 1 
ATOM   219  N N   . GLY A 1 35 ? 4.96662   16.26332  3.64936   1.000 59.30422  ? 32  GLY A N   1 
ATOM   220  C CA  . GLY A 1 35 ? 6.02604   16.37077  4.63506   1.000 40.45130  ? 32  GLY A CA  1 
ATOM   221  C C   . GLY A 1 35 ? 6.01451   15.28230  5.68412   1.000 54.20837  ? 32  GLY A C   1 
ATOM   222  O O   . GLY A 1 35 ? 6.67115   15.42065  6.71913   1.000 74.32369  ? 32  GLY A O   1 
ATOM   223  N N   . LYS A 1 36 ? 5.29072   14.19336  5.43919   1.000 49.99390  ? 33  LYS A N   1 
ATOM   224  C CA  . LYS A 1 36 ? 5.14426   13.10759  6.39893   1.000 54.59475  ? 33  LYS A CA  1 
ATOM   225  C C   . LYS A 1 36 ? 6.24203   12.06865  6.19123   1.000 48.01781  ? 33  LYS A C   1 
ATOM   226  O O   . LYS A 1 36 ? 6.53775   11.68596  5.05468   1.000 51.67979  ? 33  LYS A O   1 
ATOM   227  C CB  . LYS A 1 36 ? 3.75800   12.47706  6.25464   1.000 46.40227  ? 33  LYS A CB  1 
ATOM   228  C CG  . LYS A 1 36 ? 3.54643   11.19746  7.03399   1.000 57.21804  ? 33  LYS A CG  1 
ATOM   229  C CD  . LYS A 1 36 ? 2.06338   10.88704  7.18579   1.000 54.44941  ? 33  LYS A CD  1 
ATOM   230  C CE  . LYS A 1 36 ? 1.31186   11.05877  5.87390   1.000 39.57287  ? 33  LYS A CE  1 
ATOM   231  N NZ  . LYS A 1 36 ? 1.80428   10.13919  4.81374   1.000 55.72473  ? 33  LYS A NZ  1 
ATOM   232  N N   . LEU A 1 37 ? 6.84476   11.62106  7.29071   1.000 40.72978  ? 34  LEU A N   1 
ATOM   233  C CA  . LEU A 1 37 ? 7.96980   10.69675  7.26304   1.000 54.38344  ? 34  LEU A CA  1 
ATOM   234  C C   . LEU A 1 37 ? 7.50930   9.32472   7.73966   1.000 53.45945  ? 34  LEU A C   1 
ATOM   235  O O   . LEU A 1 37 ? 6.67644   9.21874   8.64645   1.000 55.97345  ? 34  LEU A O   1 
ATOM   236  C CB  . LEU A 1 37 ? 9.12733   11.21634  8.13345   1.000 65.71969  ? 34  LEU A CB  1 
ATOM   237  C CG  . LEU A 1 37 ? 10.54858  10.69433  7.87292   1.000 81.73573  ? 34  LEU A CG  1 
ATOM   238  C CD1 . LEU A 1 37 ? 10.79897  9.31797   8.48988   1.000 90.70590  ? 34  LEU A CD1 1 
ATOM   239  C CD2 . LEU A 1 37 ? 10.85472  10.69248  6.37873   1.000 62.34808  ? 34  LEU A CD2 1 
ATOM   240  N N   . VAL A 1 38 ? 8.05652   8.27852   7.12167   1.000 58.70868  ? 35  VAL A N   1 
ATOM   241  C CA  . VAL A 1 38 ? 7.69258   6.89427   7.40896   1.000 56.19909  ? 35  VAL A CA  1 
ATOM   242  C C   . VAL A 1 38 ? 8.76994   6.26986   8.28988   1.000 43.55951  ? 35  VAL A C   1 
ATOM   243  O O   . VAL A 1 38 ? 9.95486   6.27053   7.93412   1.000 52.56593  ? 35  VAL A O   1 
ATOM   244  C CB  . VAL A 1 38 ? 7.50290   6.09101   6.10702   1.000 34.31732  ? 35  VAL A CB  1 
ATOM   245  C CG1 . VAL A 1 38 ? 7.11843   4.64888   6.40950   1.000 39.18064  ? 35  VAL A CG1 1 
ATOM   246  C CG2 . VAL A 1 38 ? 6.45082   6.75134   5.20354   1.000 35.57298  ? 35  VAL A CG2 1 
ATOM   247  N N   . GLU A 1 39 ? 8.36524   5.73377   9.44128   1.000 37.54365  ? 36  GLU A N   1 
ATOM   248  C CA  . GLU A 1 39 ? 9.30441   5.03483   10.30722  1.000 37.16960  ? 36  GLU A CA  1 
ATOM   249  C C   . GLU A 1 39 ? 9.33607   3.53735   10.05673  1.000 38.04088  ? 36  GLU A C   1 
ATOM   250  O O   . GLU A 1 39 ? 10.27617  2.86902   10.50303  1.000 45.77650  ? 36  GLU A O   1 
ATOM   251  C CB  . GLU A 1 39 ? 8.97860   5.29676   11.78175  1.000 46.67567  ? 36  GLU A CB  1 
ATOM   252  C CG  . GLU A 1 39 ? 7.56312   4.93962   12.20825  1.000 54.56636  ? 36  GLU A CG  1 
ATOM   253  C CD  . GLU A 1 39 ? 7.31864   5.25199   13.67583  1.000 52.62799  ? 36  GLU A CD  1 
ATOM   254  O OE1 . GLU A 1 39 ? 8.30863   5.48682   14.40047  1.000 44.07656  ? 36  GLU A OE1 1 
ATOM   255  O OE2 . GLU A 1 39 ? 6.14471   5.26767   14.10117  1.000 61.11822  ? 36  GLU A OE2 1 
ATOM   256  N N   . LYS A 1 40 ? 8.34119   3.00307   9.35291   1.000 35.60079  ? 37  LYS A N   1 
ATOM   257  C CA  . LYS A 1 40 ? 8.35917   1.60471   8.95559   1.000 51.04512  ? 37  LYS A CA  1 
ATOM   258  C C   . LYS A 1 40 ? 7.52303   1.38449   7.70749   1.000 45.00682  ? 37  LYS A C   1 
ATOM   259  O O   . LYS A 1 40 ? 6.37143   1.82289   7.63166   1.000 42.35919  ? 37  LYS A O   1 
ATOM   260  C CB  . LYS A 1 40 ? 7.83798   0.68613   10.05628  1.000 41.82749  ? 37  LYS A CB  1 
ATOM   261  C CG  . LYS A 1 40 ? 7.52772   -0.69226  9.52476   1.000 62.40849  ? 37  LYS A CG  1 
ATOM   262  C CD  . LYS A 1 40 ? 7.47301   -1.72505  10.60529  1.000 56.21172  ? 37  LYS A CD  1 
ATOM   263  C CE  . LYS A 1 40 ? 6.49743   -1.30550  11.67913  1.000 40.88221  ? 37  LYS A CE  1 
ATOM   264  N NZ  . LYS A 1 40 ? 6.04275   -2.45980  12.48353  1.000 47.19486  ? 37  LYS A NZ  1 
ATOM   265  N N   . LEU A 1 41 ? 8.09290   0.65042   6.75812   1.000 33.96019  ? 38  LEU A N   1 
ATOM   266  C CA  . LEU A 1 41 ? 7.41046   0.30837   5.52244   1.000 33.80355  ? 38  LEU A CA  1 
ATOM   267  C C   . LEU A 1 41 ? 7.15586   -1.18991  5.46404   1.000 41.45783  ? 38  LEU A C   1 
ATOM   268  O O   . LEU A 1 41 ? 8.08214   -1.98963  5.63142   1.000 42.52842  ? 38  LEU A O   1 
ATOM   269  C CB  . LEU A 1 41 ? 8.23099   0.75986   4.32147   1.000 27.26970  ? 38  LEU A CB  1 
ATOM   270  C CG  . LEU A 1 41 ? 7.73409   0.32024   2.95110   1.000 24.63237  ? 38  LEU A CG  1 
ATOM   271  C CD1 . LEU A 1 41 ? 6.37532   0.92897   2.64721   1.000 21.50659  ? 38  LEU A CD1 1 
ATOM   272  C CD2 . LEU A 1 41 ? 8.75043   0.68976   1.88610   1.000 37.76968  ? 38  LEU A CD2 1 
ATOM   273  N N   . ILE A 1 42 ? 5.90132   -1.56273  5.23028   1.000 47.48744  ? 39  ILE A N   1 
ATOM   274  C CA  . ILE A 1 42 ? 5.50243   -2.95416  5.05518   1.000 44.09560  ? 39  ILE A CA  1 
ATOM   275  C C   . ILE A 1 42 ? 5.05104   -3.13278  3.61454   1.000 40.26813  ? 39  ILE A C   1 
ATOM   276  O O   . ILE A 1 42 ? 4.06842   -2.51919  3.17854   1.000 44.12758  ? 39  ILE A O   1 
ATOM   277  C CB  . ILE A 1 42 ? 4.39855   -3.35940  6.04171   1.000 41.87162  ? 39  ILE A CB  1 
ATOM   278  C CG1 . ILE A 1 42 ? 4.98546   -3.50451  7.44555   1.000 34.07205  ? 39  ILE A CG1 1 
ATOM   279  C CG2 . ILE A 1 42 ? 3.72608   -4.64713  5.59412   1.000 38.01898  ? 39  ILE A CG2 1 
ATOM   280  C CD1 . ILE A 1 42 ? 4.07367   -3.00742  8.54432   1.000 55.59809  ? 39  ILE A CD1 1 
ATOM   281  N N   . LEU A 1 43 ? 5.77084   -3.97263  2.87996   1.000 37.89734  ? 40  LEU A N   1 
ATOM   282  C CA  . LEU A 1 43 ? 5.53209   -4.19976  1.46152   1.000 44.49253  ? 40  LEU A CA  1 
ATOM   283  C C   . LEU A 1 43 ? 4.96414   -5.60004  1.27605   1.000 38.71677  ? 40  LEU A C   1 
ATOM   284  O O   . LEU A 1 43 ? 5.59625   -6.58676  1.66848   1.000 42.61064  ? 40  LEU A O   1 
ATOM   285  C CB  . LEU A 1 43 ? 6.82438   -4.03021  0.66423   1.000 40.48963  ? 40  LEU A CB  1 
ATOM   286  C CG  . LEU A 1 43 ? 6.71667   -3.49134  -0.76513  1.000 50.80488  ? 40  LEU A CG  1 
ATOM   287  C CD1 . LEU A 1 43 ? 8.10227   -3.34775  -1.36630  1.000 76.37568  ? 40  LEU A CD1 1 
ATOM   288  C CD2 . LEU A 1 43 ? 5.83696   -4.37695  -1.63772  1.000 37.90607  ? 40  LEU A CD2 1 
ATOM   289  N N   . THR A 1 44 ? 3.76804   -5.68111  0.69835   1.000 31.97898  ? 41  THR A N   1 
ATOM   290  C CA  . THR A 1 44 ? 3.10054   -6.94934  0.43175   1.000 37.72753  ? 41  THR A CA  1 
ATOM   291  C C   . THR A 1 44 ? 2.88887   -7.08565  -1.06833  1.000 39.89450  ? 41  THR A C   1 
ATOM   292  O O   . THR A 1 44 ? 2.13871   -6.30257  -1.66423  1.000 32.40997  ? 41  THR A O   1 
ATOM   293  C CB  . THR A 1 44 ? 1.76325   -7.04428  1.17325   1.000 42.27460  ? 41  THR A CB  1 
ATOM   294  O OG1 . THR A 1 44 ? 0.97644   -5.87353  0.91518   1.000 60.13067  ? 41  THR A OG1 1 
ATOM   295  C CG2 . THR A 1 44 ? 1.98629   -7.18920  2.67719   1.000 42.73535  ? 41  THR A CG2 1 
ATOM   296  N N   . SER A 1 45 ? 3.54417   -8.08301  -1.67143  1.000 55.68038  ? 42  SER A N   1 
ATOM   297  C CA  . SER A 1 45 ? 3.44298   -8.30433  -3.11095  1.000 50.66522  ? 42  SER A CA  1 
ATOM   298  C C   . SER A 1 45 ? 4.09757   -9.61388  -3.53133  1.000 53.70555  ? 42  SER A C   1 
ATOM   299  O O   . SER A 1 45 ? 4.43918   -10.44360 -2.68258  1.000 58.57027  ? 42  SER A O   1 
ATOM   300  C CB  . SER A 1 45 ? 4.07093   -7.14083  -3.87775  1.000 43.97711  ? 42  SER A CB  1 
ATOM   301  O OG  . SER A 1 45 ? 5.38817   -6.90564  -3.42747  1.000 46.63248  ? 42  SER A OG  1 
ATOM   302  N N   . ASN A 1 46 ? 4.30735   -9.78918  -4.83798  1.000 54.31261  ? 43  ASN A N   1 
ATOM   303  C CA  . ASN A 1 46 ? 4.81642   -11.03569 -5.39526  1.000 49.13200  ? 43  ASN A CA  1 
ATOM   304  C C   . ASN A 1 46 ? 6.28340   -10.95478 -5.81263  1.000 43.19690  ? 43  ASN A C   1 
ATOM   305  O O   . ASN A 1 46 ? 6.72966   -11.76782 -6.62993  1.000 73.98545  ? 43  ASN A O   1 
ATOM   306  C CB  . ASN A 1 46 ? 3.97168   -11.46185 -6.59694  1.000 48.61956  ? 43  ASN A CB  1 
ATOM   307  C CG  . ASN A 1 46 ? 2.51803   -11.68760 -6.24463  1.000 76.03900  ? 43  ASN A CG  1 
ATOM   308  O OD1 . ASN A 1 46 ? 1.62065   -11.11098 -6.86419  1.000 75.26072  ? 43  ASN A OD1 1 
ATOM   309  N ND2 . ASN A 1 46 ? 2.27465   -12.52524 -5.24603  1.000 81.46971  ? 43  ASN A ND2 1 
ATOM   310  N N   . PHE A 1 47 ? 7.04299   -10.00778 -5.27188  1.000 51.83928  ? 44  PHE A N   1 
ATOM   311  C CA  . PHE A 1 47 ? 8.42652   -9.80268  -5.67303  1.000 46.24245  ? 44  PHE A CA  1 
ATOM   312  C C   . PHE A 1 47 ? 9.37963   -10.24728 -4.57318  1.000 50.39727  ? 44  PHE A C   1 
ATOM   313  O O   . PHE A 1 47 ? 9.06820   -10.16297 -3.38166  1.000 56.82037  ? 44  PHE A O   1 
ATOM   314  C CB  . PHE A 1 47 ? 8.68691   -8.33455  -6.01018  1.000 54.99708  ? 44  PHE A CB  1 
ATOM   315  C CG  . PHE A 1 47 ? 7.49790   -7.63958  -6.58896  1.000 81.12188  ? 44  PHE A CG  1 
ATOM   316  C CD1 . PHE A 1 47 ? 6.96908   -8.04081  -7.79253  1.000 89.13929  ? 44  PHE A CD1 1 
ATOM   317  C CD2 . PHE A 1 47 ? 6.89534   -6.59769  -5.92188  1.000 75.90366  ? 44  PHE A CD2 1 
ATOM   318  C CE1 . PHE A 1 47 ? 5.86700   -7.40892  -8.31553  1.000 88.60699  ? 44  PHE A CE1 1 
ATOM   319  C CE2 . PHE A 1 47 ? 5.78830   -5.95439  -6.44902  1.000 70.56880  ? 44  PHE A CE2 1 
ATOM   320  C CZ  . PHE A 1 47 ? 5.27107   -6.35959  -7.64414  1.000 62.08703  ? 44  PHE A CZ  1 
ATOM   321  N N   . THR A 1 48 ? 10.55050  -10.71888 -4.98992  1.000 60.09345  ? 45  THR A N   1 
ATOM   322  C CA  . THR A 1 48 ? 11.58542  -11.09126 -4.04427  1.000 51.37720  ? 45  THR A CA  1 
ATOM   323  C C   . THR A 1 48 ? 12.16363  -9.84566  -3.37605  1.000 56.94718  ? 45  THR A C   1 
ATOM   324  O O   . THR A 1 48 ? 11.91356  -8.70525  -3.78271  1.000 53.77104  ? 45  THR A O   1 
ATOM   325  C CB  . THR A 1 48 ? 12.69045  -11.88068 -4.74380  1.000 39.13178  ? 45  THR A CB  1 
ATOM   326  O OG1 . THR A 1 48 ? 13.06124  -11.20798 -5.95345  1.000 45.27037  ? 45  THR A OG1 1 
ATOM   327  C CG2 . THR A 1 48 ? 12.21000  -13.28204 -5.07442  1.000 41.89501  ? 45  THR A CG2 1 
ATOM   328  N N   . GLU A 1 49 ? 12.94620  -10.08348 -2.32371  1.000 53.43915  ? 46  GLU A N   1 
ATOM   329  C CA  . GLU A 1 49 ? 13.62562  -8.98996  -1.64107  1.000 41.96829  ? 46  GLU A CA  1 
ATOM   330  C C   . GLU A 1 49 ? 14.58589  -8.27057  -2.58106  1.000 51.34507  ? 46  GLU A C   1 
ATOM   331  O O   . GLU A 1 49 ? 14.76709  -7.05086  -2.48642  1.000 45.02825  ? 46  GLU A O   1 
ATOM   332  C CB  . GLU A 1 49 ? 14.36851  -9.53153  -0.41915  1.000 50.93224  ? 46  GLU A CB  1 
ATOM   333  C CG  . GLU A 1 49 ? 13.51397  -10.35584 0.54159   1.000 52.54394  ? 46  GLU A CG  1 
ATOM   334  C CD  . GLU A 1 49 ? 13.30588  -11.79507 0.09410   1.000 101.18682 ? 46  GLU A CD  1 
ATOM   335  O OE1 . GLU A 1 49 ? 13.34174  -12.06454 -1.12595  1.000 109.34440 ? 46  GLU A OE1 1 
ATOM   336  O OE2 . GLU A 1 49 ? 13.10306  -12.66134 0.97104   1.000 113.98239 ? 46  GLU A OE2 1 
ATOM   337  N N   . ARG A 1 50 ? 15.20187  -9.01155  -3.50443  1.000 53.28905  ? 47  ARG A N   1 
ATOM   338  C CA  . ARG A 1 50 ? 16.17331  -8.41677  -4.41637  1.000 40.94511  ? 47  ARG A CA  1 
ATOM   339  C C   . ARG A 1 50 ? 15.49325  -7.49683  -5.42433  1.000 55.54180  ? 47  ARG A C   1 
ATOM   340  O O   . ARG A 1 50 ? 15.97337  -6.38844  -5.69141  1.000 47.61280  ? 47  ARG A O   1 
ATOM   341  C CB  . ARG A 1 50 ? 16.95121  -9.52030  -5.13180  1.000 47.47820  ? 47  ARG A CB  1 
ATOM   342  C CG  . ARG A 1 50 ? 18.21556  -9.04763  -5.81839  1.000 56.42426  ? 47  ARG A CG  1 
ATOM   343  C CD  . ARG A 1 50 ? 18.82135  -10.15671 -6.66039  1.000 65.73166  ? 47  ARG A CD  1 
ATOM   344  N NE  . ARG A 1 50 ? 20.22679  -9.90660  -6.95502  1.000 93.12165  ? 47  ARG A NE  1 
ATOM   345  C CZ  . ARG A 1 50 ? 20.66206  -9.13245  -7.93976  1.000 88.43807  ? 47  ARG A CZ  1 
ATOM   346  N NH1 . ARG A 1 50 ? 19.82398  -8.51189  -8.75396  1.000 90.03627  ? 47  ARG A NH1 1 
ATOM   347  N NH2 . ARG A 1 50 ? 21.97159  -8.97378  -8.10945  1.000 65.63788  ? 47  ARG A NH2 1 
ATOM   348  N N   . THR A 1 51 ? 14.37377  -7.94600  -6.00060  1.000 54.70733  ? 48  THR A N   1 
ATOM   349  C CA  . THR A 1 51 ? 13.64325  -7.11952  -6.95708  1.000 55.36412  ? 48  THR A CA  1 
ATOM   350  C C   . THR A 1 51 ? 13.14046  -5.83301  -6.31317  1.000 39.51884  ? 48  THR A C   1 
ATOM   351  O O   . THR A 1 51 ? 13.06185  -4.79330  -6.97840  1.000 44.57921  ? 48  THR A O   1 
ATOM   352  C CB  . THR A 1 51 ? 12.47782  -7.91548  -7.55141  1.000 62.04420  ? 48  THR A CB  1 
ATOM   353  O OG1 . THR A 1 51 ? 12.97517  -9.12510  -8.13742  1.000 49.76964  ? 48  THR A OG1 1 
ATOM   354  C CG2 . THR A 1 51 ? 11.75424  -7.10643  -8.62078  1.000 51.61279  ? 48  THR A CG2 1 
ATOM   355  N N   . VAL A 1 52 ? 12.81098  -5.87824  -5.02123  1.000 41.76809  ? 49  VAL A N   1 
ATOM   356  C CA  . VAL A 1 52 ? 12.38722  -4.67133  -4.31750  1.000 46.78546  ? 49  VAL A CA  1 
ATOM   357  C C   . VAL A 1 52 ? 13.54695  -3.68839  -4.19750  1.000 47.72385  ? 49  VAL A C   1 
ATOM   358  O O   . VAL A 1 52 ? 13.38723  -2.48353  -4.42997  1.000 48.10184  ? 49  VAL A O   1 
ATOM   359  C CB  . VAL A 1 52 ? 11.80520  -5.03318  -2.93924  1.000 52.45106  ? 49  VAL A CB  1 
ATOM   360  C CG1 . VAL A 1 52 ? 11.60186  -3.78048  -2.10377  1.000 37.74669  ? 49  VAL A CG1 1 
ATOM   361  C CG2 . VAL A 1 52 ? 10.49578  -5.79287  -3.10153  1.000 42.90207  ? 49  VAL A CG2 1 
ATOM   362  N N   . ARG A 1 53 ? 14.73158  -4.18845  -3.83088  1.000 44.79309  ? 50  ARG A N   1 
ATOM   363  C CA  . ARG A 1 53 ? 15.91036  -3.33124  -3.73066  1.000 44.32747  ? 50  ARG A CA  1 
ATOM   364  C C   . ARG A 1 53 ? 16.25367  -2.71531  -5.08126  1.000 52.31043  ? 50  ARG A C   1 
ATOM   365  O O   . ARG A 1 53 ? 16.51069  -1.50923  -5.18062  1.000 41.74146  ? 50  ARG A O   1 
ATOM   366  C CB  . ARG A 1 53 ? 17.10062  -4.13158  -3.19606  1.000 60.10526  ? 50  ARG A CB  1 
ATOM   367  C CG  . ARG A 1 53 ? 17.00593  -4.53202  -1.73447  1.000 86.39982  ? 50  ARG A CG  1 
ATOM   368  C CD  . ARG A 1 53 ? 17.66059  -5.89202  -1.50964  1.000 90.27101  ? 50  ARG A CD  1 
ATOM   369  N NE  . ARG A 1 53 ? 17.64979  -6.30785  -0.11214  1.000 82.63122  ? 50  ARG A NE  1 
ATOM   370  C CZ  . ARG A 1 53 ? 16.55977  -6.63125  0.57061   1.000 62.35763  ? 50  ARG A CZ  1 
ATOM   371  N NH1 . ARG A 1 53 ? 15.35238  -6.53473  0.03716   1.000 67.26684  ? 50  ARG A NH1 1 
ATOM   372  N NH2 . ARG A 1 53 ? 16.68346  -7.05612  1.82392   1.000 58.43214  ? 50  ARG A NH2 1 
ATOM   373  N N   . ARG A 1 54 ? 16.27296  -3.53483  -6.13479  1.000 49.30874  ? 51  ARG A N   1 
ATOM   374  C CA  . ARG A 1 54 ? 16.61752  -3.01997  -7.45559  1.000 26.76883  ? 51  ARG A CA  1 
ATOM   375  C C   . ARG A 1 54 ? 15.58464  -2.00904  -7.93685  1.000 29.75453  ? 51  ARG A C   1 
ATOM   376  O O   . ARG A 1 54 ? 15.93370  -1.02977  -8.60623  1.000 36.15265  ? 51  ARG A O   1 
ATOM   377  C CB  . ARG A 1 54 ? 16.75998  -4.17202  -8.45103  1.000 46.88741  ? 51  ARG A CB  1 
ATOM   378  C CG  . ARG A 1 54 ? 17.56458  -3.82221  -9.69766  1.000 43.90530  ? 51  ARG A CG  1 
ATOM   379  C CD  . ARG A 1 54 ? 16.69289  -3.21081  -10.78328 1.000 47.59535  ? 51  ARG A CD  1 
ATOM   380  N NE  . ARG A 1 54 ? 17.46047  -2.35835  -11.68344 1.000 67.85162  ? 51  ARG A NE  1 
ATOM   381  C CZ  . ARG A 1 54 ? 18.04441  -2.77952  -12.79636 1.000 81.19226  ? 51  ARG A CZ  1 
ATOM   382  N NH1 . ARG A 1 54 ? 17.99136  -4.04800  -13.16578 1.000 94.73982  ? 51  ARG A NH1 1 
ATOM   383  N NH2 . ARG A 1 54 ? 18.70149  -1.90810  -13.55631 1.000 74.72351  ? 51  ARG A NH2 1 
ATOM   384  N N   . ALA A 1 55 ? 14.30914  -2.23037  -7.60988  1.000 35.68038  ? 52  ALA A N   1 
ATOM   385  C CA  . ALA A 1 55 ? 13.28857  -1.23127  -7.90811  1.000 46.64906  ? 52  ALA A CA  1 
ATOM   386  C C   . ALA A 1 55 ? 13.62747  0.10190   -7.25365  1.000 44.96207  ? 52  ALA A C   1 
ATOM   387  O O   . ALA A 1 55 ? 13.67410  1.13819   -7.92493  1.000 42.51972  ? 52  ALA A O   1 
ATOM   388  C CB  . ALA A 1 55 ? 11.91658  -1.72450  -7.45004  1.000 32.71676  ? 52  ALA A CB  1 
ATOM   389  N N   . PHE A 1 56 ? 13.89147  0.08319   -5.94081  1.000 48.42090  ? 53  PHE A N   1 
ATOM   390  C CA  . PHE A 1 56 ? 14.23834  1.29892   -5.20696  1.000 44.60954  ? 53  PHE A CA  1 
ATOM   391  C C   . PHE A 1 56 ? 15.39488  2.04700   -5.85675  1.000 45.92780  ? 53  PHE A C   1 
ATOM   392  O O   . PHE A 1 56 ? 15.41322  3.28342   -5.87249  1.000 34.41720  ? 53  PHE A O   1 
ATOM   393  C CB  . PHE A 1 56 ? 14.59690  0.95160   -3.76234  1.000 36.07942  ? 53  PHE A CB  1 
ATOM   394  C CG  . PHE A 1 56 ? 13.43644  1.00814   -2.80966  1.000 44.54945  ? 53  PHE A CG  1 
ATOM   395  C CD1 . PHE A 1 56 ? 12.81481  2.21226   -2.52318  1.000 39.32604  ? 53  PHE A CD1 1 
ATOM   396  C CD2 . PHE A 1 56 ? 12.98721  -0.13896  -2.17657  1.000 42.32200  ? 53  PHE A CD2 1 
ATOM   397  C CE1 . PHE A 1 56 ? 11.75247  2.26765   -1.63921  1.000 34.38792  ? 53  PHE A CE1 1 
ATOM   398  C CE2 . PHE A 1 56 ? 11.92775  -0.09065  -1.28999  1.000 38.25858  ? 53  PHE A CE2 1 
ATOM   399  C CZ  . PHE A 1 56 ? 11.30807  1.11479   -1.02074  1.000 25.24100  ? 53  PHE A CZ  1 
ATOM   400  N N   . ASP A 1 57 ? 16.38184  1.31358   -6.37976  1.000 33.60437  ? 54  ASP A N   1 
ATOM   401  C CA  . ASP A 1 57 ? 17.49867  1.96232   -7.06003  1.000 32.81257  ? 54  ASP A CA  1 
ATOM   402  C C   . ASP A 1 57 ? 17.01651  2.76980   -8.25693  1.000 39.41602  ? 54  ASP A C   1 
ATOM   403  O O   . ASP A 1 57 ? 17.47246  3.89745   -8.48200  1.000 48.35813  ? 54  ASP A O   1 
ATOM   404  C CB  . ASP A 1 57 ? 18.52876  0.92179   -7.50152  1.000 58.13072  ? 54  ASP A CB  1 
ATOM   405  C CG  . ASP A 1 57 ? 19.25297  0.28153   -6.33249  1.000 64.18625  ? 54  ASP A CG  1 
ATOM   406  O OD1 . ASP A 1 57 ? 19.36436  0.92991   -5.26997  1.000 72.71746  ? 54  ASP A OD1 1 
ATOM   407  O OD2 . ASP A 1 57 ? 19.71778  -0.86878  -6.47936  1.000 65.73232  ? 54  ASP A OD2 1 
ATOM   408  N N   . LEU A 1 58 ? 16.08685  2.21005   -9.03305  1.000 40.76945  ? 55  LEU A N   1 
ATOM   409  C CA  . LEU A 1 58 ? 15.55924  2.92861   -10.18600 1.000 38.35883  ? 55  LEU A CA  1 
ATOM   410  C C   . LEU A 1 58 ? 14.69031  4.10649   -9.76527  1.000 36.72965  ? 55  LEU A C   1 
ATOM   411  O O   . LEU A 1 58 ? 14.63356  5.11478   -10.47687 1.000 47.97528  ? 55  LEU A O   1 
ATOM   412  C CB  . LEU A 1 58 ? 14.77566  1.97100   -11.08379 1.000 31.69758  ? 55  LEU A CB  1 
ATOM   413  C CG  . LEU A 1 58 ? 15.61694  0.88187   -11.75650 1.000 39.52484  ? 55  LEU A CG  1 
ATOM   414  C CD1 . LEU A 1 58 ? 14.73868  -0.24792  -12.26545 1.000 38.52682  ? 55  LEU A CD1 1 
ATOM   415  C CD2 . LEU A 1 58 ? 16.44397  1.46873   -12.89241 1.000 50.97853  ? 55  LEU A CD2 1 
ATOM   416  N N   . VAL A 1 59 ? 14.01462  4.00864   -8.61958  1.000 34.65961  ? 56  VAL A N   1 
ATOM   417  C CA  . VAL A 1 59 ? 13.22422  5.13947   -8.14386  1.000 40.20881  ? 56  VAL A CA  1 
ATOM   418  C C   . VAL A 1 59 ? 14.13024  6.31896   -7.81616  1.000 38.16398  ? 56  VAL A C   1 
ATOM   419  O O   . VAL A 1 59 ? 13.80993  7.47158   -8.12988  1.000 34.80678  ? 56  VAL A O   1 
ATOM   420  C CB  . VAL A 1 59 ? 12.37042  4.72696   -6.93146  1.000 39.96951  ? 56  VAL A CB  1 
ATOM   421  C CG1 . VAL A 1 59 ? 11.31780  5.78533   -6.62993  1.000 55.50789  ? 56  VAL A CG1 1 
ATOM   422  C CG2 . VAL A 1 59 ? 11.71957  3.38268   -7.17572  1.000 53.30809  ? 56  VAL A CG2 1 
ATOM   423  N N   . ARG A 1 60 ? 15.27676  6.05010   -7.18649  1.000 36.78835  ? 57  ARG A N   1 
ATOM   424  C CA  . ARG A 1 60 ? 16.22088  7.11630   -6.87021  1.000 39.90717  ? 57  ARG A CA  1 
ATOM   425  C C   . ARG A 1 60 ? 16.79798  7.73615   -8.13761  1.000 43.12065  ? 57  ARG A C   1 
ATOM   426  O O   . ARG A 1 60 ? 16.95470  8.96013   -8.22442  1.000 49.32024  ? 57  ARG A O   1 
ATOM   427  C CB  . ARG A 1 60 ? 17.33494  6.56988   -5.97603  1.000 62.02548  ? 57  ARG A CB  1 
ATOM   428  C CG  . ARG A 1 60 ? 18.51767  7.50646   -5.79218  1.000 70.26379  ? 57  ARG A CG  1 
ATOM   429  C CD  . ARG A 1 60 ? 19.60997  6.84918   -4.96156  1.000 60.74757  ? 57  ARG A CD  1 
ATOM   430  N NE  . ARG A 1 60 ? 20.81807  7.66304   -4.90368  1.000 78.61343  ? 57  ARG A NE  1 
ATOM   431  C CZ  . ARG A 1 60 ? 21.03421  8.62194   -4.01374  1.000 84.97019  ? 57  ARG A CZ  1 
ATOM   432  N NH1 . ARG A 1 60 ? 20.13914  8.91852   -3.08550  1.000 73.67815  ? 57  ARG A NH1 1 
ATOM   433  N NH2 . ARG A 1 60 ? 22.17665  9.30149   -4.05705  1.000 73.69023  ? 57  ARG A NH2 1 
ATOM   434  N N   . GLU A 1 61 ? 17.11251  6.90755   -9.13637  1.000 57.75276  ? 58  GLU A N   1 
ATOM   435  C CA  . GLU A 1 61 ? 17.67078  7.42776   -10.38140 1.000 49.69068  ? 58  GLU A CA  1 
ATOM   436  C C   . GLU A 1 61 ? 16.64396  8.24124   -11.15915 1.000 48.26677  ? 58  GLU A C   1 
ATOM   437  O O   . GLU A 1 61 ? 16.93801  9.35232   -11.61700 1.000 42.00834  ? 58  GLU A O   1 
ATOM   438  C CB  . GLU A 1 61 ? 18.19576  6.27917   -11.24406 1.000 45.00448  ? 58  GLU A CB  1 
ATOM   439  C CG  . GLU A 1 61 ? 18.27557  6.61594   -12.72687 1.000 72.33638  ? 58  GLU A CG  1 
ATOM   440  C CD  . GLU A 1 61 ? 19.04506  5.58633   -13.53669 1.000 71.10957  ? 58  GLU A CD  1 
ATOM   441  O OE1 . GLU A 1 61 ? 18.67745  4.39385   -13.49743 1.000 61.20971  ? 58  GLU A OE1 1 
ATOM   442  O OE2 . GLU A 1 61 ? 20.02599  5.97488   -14.20721 1.000 69.12376  ? 58  GLU A OE2 1 
ATOM   443  N N   . LEU A 1 62 ? 15.43829  7.70031   -11.32881 1.000 42.30756  ? 59  LEU A N   1 
ATOM   444  C CA  . LEU A 1 62 ? 14.43441  8.33931   -12.16872 1.000 41.60326  ? 59  LEU A CA  1 
ATOM   445  C C   . LEU A 1 62 ? 13.73452  9.50412   -11.47777 1.000 51.89482  ? 59  LEU A C   1 
ATOM   446  O O   . LEU A 1 62 ? 13.14811  10.35023  -12.16253 1.000 54.23805  ? 59  LEU A O   1 
ATOM   447  C CB  . LEU A 1 62 ? 13.40730  7.29887   -12.62218 1.000 36.13549  ? 59  LEU A CB  1 
ATOM   448  C CG  . LEU A 1 62 ? 13.96708  6.13022   -13.43728 1.000 30.67033  ? 59  LEU A CG  1 
ATOM   449  C CD1 . LEU A 1 62 ? 13.00638  4.95478   -13.49254 1.000 30.63372  ? 59  LEU A CD1 1 
ATOM   450  C CD2 . LEU A 1 62 ? 14.26344  6.61457   -14.82701 1.000 32.53574  ? 59  LEU A CD2 1 
ATOM   451  N N   . LEU A 1 63 ? 13.78543  9.57335   -10.14832 1.000 52.48979  ? 60  LEU A N   1 
ATOM   452  C CA  . LEU A 1 63 ? 13.19853  10.67337  -9.38346  1.000 46.66496  ? 60  LEU A CA  1 
ATOM   453  C C   . LEU A 1 63 ? 14.23807  11.18993  -8.39119  1.000 48.29317  ? 60  LEU A C   1 
ATOM   454  O O   . LEU A 1 63 ? 14.12906  10.96296  -7.18174  1.000 42.18340  ? 60  LEU A O   1 
ATOM   455  C CB  . LEU A 1 63 ? 11.92429  10.22407  -8.66572  1.000 41.27381  ? 60  LEU A CB  1 
ATOM   456  C CG  . LEU A 1 63 ? 10.93285  11.31629  -8.25789  1.000 46.27028  ? 60  LEU A CG  1 
ATOM   457  C CD1 . LEU A 1 63 ? 10.23491  11.88111  -9.48629  1.000 34.58708  ? 60  LEU A CD1 1 
ATOM   458  C CD2 . LEU A 1 63 ? 9.92099   10.78298  -7.25347  1.000 40.55165  ? 60  LEU A CD2 1 
ATOM   459  N N   . PRO A 1 64 ? 15.26213  11.89749  -8.88214  1.000 48.42765  ? 61  PRO A N   1 
ATOM   460  C CA  . PRO A 1 64 ? 16.34416  12.32049  -7.97632  1.000 50.42414  ? 61  PRO A CA  1 
ATOM   461  C C   . PRO A 1 64 ? 15.90726  13.35955  -6.96149  1.000 40.25911  ? 61  PRO A C   1 
ATOM   462  O O   . PRO A 1 64 ? 16.51848  13.45305  -5.88972  1.000 60.69069  ? 61  PRO A O   1 
ATOM   463  C CB  . PRO A 1 64 ? 17.40880  12.88170  -8.93427  1.000 55.14395  ? 61  PRO A CB  1 
ATOM   464  C CG  . PRO A 1 64 ? 17.01147  12.40188  -10.30340 1.000 46.49064  ? 61  PRO A CG  1 
ATOM   465  C CD  . PRO A 1 64 ? 15.52016  12.30736  -10.26933 1.000 42.74623  ? 61  PRO A CD  1 
ATOM   466  N N   . ALA A 1 65 ? 14.87126  14.14600  -7.26417  1.000 43.60644  ? 62  ALA A N   1 
ATOM   467  C CA  . ALA A 1 65 ? 14.40139  15.15973  -6.32748  1.000 47.61649  ? 62  ALA A CA  1 
ATOM   468  C C   . ALA A 1 65 ? 13.82430  14.55276  -5.05582  1.000 61.08166  ? 62  ALA A C   1 
ATOM   469  O O   . ALA A 1 65 ? 13.69709  15.25871  -4.05013  1.000 59.92277  ? 62  ALA A O   1 
ATOM   470  C CB  . ALA A 1 65 ? 13.35721  16.05301  -6.99825  1.000 47.09590  ? 62  ALA A CB  1 
ATOM   471  N N   . LYS A 1 66 ? 13.47066  13.26706  -5.07705  1.000 61.92430  ? 63  LYS A N   1 
ATOM   472  C CA  . LYS A 1 66 ? 12.95985  12.56944  -3.90381  1.000 57.63352  ? 63  LYS A CA  1 
ATOM   473  C C   . LYS A 1 66 ? 13.90078  11.46209  -3.44044  1.000 48.42847  ? 63  LYS A C   1 
ATOM   474  O O   . LYS A 1 66 ? 13.46976  10.54050  -2.74046  1.000 47.92027  ? 63  LYS A O   1 
ATOM   475  C CB  . LYS A 1 66 ? 11.56696  11.99857  -4.18237  1.000 53.42430  ? 63  LYS A CB  1 
ATOM   476  C CG  . LYS A 1 66 ? 10.42181  12.99714  -4.02908  1.000 54.20004  ? 63  LYS A CG  1 
ATOM   477  C CD  . LYS A 1 66 ? 10.39299  14.01965  -5.15626  1.000 47.67583  ? 63  LYS A CD  1 
ATOM   478  C CE  . LYS A 1 66 ? 9.33169   15.08137  -4.91497  1.000 51.00456  ? 63  LYS A CE  1 
ATOM   479  N NZ  . LYS A 1 66 ? 9.36230   16.14211  -5.95961  1.000 49.37774  ? 63  LYS A NZ  1 
ATOM   480  N N   . ALA A 1 67 ? 15.18326  11.54402  -3.80865  1.000 41.27564  ? 64  ALA A N   1 
ATOM   481  C CA  . ALA A 1 67 ? 16.11902  10.46432  -3.50842  1.000 46.23779  ? 64  ALA A CA  1 
ATOM   482  C C   . ALA A 1 67 ? 16.30408  10.26697  -2.00967  1.000 53.00994  ? 64  ALA A C   1 
ATOM   483  O O   . ALA A 1 67 ? 16.55536  9.14290   -1.56044  1.000 53.19826  ? 64  ALA A O   1 
ATOM   484  C CB  . ALA A 1 67 ? 17.46669  10.73874  -4.17570  1.000 58.21037  ? 64  ALA A CB  1 
ATOM   485  N N   . GLU A 1 68 ? 16.18759  11.33856  -1.22218  1.000 52.29738  ? 65  GLU A N   1 
ATOM   486  C CA  . GLU A 1 68 ? 16.35025  11.21240  0.22316   1.000 52.19803  ? 65  GLU A CA  1 
ATOM   487  C C   . GLU A 1 68 ? 15.21715  10.39913  0.83875   1.000 42.87928  ? 65  GLU A C   1 
ATOM   488  O O   . GLU A 1 68 ? 15.44970  9.58611   1.74097   1.000 42.24867  ? 65  GLU A O   1 
ATOM   489  C CB  . GLU A 1 68 ? 16.44216  12.59748  0.87205   1.000 66.74040  ? 65  GLU A CB  1 
ATOM   490  C CG  . GLU A 1 68 ? 15.23316  13.50364  0.65190   1.000 81.97445  ? 65  GLU A CG  1 
ATOM   491  C CD  . GLU A 1 68 ? 15.16679  14.07074  -0.75413  1.000 86.44425  ? 65  GLU A CD  1 
ATOM   492  O OE1 . GLU A 1 68 ? 16.22496  14.46120  -1.29166  1.000 76.22181  ? 65  GLU A OE1 1 
ATOM   493  O OE2 . GLU A 1 68 ? 14.05846  14.11110  -1.32664  1.000 68.84977  ? 65  GLU A OE2 1 
ATOM   494  N N   . ILE A 1 69 ? 13.98668  10.59615  0.36006   1.000 37.13155  ? 66  ILE A N   1 
ATOM   495  C CA  . ILE A 1 69 ? 12.85969  9.82210   0.87042   1.000 48.83118  ? 66  ILE A CA  1 
ATOM   496  C C   . ILE A 1 69 ? 12.91557  8.39231   0.34515   1.000 51.30585  ? 66  ILE A C   1 
ATOM   497  O O   . ILE A 1 69 ? 12.55288  7.44145   1.04908   1.000 48.39704  ? 66  ILE A O   1 
ATOM   498  C CB  . ILE A 1 69 ? 11.53245  10.51586  0.50817   1.000 52.26497  ? 66  ILE A CB  1 
ATOM   499  C CG1 . ILE A 1 69 ? 11.43848  11.87912  1.19627   1.000 47.93669  ? 66  ILE A CG1 1 
ATOM   500  C CG2 . ILE A 1 69 ? 10.34070  9.64981   0.88898   1.000 34.97307  ? 66  ILE A CG2 1 
ATOM   501  C CD1 . ILE A 1 69 ? 11.46792  13.04937  0.24161   1.000 60.21617  ? 66  ILE A CD1 1 
ATOM   502  N N   . ILE A 1 70 ? 13.38538  8.21615   -0.89227  1.000 39.92135  ? 67  ILE A N   1 
ATOM   503  C CA  . ILE A 1 70 ? 13.47170  6.88215   -1.48097  1.000 42.99946  ? 67  ILE A CA  1 
ATOM   504  C C   . ILE A 1 70 ? 14.46943  6.02133   -0.71569  1.000 42.15926  ? 67  ILE A C   1 
ATOM   505  O O   . ILE A 1 70 ? 14.21928  4.83766   -0.45479  1.000 49.14258  ? 67  ILE A O   1 
ATOM   506  C CB  . ILE A 1 70 ? 13.83553  6.98645   -2.97397  1.000 38.78734  ? 67  ILE A CB  1 
ATOM   507  C CG1 . ILE A 1 70 ? 12.70635  7.66771   -3.74818  1.000 31.40538  ? 67  ILE A CG1 1 
ATOM   508  C CG2 . ILE A 1 70 ? 14.12964  5.61327   -3.55584  1.000 29.09105  ? 67  ILE A CG2 1 
ATOM   509  C CD1 . ILE A 1 70 ? 13.15216  8.27928   -5.05540  1.000 31.14207  ? 67  ILE A CD1 1 
ATOM   510  N N   . ASP A 1 71 ? 15.61187  6.60072   -0.33812  1.000 43.59771  ? 68  ASP A N   1 
ATOM   511  C CA  . ASP A 1 71 ? 16.61123  5.84418   0.41072   1.000 50.14555  ? 68  ASP A CA  1 
ATOM   512  C C   . ASP A 1 71 ? 16.09413  5.45077   1.78923   1.000 48.65279  ? 68  ASP A C   1 
ATOM   513  O O   . ASP A 1 71 ? 16.37665  4.34750   2.27122   1.000 48.89064  ? 68  ASP A O   1 
ATOM   514  C CB  . ASP A 1 71 ? 17.90185  6.65391   0.53268   1.000 53.06027  ? 68  ASP A CB  1 
ATOM   515  C CG  . ASP A 1 71 ? 18.59632  6.84753   -0.80095  1.000 70.81646  ? 68  ASP A CG  1 
ATOM   516  O OD1 . ASP A 1 71 ? 18.54024  5.92430   -1.64069  1.000 52.72315  ? 68  ASP A OD1 1 
ATOM   517  O OD2 . ASP A 1 71 ? 19.19693  7.92293   -1.01035  1.000 72.12137  ? 68  ASP A OD2 1 
ATOM   518  N N   . ALA A 1 72 ? 15.33549  6.33816   2.43870   1.000 46.19259  ? 69  ALA A N   1 
ATOM   519  C CA  . ALA A 1 72 ? 14.78527  6.01757   3.75182   1.000 32.05711  ? 69  ALA A CA  1 
ATOM   520  C C   . ALA A 1 72 ? 13.75436  4.89979   3.66018   1.000 40.05854  ? 69  ALA A C   1 
ATOM   521  O O   . ALA A 1 72 ? 13.71401  4.01283   4.52072   1.000 48.84598  ? 69  ALA A O   1 
ATOM   522  C CB  . ALA A 1 72 ? 14.17227  7.26665   4.38424   1.000 46.22446  ? 69  ALA A CB  1 
ATOM   523  N N   . LEU A 1 73 ? 12.91194  4.92522   2.62393   1.000 43.21021  ? 70  LEU A N   1 
ATOM   524  C CA  . LEU A 1 73 ? 11.94361  3.85117   2.42985   1.000 40.21209  ? 70  LEU A CA  1 
ATOM   525  C C   . LEU A 1 73 ? 12.62460  2.54352   2.04786   1.000 37.19917  ? 70  LEU A C   1 
ATOM   526  O O   . LEU A 1 73 ? 12.12070  1.46323   2.37648   1.000 44.11462  ? 70  LEU A O   1 
ATOM   527  C CB  . LEU A 1 73 ? 10.92827  4.24678   1.35780   1.000 35.11438  ? 70  LEU A CB  1 
ATOM   528  C CG  . LEU A 1 73 ? 10.01590  5.43622   1.65787   1.000 30.36252  ? 70  LEU A CG  1 
ATOM   529  C CD1 . LEU A 1 73 ? 9.24808   5.83895   0.40937   1.000 35.98378  ? 70  LEU A CD1 1 
ATOM   530  C CD2 . LEU A 1 73 ? 9.05981   5.10322   2.79190   1.000 24.15299  ? 70  LEU A CD2 1 
ATOM   531  N N   . ARG A 1 74 ? 13.76486  2.62040   1.35890   1.000 30.87577  ? 71  ARG A N   1 
ATOM   532  C CA  . ARG A 1 74 ? 14.45836  1.41043   0.92924   1.000 40.37567  ? 71  ARG A CA  1 
ATOM   533  C C   . ARG A 1 74 ? 15.09707  0.68789   2.10834   1.000 37.21849  ? 71  ARG A C   1 
ATOM   534  O O   . ARG A 1 74 ? 15.09572  -0.54788  2.16075   1.000 32.67117  ? 71  ARG A O   1 
ATOM   535  C CB  . ARG A 1 74 ? 15.50822  1.76542   -0.12078  1.000 29.12792  ? 71  ARG A CB  1 
ATOM   536  C CG  . ARG A 1 74 ? 16.36830  0.61005   -0.58808  1.000 41.01983  ? 71  ARG A CG  1 
ATOM   537  C CD  . ARG A 1 74 ? 17.37649  1.11755   -1.59946  1.000 55.89712  ? 71  ARG A CD  1 
ATOM   538  N NE  . ARG A 1 74 ? 18.18753  2.18706   -1.03286  1.000 73.87577  ? 71  ARG A NE  1 
ATOM   539  C CZ  . ARG A 1 74 ? 19.51003  2.16132   -0.95068  1.000 89.62279  ? 71  ARG A CZ  1 
ATOM   540  N NH1 . ARG A 1 74 ? 20.21462  1.16708   -1.46554  1.000 88.70974  ? 71  ARG A NH1 1 
ATOM   541  N NH2 . ARG A 1 74 ? 20.14176  3.16079   -0.34191  1.000 82.32179  ? 71  ARG A NH2 1 
ATOM   542  N N   . GLU A 1 75 ? 15.65710  1.44058   3.05867   1.000 38.95366  ? 72  GLU A N   1 
ATOM   543  C CA  . GLU A 1 75 ? 16.21648  0.82249   4.25634   1.000 39.39081  ? 72  GLU A CA  1 
ATOM   544  C C   . GLU A 1 75 ? 15.13658  0.11403   5.06470   1.000 37.29992  ? 72  GLU A C   1 
ATOM   545  O O   . GLU A 1 75 ? 15.35031  -0.99853  5.56202   1.000 34.45909  ? 72  GLU A O   1 
ATOM   546  C CB  . GLU A 1 75 ? 16.91910  1.87729   5.11048   1.000 41.41162  ? 72  GLU A CB  1 
ATOM   547  C CG  . GLU A 1 75 ? 17.17477  1.43482   6.54019   1.000 65.75845  ? 72  GLU A CG  1 
ATOM   548  C CD  . GLU A 1 75 ? 17.03725  2.56960   7.53571   1.000 77.61430  ? 72  GLU A CD  1 
ATOM   549  O OE1 . GLU A 1 75 ? 17.89691  2.68652   8.43403   1.000 83.01228  ? 72  GLU A OE1 1 
ATOM   550  O OE2 . GLU A 1 75 ? 16.06560  3.34706   7.41724   1.000 68.81026  ? 72  GLU A OE2 1 
ATOM   551  N N   . GLU A 1 76 ? 13.96519  0.74092   5.19964   1.000 30.40331  ? 73  GLU A N   1 
ATOM   552  C CA  . GLU A 1 76 ? 12.88149  0.12984   5.96125   1.000 40.08772  ? 73  GLU A CA  1 
ATOM   553  C C   . GLU A 1 76 ? 12.34346  -1.11665  5.27277   1.000 33.73441  ? 73  GLU A C   1 
ATOM   554  O O   . GLU A 1 76 ? 11.92980  -2.06564  5.94849   1.000 44.34297  ? 73  GLU A O   1 
ATOM   555  C CB  . GLU A 1 76 ? 11.75773  1.14216   6.18027   1.000 39.87444  ? 73  GLU A CB  1 
ATOM   556  C CG  . GLU A 1 76 ? 12.17875  2.38190   6.95398   1.000 34.37143  ? 73  GLU A CG  1 
ATOM   557  C CD  . GLU A 1 76 ? 12.39116  2.11188   8.43066   1.000 60.32676  ? 73  GLU A CD  1 
ATOM   558  O OE1 . GLU A 1 76 ? 11.91689  1.06530   8.91570   1.000 71.16945  ? 73  GLU A OE1 1 
ATOM   559  O OE2 . GLU A 1 76 ? 13.02851  2.94688   9.10759   1.000 63.96022  ? 73  GLU A OE2 1 
ATOM   560  N N   . ALA A 1 77 ? 12.33446  -1.13381  3.93824   1.000 38.84052  ? 74  ALA A N   1 
ATOM   561  C CA  . ALA A 1 77 ? 11.91652  -2.33481  3.22410   1.000 30.92100  ? 74  ALA A CA  1 
ATOM   562  C C   . ALA A 1 77 ? 12.92866  -3.45799  3.40579   1.000 36.67125  ? 74  ALA A C   1 
ATOM   563  O O   . ALA A 1 77 ? 12.54849  -4.62369  3.56880   1.000 41.94686  ? 74  ALA A O   1 
ATOM   564  C CB  . ALA A 1 77 ? 11.71349  -2.02384  1.74168   1.000 46.45443  ? 74  ALA A CB  1 
ATOM   565  N N   . GLU A 1 78 ? 14.22324  -3.12716  3.38068   1.000 31.11199  ? 75  GLU A N   1 
ATOM   566  C CA  . GLU A 1 78 ? 15.24392  -4.13238  3.65769   1.000 34.24559  ? 75  GLU A CA  1 
ATOM   567  C C   . GLU A 1 78 ? 15.12979  -4.65187  5.08274   1.000 45.42084  ? 75  GLU A C   1 
ATOM   568  O O   . GLU A 1 78 ? 15.25972  -5.85824  5.32098   1.000 38.53148  ? 75  GLU A O   1 
ATOM   569  C CB  . GLU A 1 78 ? 16.63980  -3.56027  3.41435   1.000 40.40234  ? 75  GLU A CB  1 
ATOM   570  C CG  . GLU A 1 78 ? 17.75972  -4.45338  3.92735   1.000 66.26349  ? 75  GLU A CG  1 
ATOM   571  C CD  . GLU A 1 78 ? 19.12842  -4.03719  3.42515   1.000 86.04241  ? 75  GLU A CD  1 
ATOM   572  O OE1 . GLU A 1 78 ? 19.38792  -2.82091  3.30753   1.000 77.21906  ? 75  GLU A OE1 1 
ATOM   573  O OE2 . GLU A 1 78 ? 19.94333  -4.93748  3.13461   1.000 68.86185  ? 75  GLU A OE2 1 
ATOM   574  N N   . LYS A 1 79 ? 14.89121  -3.75582  6.04404   1.000 37.17468  ? 76  LYS A N   1 
ATOM   575  C CA  . LYS A 1 79 ? 14.71614  -4.18718  7.42516   1.000 39.91912  ? 76  LYS A CA  1 
ATOM   576  C C   . LYS A 1 79 ? 13.42911  -4.97824  7.60947   1.000 34.26124  ? 76  LYS A C   1 
ATOM   577  O O   . LYS A 1 79 ? 13.39171  -5.90758  8.42245   1.000 34.95330  ? 76  LYS A O   1 
ATOM   578  C CB  . LYS A 1 79 ? 14.74564  -2.97922  8.36037   1.000 37.47850  ? 76  LYS A CB  1 
ATOM   579  C CG  . LYS A 1 79 ? 16.15062  -2.47533  8.66084   1.000 41.32472  ? 76  LYS A CG  1 
ATOM   580  C CD  . LYS A 1 79 ? 16.16365  -1.00236  9.02735   1.000 28.65699  ? 76  LYS A CD  1 
ATOM   581  C CE  . LYS A 1 79 ? 15.26995  -0.70955  10.21452  1.000 43.50933  ? 76  LYS A CE  1 
ATOM   582  N NZ  . LYS A 1 79 ? 15.38231  0.71133   10.64621  1.000 57.29942  ? 76  LYS A NZ  1 
ATOM   583  N N   . TYR A 1 80 ? 12.37283  -4.63692  6.86717   1.000 27.61316  ? 77  TYR A N   1 
ATOM   584  C CA  . TYR A 1 80 ? 11.14393  -5.42094  6.93487   1.000 33.52505  ? 77  TYR A CA  1 
ATOM   585  C C   . TYR A 1 80 ? 11.36062  -6.82339  6.38215   1.000 47.47712  ? 77  TYR A C   1 
ATOM   586  O O   . TYR A 1 80 ? 10.98150  -7.81632  7.01387   1.000 40.97091  ? 77  TYR A O   1 
ATOM   587  C CB  . TYR A 1 80 ? 10.02002  -4.71521  6.17666   1.000 41.39498  ? 77  TYR A CB  1 
ATOM   588  C CG  . TYR A 1 80 ? 8.80096   -5.58599  5.97120   1.000 39.01526  ? 77  TYR A CG  1 
ATOM   589  C CD1 . TYR A 1 80 ? 7.96260   -5.90152  7.03310   1.000 42.45858  ? 77  TYR A CD1 1 
ATOM   590  C CD2 . TYR A 1 80 ? 8.49095   -6.09835  4.71691   1.000 49.53671  ? 77  TYR A CD2 1 
ATOM   591  C CE1 . TYR A 1 80 ? 6.84754   -6.70161  6.85197   1.000 43.85458  ? 77  TYR A CE1 1 
ATOM   592  C CE2 . TYR A 1 80 ? 7.37718   -6.89940  4.52613   1.000 41.98515  ? 77  TYR A CE2 1 
ATOM   593  C CZ  . TYR A 1 80 ? 6.55896   -7.19733  5.59713   1.000 54.54327  ? 77  TYR A CZ  1 
ATOM   594  O OH  . TYR A 1 80 ? 5.44900   -7.99317  5.41438   1.000 46.72265  ? 77  TYR A OH  1 
ATOM   595  N N   . PHE A 1 81 ? 11.97369  -6.92387  5.19934   1.000 38.00311  ? 78  PHE A N   1 
ATOM   596  C CA  . PHE A 1 81 ? 12.23627  -8.22720  4.60102   1.000 49.76307  ? 78  PHE A CA  1 
ATOM   597  C C   . PHE A 1 81 ? 13.29069  -9.01494  5.36620   1.000 50.14067  ? 78  PHE A C   1 
ATOM   598  O O   . PHE A 1 81 ? 13.37938  -10.23547 5.19428   1.000 56.60944  ? 78  PHE A O   1 
ATOM   599  C CB  . PHE A 1 81 ? 12.65179  -8.05572  3.14097   1.000 44.66197  ? 78  PHE A CB  1 
ATOM   600  C CG  . PHE A 1 81 ? 11.52645  -7.62780  2.24330   1.000 44.31884  ? 78  PHE A CG  1 
ATOM   601  C CD1 . PHE A 1 81 ? 10.25473  -8.15229  2.41003   1.000 47.90677  ? 78  PHE A CD1 1 
ATOM   602  C CD2 . PHE A 1 81 ? 11.73396  -6.69357  1.24376   1.000 44.43800  ? 78  PHE A CD2 1 
ATOM   603  C CE1 . PHE A 1 81 ? 9.21388   -7.76002  1.59035   1.000 43.64827  ? 78  PHE A CE1 1 
ATOM   604  C CE2 . PHE A 1 81 ? 10.69638  -6.29645  0.42180   1.000 47.24182  ? 78  PHE A CE2 1 
ATOM   605  C CZ  . PHE A 1 81 ? 9.43523   -6.83079  0.59523   1.000 40.32529  ? 78  PHE A CZ  1 
ATOM   606  N N   . ALA A 1 82 ? 14.09177  -8.34914  6.20091   1.000 41.77769  ? 79  ALA A N   1 
ATOM   607  C CA  . ALA A 1 82 ? 14.93691  -9.06217  7.14915   1.000 33.17978  ? 79  ALA A CA  1 
ATOM   608  C C   . ALA A 1 82 ? 14.12446  -9.74727  8.23814   1.000 41.92119  ? 79  ALA A C   1 
ATOM   609  O O   . ALA A 1 82 ? 14.67225  -10.58869 8.95929   1.000 41.79257  ? 79  ALA A O   1 
ATOM   610  C CB  . ALA A 1 82 ? 15.94955  -8.10510  7.78003   1.000 36.32043  ? 79  ALA A CB  1 
ATOM   611  N N   . GLU A 1 83 ? 12.84584  -9.39862  8.37013   1.000 52.40396  ? 80  GLU A N   1 
ATOM   612  C CA  . GLU A 1 83 ? 11.91879  -10.04817 9.29018   1.000 42.92164  ? 80  GLU A CA  1 
ATOM   613  C C   . GLU A 1 83 ? 12.39324  -9.96152  10.73685  1.000 68.23731  ? 80  GLU A C   1 
ATOM   614  O O   . GLU A 1 83 ? 12.50920  -8.87011  11.29302  1.000 54.23261  ? 80  GLU A O   1 
ATOM   615  C CB  . GLU A 1 83 ? 11.70891  -11.50919 8.88683   1.000 42.00297  ? 80  GLU A CB  1 
ATOM   616  C CG  . GLU A 1 83 ? 11.43214  -11.73771 7.40080   1.000 59.83261  ? 80  GLU A CG  1 
ATOM   617  C CD  . GLU A 1 83 ? 10.01132  -11.38654 6.98529   1.000 67.07058  ? 80  GLU A CD  1 
ATOM   618  O OE1 . GLU A 1 83 ? 9.52860   -10.28683 7.32965   1.000 71.35323  ? 80  GLU A OE1 1 
ATOM   619  O OE2 . GLU A 1 83 ? 9.37224   -12.21910 6.30753   1.000 46.42539  ? 80  GLU A OE2 1 
ATOM   620  O OXT . GLU A 1 83 ? 12.66661  -10.97467 11.38071  1.000 92.71154  ? 80  GLU A OXT 1 
ATOM   621  N N   . GLY B 1 3  ? 1.90985   4.58682   22.07608  1.000 77.37032  ? 0   GLY B N   1 
ATOM   622  C CA  . GLY B 1 3  ? 1.57839   3.18398   21.90431  1.000 86.35293  ? 0   GLY B CA  1 
ATOM   623  C C   . GLY B 1 3  ? 0.40622   2.95441   20.96956  1.000 85.56496  ? 0   GLY B C   1 
ATOM   624  O O   . GLY B 1 3  ? -0.49751  2.17335   21.26986  1.000 66.85345  ? 0   GLY B O   1 
ATOM   625  N N   . MET B 1 4  ? 0.42431   3.63589   19.82757  1.000 93.32866  ? 1   MET B N   1 
ATOM   626  C CA  . MET B 1 4  ? -0.65687  3.54715   18.85787  1.000 84.79046  ? 1   MET B CA  1 
ATOM   627  C C   . MET B 1 4  ? -0.42619  2.38729   17.89981  1.000 67.51797  ? 1   MET B C   1 
ATOM   628  O O   . MET B 1 4  ? 0.69827   2.14860   17.44898  1.000 68.09029  ? 1   MET B O   1 
ATOM   629  C CB  . MET B 1 4  ? -0.78014  4.84723   18.06228  1.000 90.87229  ? 1   MET B CB  1 
ATOM   630  C CG  . MET B 1 4  ? -0.78413  6.11384   18.90338  1.000 93.33546  ? 1   MET B CG  1 
ATOM   631  S SD  . MET B 1 4  ? 0.75223   6.32739   19.82227  1.000 101.39965 ? 1   MET B SD  1 
ATOM   632  C CE  . MET B 1 4  ? 0.81127   8.11075   19.97435  1.000 85.38606  ? 1   MET B CE  1 
ATOM   633  N N   . GLU B 1 5  ? -1.50394  1.66976   17.58947  1.000 74.39431  ? 2   GLU B N   1 
ATOM   634  C CA  . GLU B 1 5  ? -1.45734  0.61943   16.58109  1.000 84.82143  ? 2   GLU B CA  1 
ATOM   635  C C   . GLU B 1 5  ? -2.21424  1.06401   15.33862  1.000 79.60330  ? 2   GLU B C   1 
ATOM   636  O O   . GLU B 1 5  ? -3.19897  0.43304   14.93991  1.000 86.58336  ? 2   GLU B O   1 
ATOM   637  C CB  . GLU B 1 5  ? -2.03505  -0.68655  17.12725  1.000 82.34108  ? 2   GLU B CB  1 
ATOM   638  C CG  . GLU B 1 5  ? -1.02219  -1.54598  17.86512  1.000 88.81355  ? 2   GLU B CG  1 
ATOM   639  C CD  . GLU B 1 5  ? -1.65841  -2.73893  18.55384  1.000 90.83858  ? 2   GLU B CD  1 
ATOM   640  O OE1 . GLU B 1 5  ? -2.35358  -2.53870  19.57314  1.000 88.96751  ? 2   GLU B OE1 1 
ATOM   641  O OE2 . GLU B 1 5  ? -1.46557  -3.87695  18.07455  1.000 77.01458  ? 2   GLU B OE2 1 
ATOM   642  N N   . LYS B 1 6  ? -1.75897  2.15196   14.72396  1.000 58.69429  ? 3   LYS B N   1 
ATOM   643  C CA  . LYS B 1 6  ? -2.42692  2.75111   13.57772  1.000 53.51955  ? 3   LYS B CA  1 
ATOM   644  C C   . LYS B 1 6  ? -1.45118  2.84356   12.41468  1.000 57.58474  ? 3   LYS B C   1 
ATOM   645  O O   . LYS B 1 6  ? -0.29106  3.22233   12.60395  1.000 62.11190  ? 3   LYS B O   1 
ATOM   646  C CB  . LYS B 1 6  ? -2.97471  4.13478   13.92882  1.000 65.74077  ? 3   LYS B CB  1 
ATOM   647  C CG  . LYS B 1 6  ? -4.10852  4.12079   14.96438  1.000 57.23417  ? 3   LYS B CG  1 
ATOM   648  C CD  . LYS B 1 6  ? -4.53366  5.55461   15.29797  1.000 60.17401  ? 3   LYS B CD  1 
ATOM   649  C CE  . LYS B 1 6  ? -6.00048  5.78959   14.96001  1.000 68.79624  ? 3   LYS B CE  1 
ATOM   650  N NZ  . LYS B 1 6  ? -6.29522  7.24401   14.79361  1.000 52.19652  ? 3   LYS B NZ  1 
ATOM   651  N N   . VAL B 1 7  ? -1.92044  2.49376   11.21412  1.000 54.53136  ? 4   VAL B N   1 
ATOM   652  C CA  . VAL B 1 7  ? -1.09179  2.50917   10.01571  1.000 44.15346  ? 4   VAL B CA  1 
ATOM   653  C C   . VAL B 1 7  ? -1.83840  3.22168   8.89747   1.000 45.07830  ? 4   VAL B C   1 
ATOM   654  O O   . VAL B 1 7  ? -3.05937  3.38791   8.93548   1.000 53.31821  ? 4   VAL B O   1 
ATOM   655  C CB  . VAL B 1 7  ? -0.68376  1.09225   9.55029   1.000 53.53402  ? 4   VAL B CB  1 
ATOM   656  C CG1 . VAL B 1 7  ? -0.02926  0.32476   10.68515  1.000 55.91435  ? 4   VAL B CG1 1 
ATOM   657  C CG2 . VAL B 1 7  ? -1.89365  0.33899   9.01045   1.000 61.07110  ? 4   VAL B CG2 1 
ATOM   658  N N   . THR B 1 8  ? -1.07771  3.64185   7.89033   1.000 57.70694  ? 5   THR B N   1 
ATOM   659  C CA  . THR B 1 8  ? -1.62377  4.22446   6.67103   1.000 56.13670  ? 5   THR B CA  1 
ATOM   660  C C   . THR B 1 8  ? -1.52482  3.19057   5.55563   1.000 43.94159  ? 5   THR B C   1 
ATOM   661  O O   . THR B 1 8  ? -0.43071  2.70181   5.25317   1.000 33.69001  ? 5   THR B O   1 
ATOM   662  C CB  . THR B 1 8  ? -0.87683  5.50284   6.28844   1.000 49.04093  ? 5   THR B CB  1 
ATOM   663  O OG1 . THR B 1 8  ? -1.11594  6.51421   7.27552   1.000 38.80368  ? 5   THR B OG1 1 
ATOM   664  C CG2 . THR B 1 8  ? -1.33757  6.00715   4.92692   1.000 47.67699  ? 5   THR B CG2 1 
ATOM   665  N N   . VAL B 1 9  ? -2.66203  2.85318   4.95556   1.000 40.26857  ? 6   VAL B N   1 
ATOM   666  C CA  . VAL B 1 9  ? -2.73154  1.82600   3.92240   1.000 39.56274  ? 6   VAL B CA  1 
ATOM   667  C C   . VAL B 1 9  ? -2.63918  2.49632   2.55908   1.000 41.73365  ? 6   VAL B C   1 
ATOM   668  O O   . VAL B 1 9  ? -3.45391  3.36527   2.22466   1.000 36.35389  ? 6   VAL B O   1 
ATOM   669  C CB  . VAL B 1 9  ? -4.01664  0.99191   4.04099   1.000 32.58327  ? 6   VAL B CB  1 
ATOM   670  C CG1 . VAL B 1 9  ? -4.23037  0.16860   2.77826   1.000 25.99271  ? 6   VAL B CG1 1 
ATOM   671  C CG2 . VAL B 1 9  ? -3.94536  0.08581   5.25928   1.000 34.31939  ? 6   VAL B CG2 1 
ATOM   672  N N   . VAL B 1 10 ? -1.64355  2.09393   1.77520   1.000 30.62523  ? 7   VAL B N   1 
ATOM   673  C CA  . VAL B 1 10 ? -1.48652  2.52475   0.39269   1.000 40.97123  ? 7   VAL B CA  1 
ATOM   674  C C   . VAL B 1 10 ? -1.51007  1.28001   -0.48019  1.000 37.48736  ? 7   VAL B C   1 
ATOM   675  O O   . VAL B 1 10 ? -0.84824  0.28577   -0.16398  1.000 35.79749  ? 7   VAL B O   1 
ATOM   676  C CB  . VAL B 1 10 ? -0.18104  3.31519   0.18545   1.000 40.91658  ? 7   VAL B CB  1 
ATOM   677  C CG1 . VAL B 1 10 ? -0.06278  3.78197   -1.25979  1.000 32.43491  ? 7   VAL B CG1 1 
ATOM   678  C CG2 . VAL B 1 10 ? -0.11240  4.49510   1.14527   1.000 30.88246  ? 7   VAL B CG2 1 
ATOM   679  N N   . LEU B 1 11 ? -2.28318  1.32223   -1.56188  1.000 35.74544  ? 8   LEU B N   1 
ATOM   680  C CA  . LEU B 1 11 ? -2.32910  0.20281   -2.49230  1.000 42.99991  ? 8   LEU B CA  1 
ATOM   681  C C   . LEU B 1 11 ? -2.31372  0.72431   -3.91937  1.000 42.55343  ? 8   LEU B C   1 
ATOM   682  O O   . LEU B 1 11 ? -3.08207  1.62558   -4.26856  1.000 39.06158  ? 8   LEU B O   1 
ATOM   683  C CB  . LEU B 1 11 ? -3.55940  -0.68619  -2.25985  1.000 41.16627  ? 8   LEU B CB  1 
ATOM   684  C CG  . LEU B 1 11 ? -4.96602  -0.09226  -2.27801  1.000 33.23190  ? 8   LEU B CG  1 
ATOM   685  C CD1 . LEU B 1 11 ? -5.94686  -1.13438  -2.78378  1.000 45.27017  ? 8   LEU B CD1 1 
ATOM   686  C CD2 . LEU B 1 11 ? -5.36710  0.37984   -0.88994  1.000 44.99526  ? 8   LEU B CD2 1 
ATOM   687  N N   . TYR B 1 12 ? -1.42605  0.15659   -4.73127  1.000 33.12321  ? 9   TYR B N   1 
ATOM   688  C CA  . TYR B 1 12 ? -1.28114  0.49518   -6.14268  1.000 51.33828  ? 9   TYR B CA  1 
ATOM   689  C C   . TYR B 1 12 ? -1.66278  -0.73891  -6.94502  1.000 43.92816  ? 9   TYR B C   1 
ATOM   690  O O   . TYR B 1 12 ? -0.92224  -1.72829  -6.95769  1.000 35.26639  ? 9   TYR B O   1 
ATOM   691  C CB  . TYR B 1 12 ? 0.14925   0.93703   -6.45336  1.000 41.80131  ? 9   TYR B CB  1 
ATOM   692  C CG  . TYR B 1 12 ? 0.42948   1.23736   -7.91270  1.000 35.66518  ? 9   TYR B CG  1 
ATOM   693  C CD1 . TYR B 1 12 ? 0.79065   0.22695   -8.79671  1.000 50.21794  ? 9   TYR B CD1 1 
ATOM   694  C CD2 . TYR B 1 12 ? 0.35978   2.53566   -8.39920  1.000 43.36526  ? 9   TYR B CD2 1 
ATOM   695  C CE1 . TYR B 1 12 ? 1.05525   0.49912   -10.12596 1.000 55.78550  ? 9   TYR B CE1 1 
ATOM   696  C CE2 . TYR B 1 12 ? 0.62444   2.81825   -9.72731  1.000 60.35556  ? 9   TYR B CE2 1 
ATOM   697  C CZ  . TYR B 1 12 ? 0.97214   1.79570   -10.58570 1.000 54.13457  ? 9   TYR B CZ  1 
ATOM   698  O OH  . TYR B 1 12 ? 1.23768   2.06789   -11.90839 1.000 51.91966  ? 9   TYR B OH  1 
ATOM   699  N N   . VAL B 1 13 ? -2.81204  -0.68816  -7.60833  1.000 43.75070  ? 10  VAL B N   1 
ATOM   700  C CA  . VAL B 1 13 ? -3.31043  -1.81639  -8.38276  1.000 42.26659  ? 10  VAL B CA  1 
ATOM   701  C C   . VAL B 1 13 ? -3.46184  -1.37824  -9.83149  1.000 51.39485  ? 10  VAL B C   1 
ATOM   702  O O   . VAL B 1 13 ? -4.29439  -0.51865  -10.14978 1.000 50.83750  ? 10  VAL B O   1 
ATOM   703  C CB  . VAL B 1 13 ? -4.63358  -2.36062  -7.83067  1.000 35.23598  ? 10  VAL B CB  1 
ATOM   704  C CG1 . VAL B 1 13 ? -5.33705  -3.20471  -8.88769  1.000 41.83945  ? 10  VAL B CG1 1 
ATOM   705  C CG2 . VAL B 1 13 ? -4.37846  -3.17660  -6.56703  1.000 51.05880  ? 10  VAL B CG2 1 
ATOM   706  N N   . ASN B 1 14 ? -2.64940  -1.95988  -10.70487 1.000 61.57382  ? 11  ASN B N   1 
ATOM   707  C CA  . ASN B 1 14 ? -2.87945  -1.90082  -12.13724 1.000 59.95318  ? 11  ASN B CA  1 
ATOM   708  C C   . ASN B 1 14 ? -3.67231  -3.12772  -12.56483 1.000 46.85207  ? 11  ASN B C   1 
ATOM   709  O O   . ASN B 1 14 ? -3.52997  -4.21333  -11.99540 1.000 40.00979  ? 11  ASN B O   1 
ATOM   710  C CB  . ASN B 1 14 ? -1.55834  -1.83617  -12.90701 1.000 53.42747  ? 11  ASN B CB  1 
ATOM   711  C CG  . ASN B 1 14 ? -1.24283  -0.44051  -13.41589 1.000 71.73137  ? 11  ASN B CG  1 
ATOM   712  O OD1 . ASN B 1 14 ? -2.12204  0.41715   -13.49756 1.000 80.69779  ? 11  ASN B OD1 1 
ATOM   713  N ND2 . ASN B 1 14 ? 0.01642   -0.21169  -13.77478 1.000 66.44224  ? 11  ASN B ND2 1 
ATOM   714  N N   . GLY B 1 15 ? -4.52053  -2.94544  -13.56850 1.000 51.93832  ? 12  GLY B N   1 
ATOM   715  C CA  . GLY B 1 15 ? -5.31437  -4.05179  -14.05659 1.000 50.56807  ? 12  GLY B CA  1 
ATOM   716  C C   . GLY B 1 15 ? -6.80540  -3.81938  -13.95589 1.000 57.06152  ? 12  GLY B C   1 
ATOM   717  O O   . GLY B 1 15 ? -7.32022  -2.80604  -14.43945 1.000 76.69887  ? 12  GLY B O   1 
ATOM   718  N N   . ASP B 1 16 ? -7.50951  -4.74731  -13.32024 1.000 64.11737  ? 13  ASP B N   1 
ATOM   719  C CA  . ASP B 1 16 ? -8.96537  -4.75019  -13.34661 1.000 91.16628  ? 13  ASP B CA  1 
ATOM   720  C C   . ASP B 1 16 ? -9.48415  -5.03096  -11.94196 1.000 62.75312  ? 13  ASP B C   1 
ATOM   721  O O   . ASP B 1 16 ? -8.80881  -4.78628  -10.93572 1.000 60.47797  ? 13  ASP B O   1 
ATOM   722  C CB  . ASP B 1 16 ? -9.47629  -5.77497  -14.36976 1.000 111.94057 ? 13  ASP B CB  1 
ATOM   723  C CG  . ASP B 1 16 ? -8.89199  -7.15907  -14.14674 1.000 96.66413  ? 13  ASP B CG  1 
ATOM   724  O OD1 . ASP B 1 16 ? -7.96733  -7.28991  -13.31506 1.000 83.15678  ? 13  ASP B OD1 1 
ATOM   725  O OD2 . ASP B 1 16 ? -9.35549  -8.11624  -14.80201 1.000 98.27766  ? 13  ASP B OD2 1 
ATOM   726  N N   . GLU B 1 17 ? -10.70411 -5.56584  -11.88225 1.000 63.29367  ? 14  GLU B N   1 
ATOM   727  C CA  . GLU B 1 17 ? -11.36564 -5.81455  -10.60935 1.000 38.08433  ? 14  GLU B CA  1 
ATOM   728  C C   . GLU B 1 17 ? -10.73814 -6.98328  -9.86190  1.000 44.17194  ? 14  GLU B C   1 
ATOM   729  O O   . GLU B 1 17 ? -10.74280 -6.99657  -8.62594  1.000 64.56478  ? 14  GLU B O   1 
ATOM   730  C CB  . GLU B 1 17 ? -12.84999 -6.06912  -10.85767 1.000 38.54941  ? 14  GLU B CB  1 
ATOM   731  C CG  . GLU B 1 17 ? -13.68697 -6.33953  -9.62663  1.000 64.77523  ? 14  GLU B CG  1 
ATOM   732  C CD  . GLU B 1 17 ? -14.91136 -7.15016  -9.97041  1.000 74.44011  ? 14  GLU B CD  1 
ATOM   733  O OE1 . GLU B 1 17 ? -15.40863 -7.87665  -9.09287  1.000 81.50167  ? 14  GLU B OE1 1 
ATOM   734  O OE2 . GLU B 1 17 ? -15.36685 -7.08261  -11.13659 1.000 71.50608  ? 14  GLU B OE2 1 
ATOM   735  N N   . VAL B 1 18 ? -10.18830 -7.96465  -10.58286 1.000 51.76305  ? 15  VAL B N   1 
ATOM   736  C CA  . VAL B 1 18 ? -9.61659  -9.12943  -9.91345  1.000 38.06229  ? 15  VAL B CA  1 
ATOM   737  C C   . VAL B 1 18 ? -8.32921  -8.75454  -9.18857  1.000 27.77022  ? 15  VAL B C   1 
ATOM   738  O O   . VAL B 1 18 ? -8.00247  -9.33574  -8.14555  1.000 31.54748  ? 15  VAL B O   1 
ATOM   739  C CB  . VAL B 1 18 ? -9.40096  -10.28110 -10.91879 1.000 29.76810  ? 15  VAL B CB  1 
ATOM   740  C CG1 . VAL B 1 18 ? -8.09854  -10.11377 -11.69139 1.000 28.18395  ? 15  VAL B CG1 1 
ATOM   741  C CG2 . VAL B 1 18 ? -9.44372  -11.62887 -10.20910 1.000 28.02754  ? 15  VAL B CG2 1 
ATOM   742  N N   . ALA B 1 19 ? -7.58739  -7.77480  -9.70745  1.000 33.33744  ? 16  ALA B N   1 
ATOM   743  C CA  . ALA B 1 19 ? -6.37797  -7.32311  -9.03598  1.000 41.59431  ? 16  ALA B CA  1 
ATOM   744  C C   . ALA B 1 19 ? -6.68546  -6.43020  -7.84387  1.000 41.94325  ? 16  ALA B C   1 
ATOM   745  O O   . ALA B 1 19 ? -5.82837  -6.26361  -6.96901  1.000 35.01426  ? 16  ALA B O   1 
ATOM   746  C CB  . ALA B 1 19 ? -5.46947  -6.58829  -10.02378 1.000 36.00742  ? 16  ALA B CB  1 
ATOM   747  N N   . LEU B 1 20 ? -7.89102  -5.86615  -7.78780  1.000 40.92877  ? 17  LEU B N   1 
ATOM   748  C CA  . LEU B 1 20 ? -8.31792  -5.03390  -6.67124  1.000 41.84696  ? 17  LEU B CA  1 
ATOM   749  C C   . LEU B 1 20 ? -8.86383  -5.86211  -5.51369  1.000 46.09381  ? 17  LEU B C   1 
ATOM   750  O O   . LEU B 1 20 ? -8.53565  -5.59039  -4.35357  1.000 20.96283  ? 17  LEU B O   1 
ATOM   751  C CB  . LEU B 1 20 ? -9.37128  -4.02781  -7.14502  1.000 43.69551  ? 17  LEU B CB  1 
ATOM   752  C CG  . LEU B 1 20 ? -9.47107  -2.71725  -6.36545  1.000 41.07067  ? 17  LEU B CG  1 
ATOM   753  C CD1 . LEU B 1 20 ? -8.11994  -2.02526  -6.34098  1.000 40.93297  ? 17  LEU B CD1 1 
ATOM   754  C CD2 . LEU B 1 20 ? -10.53003 -1.80728  -6.97067  1.000 49.13603  ? 17  LEU B CD2 1 
ATOM   755  N N   . VAL B 1 21 ? -9.68746  -6.87271  -5.80697  1.000 33.03593  ? 18  VAL B N   1 
ATOM   756  C CA  . VAL B 1 21 ? -10.18271 -7.75436  -4.75409  1.000 38.25621  ? 18  VAL B CA  1 
ATOM   757  C C   . VAL B 1 21 ? -9.03501  -8.55398  -4.14965  1.000 44.27972  ? 18  VAL B C   1 
ATOM   758  O O   . VAL B 1 21 ? -9.01016  -8.81414  -2.94029  1.000 41.90151  ? 18  VAL B O   1 
ATOM   759  C CB  . VAL B 1 21 ? -11.29809 -8.66948  -5.29789  1.000 34.61119  ? 18  VAL B CB  1 
ATOM   760  C CG1 . VAL B 1 21 ? -10.81122 -9.46853  -6.49550  1.000 48.61642  ? 18  VAL B CG1 1 
ATOM   761  C CG2 . VAL B 1 21 ? -11.80686 -9.60264  -4.20652  1.000 32.12027  ? 18  VAL B CG2 1 
ATOM   762  N N   . HIS B 1 22 ? -8.06430  -8.95021  -4.97775  1.000 41.92279  ? 19  HIS B N   1 
ATOM   763  C CA  . HIS B 1 22 ? -6.87304  -9.61363  -4.46026  1.000 32.82450  ? 19  HIS B CA  1 
ATOM   764  C C   . HIS B 1 22 ? -6.10836  -8.69700  -3.51431  1.000 41.54926  ? 19  HIS B C   1 
ATOM   765  O O   . HIS B 1 22 ? -5.57174  -9.14931  -2.49588  1.000 33.98911  ? 19  HIS B O   1 
ATOM   766  C CB  . HIS B 1 22 ? -5.98276  -10.06008 -5.62069  1.000 30.68270  ? 19  HIS B CB  1 
ATOM   767  C CG  . HIS B 1 22 ? -4.73182  -10.76286 -5.19264  1.000 39.53446  ? 19  HIS B CG  1 
ATOM   768  N ND1 . HIS B 1 22 ? -3.59326  -10.79175 -5.96931  1.000 45.71948  ? 19  HIS B ND1 1 
ATOM   769  C CD2 . HIS B 1 22 ? -4.44190  -11.46938 -4.07447  1.000 36.39572  ? 19  HIS B CD2 1 
ATOM   770  C CE1 . HIS B 1 22 ? -2.65474  -11.48118 -5.34584  1.000 42.46642  ? 19  HIS B CE1 1 
ATOM   771  N NE2 . HIS B 1 22 ? -3.14386  -11.90292 -4.19353  1.000 42.53194  ? 19  HIS B NE2 1 
ATOM   772  N N   . ALA B 1 23 ? -6.06183  -7.39976  -3.82961  1.000 34.40958  ? 20  ALA B N   1 
ATOM   773  C CA  . ALA B 1 23 ? -5.37251  -6.44697  -2.96700  1.000 31.30380  ? 20  ALA B CA  1 
ATOM   774  C C   . ALA B 1 23 ? -6.05890  -6.32452  -1.61381  1.000 29.94617  ? 20  ALA B C   1 
ATOM   775  O O   . ALA B 1 23 ? -5.39025  -6.29381  -0.57516  1.000 26.55504  ? 20  ALA B O   1 
ATOM   776  C CB  . ALA B 1 23 ? -5.29547  -5.08323  -3.64911  1.000 33.72647  ? 20  ALA B CB  1 
ATOM   777  N N   . PHE B 1 24 ? -7.39171  -6.25011  -1.60442  1.000 37.63226  ? 21  PHE B N   1 
ATOM   778  C CA  . PHE B 1 24 ? -8.11247  -6.11784  -0.34263  1.000 43.38248  ? 21  PHE B CA  1 
ATOM   779  C C   . PHE B 1 24 ? -7.99978  -7.38372  0.49739   1.000 49.31200  ? 21  PHE B C   1 
ATOM   780  O O   . PHE B 1 24 ? -7.83303  -7.30852  1.72069   1.000 39.10357  ? 21  PHE B O   1 
ATOM   781  C CB  . PHE B 1 24 ? -9.57955  -5.78220  -0.60446  1.000 35.23653  ? 21  PHE B CB  1 
ATOM   782  C CG  . PHE B 1 24 ? -9.80921  -4.38128  -1.09437  1.000 45.97267  ? 21  PHE B CG  1 
ATOM   783  C CD1 . PHE B 1 24 ? -8.81874  -3.41926  -0.98797  1.000 45.70635  ? 21  PHE B CD1 1 
ATOM   784  C CD2 . PHE B 1 24 ? -11.02573 -4.02487  -1.65326  1.000 55.08893  ? 21  PHE B CD2 1 
ATOM   785  C CE1 . PHE B 1 24 ? -9.03702  -2.12947  -1.43627  1.000 87.88573  ? 21  PHE B CE1 1 
ATOM   786  C CE2 . PHE B 1 24 ? -11.24902 -2.73884  -2.10360  1.000 73.01771  ? 21  PHE B CE2 1 
ATOM   787  C CZ  . PHE B 1 24 ? -10.25332 -1.78946  -1.99522  1.000 98.43684  ? 21  PHE B CZ  1 
ATOM   788  N N   . MET B 1 25 ? -8.09675  -8.55498  -0.13833  1.000 30.68618  ? 22  MET B N   1 
ATOM   789  C CA  . MET B 1 25 ? -7.97074  -9.81154  0.59504   1.000 37.61943  ? 22  MET B CA  1 
ATOM   790  C C   . MET B 1 25 ? -6.59148  -9.93425  1.23522   1.000 39.47715  ? 22  MET B C   1 
ATOM   791  O O   . MET B 1 25 ? -6.46822  -10.29335 2.41279   1.000 41.40345  ? 22  MET B O   1 
ATOM   792  C CB  . MET B 1 25 ? -8.25129  -10.99206 -0.34004  1.000 32.81838  ? 22  MET B CB  1 
ATOM   793  C CG  . MET B 1 25 ? -9.68132  -11.51338 -0.26984  1.000 35.18183  ? 22  MET B CG  1 
ATOM   794  S SD  . MET B 1 25 ? -10.30888 -12.17896 -1.82434  1.000 44.28726  ? 22  MET B SD  1 
ATOM   795  C CE  . MET B 1 25 ? -9.07521  -13.41989 -2.20130  1.000 51.19074  ? 22  MET B CE  1 
ATOM   796  N N   . THR B 1 26 ? -5.53891  -9.62841  0.47288   1.000 37.62461  ? 23  THR B N   1 
ATOM   797  C CA  . THR B 1 26 ? -4.18682  -9.68079  1.02118   1.000 34.81784  ? 23  THR B CA  1 
ATOM   798  C C   . THR B 1 26 ? -4.00022  -8.65244  2.13097   1.000 45.58109  ? 23  THR B C   1 
ATOM   799  O O   . THR B 1 26 ? -3.38621  -8.94753  3.16359   1.000 41.47878  ? 23  THR B O   1 
ATOM   800  C CB  . THR B 1 26 ? -3.16014  -9.46859  -0.09396  1.000 37.19579  ? 23  THR B CB  1 
ATOM   801  O OG1 . THR B 1 26 ? -3.00429  -10.68193 -0.84094  1.000 55.38438  ? 23  THR B OG1 1 
ATOM   802  C CG2 . THR B 1 26 ? -1.81028  -9.05069  0.47542   1.000 43.96547  ? 23  THR B CG2 1 
ATOM   803  N N   . THR B 1 27 ? -4.53703  -7.44404  1.94327   1.000 41.56815  ? 24  THR B N   1 
ATOM   804  C CA  . THR B 1 27 ? -4.42422  -6.41075  2.96914   1.000 37.25233  ? 24  THR B CA  1 
ATOM   805  C C   . THR B 1 27 ? -5.13476  -6.82577  4.25356   1.000 35.22503  ? 24  THR B C   1 
ATOM   806  O O   . THR B 1 27 ? -4.58296  -6.69257  5.35205   1.000 40.00797  ? 24  THR B O   1 
ATOM   807  C CB  . THR B 1 27 ? -4.98743  -5.08720  2.44681   1.000 39.05081  ? 24  THR B CB  1 
ATOM   808  O OG1 . THR B 1 27 ? -4.09143  -4.52729  1.47767   1.000 39.25643  ? 24  THR B OG1 1 
ATOM   809  C CG2 . THR B 1 27 ? -5.17035  -4.09752  3.58788   1.000 39.27319  ? 24  THR B CG2 1 
ATOM   810  N N   . ALA B 1 28 ? -6.36247  -7.33942  4.13360   1.000 42.57979  ? 25  ALA B N   1 
ATOM   811  C CA  . ALA B 1 28 ? -7.12913  -7.70984  5.31952   1.000 41.73392  ? 25  ALA B CA  1 
ATOM   812  C C   . ALA B 1 28 ? -6.42596  -8.80739  6.10846   1.000 46.01473  ? 25  ALA B C   1 
ATOM   813  O O   . ALA B 1 28 ? -6.43097  -8.79885  7.34600   1.000 44.51168  ? 25  ALA B O   1 
ATOM   814  C CB  . ALA B 1 28 ? -8.53454  -8.15387  4.91446   1.000 34.37564  ? 25  ALA B CB  1 
ATOM   815  N N   . SER B 1 29 ? -5.82094  -9.76759  5.40763   1.000 44.53652  ? 26  SER B N   1 
ATOM   816  C CA  . SER B 1 29 ? -5.09684  -10.83379 6.09252   1.000 48.14995  ? 26  SER B CA  1 
ATOM   817  C C   . SER B 1 29 ? -3.84991  -10.29845 6.78722   1.000 39.96782  ? 26  SER B C   1 
ATOM   818  O O   . SER B 1 29 ? -3.52069  -10.72406 7.90142   1.000 51.09835  ? 26  SER B O   1 
ATOM   819  C CB  . SER B 1 29 ? -4.72683  -11.93677 5.10175   1.000 42.99839  ? 26  SER B CB  1 
ATOM   820  O OG  . SER B 1 29 ? -5.87786  -12.45834 4.46327   1.000 51.98966  ? 26  SER B OG  1 
ATOM   821  N N   . LEU B 1 30 ? -3.14440  -9.36541  6.14405   1.000 37.83612  ? 27  LEU B N   1 
ATOM   822  C CA  . LEU B 1 30 ? -1.96024  -8.77219  6.75700   1.000 39.81822  ? 27  LEU B CA  1 
ATOM   823  C C   . LEU B 1 30 ? -2.33424  -7.98092  8.00391   1.000 37.66439  ? 27  LEU B C   1 
ATOM   824  O O   . LEU B 1 30 ? -1.69361  -8.11258  9.05330   1.000 32.56343  ? 27  LEU B O   1 
ATOM   825  C CB  . LEU B 1 30 ? -1.23776  -7.88359  5.73918   1.000 35.23835  ? 27  LEU B CB  1 
ATOM   826  C CG  . LEU B 1 30 ? 0.17164   -7.34856  6.03510   1.000 28.47442  ? 27  LEU B CG  1 
ATOM   827  C CD1 . LEU B 1 30 ? 0.15087   -6.10065  6.91654   1.000 37.31434  ? 27  LEU B CD1 1 
ATOM   828  C CD2 . LEU B 1 30 ? 1.04604   -8.43093  6.65411   1.000 22.23527  ? 27  LEU B CD2 1 
ATOM   829  N N   . LEU B 1 31 ? -3.37447  -7.14872  7.90583   1.000 34.88169  ? 28  LEU B N   1 
ATOM   830  C CA  . LEU B 1 31 ? -3.79422  -6.35543  9.05580   1.000 38.36107  ? 28  LEU B CA  1 
ATOM   831  C C   . LEU B 1 31 ? -4.39675  -7.22306  10.15215  1.000 39.07330  ? 28  LEU B C   1 
ATOM   832  O O   . LEU B 1 31 ? -4.36078  -6.84303  11.32735  1.000 40.65149  ? 28  LEU B O   1 
ATOM   833  C CB  . LEU B 1 31 ? -4.79077  -5.27966  8.62393   1.000 36.55420  ? 28  LEU B CB  1 
ATOM   834  C CG  . LEU B 1 31 ? -4.20085  -3.94173  8.16667   1.000 36.65158  ? 28  LEU B CG  1 
ATOM   835  C CD1 . LEU B 1 31 ? -3.19763  -3.42279  9.18698   1.000 42.40538  ? 28  LEU B CD1 1 
ATOM   836  C CD2 . LEU B 1 31 ? -3.56275  -4.04734  6.79256   1.000 52.66380  ? 28  LEU B CD2 1 
ATOM   837  N N   . ALA B 1 32 ? -4.95561  -8.38143  9.79466   1.000 39.53808  ? 29  ALA B N   1 
ATOM   838  C CA  . ALA B 1 32 ? -5.49557  -9.27900  10.81045  1.000 37.06557  ? 29  ALA B CA  1 
ATOM   839  C C   . ALA B 1 32 ? -4.38966  -9.85364  11.68154  1.000 41.62653  ? 29  ALA B C   1 
ATOM   840  O O   . ALA B 1 32 ? -4.55162  -9.97768  12.90084  1.000 50.01685  ? 29  ALA B O   1 
ATOM   841  C CB  . ALA B 1 32 ? -6.29384  -10.40369 10.15301  1.000 39.25142  ? 29  ALA B CB  1 
ATOM   842  N N   . LYS B 1 33 ? -3.25681  -10.20744 11.07447  1.000 47.66054  ? 30  LYS B N   1 
ATOM   843  C CA  . LYS B 1 33 ? -2.16696  -10.79311 11.84300  1.000 49.75106  ? 30  LYS B CA  1 
ATOM   844  C C   . LYS B 1 33 ? -1.44611  -9.74210  12.67723  1.000 48.13164  ? 30  LYS B C   1 
ATOM   845  O O   . LYS B 1 33 ? -1.15887  -9.97675  13.85490  1.000 57.90709  ? 30  LYS B O   1 
ATOM   846  C CB  . LYS B 1 33 ? -1.20070  -11.51896 10.90916  1.000 41.53029  ? 30  LYS B CB  1 
ATOM   847  C CG  . LYS B 1 33 ? -1.54226  -12.99252 10.71160  1.000 42.32769  ? 30  LYS B CG  1 
ATOM   848  C CD  . LYS B 1 33 ? -0.78801  -13.60888 9.54300   1.000 46.06865  ? 30  LYS B CD  1 
ATOM   849  C CE  . LYS B 1 33 ? -1.14952  -15.07813 9.36656   1.000 60.07793  ? 30  LYS B CE  1 
ATOM   850  N NZ  . LYS B 1 33 ? -0.83078  -15.87404 10.58485  1.000 45.42400  ? 30  LYS B NZ  1 
ATOM   851  N N   . GLU B 1 34 ? -1.15424  -8.57584  12.09664  1.000 41.31322  ? 31  GLU B N   1 
ATOM   852  C CA  . GLU B 1 34 ? -0.55314  -7.49510  12.86972  1.000 54.12920  ? 31  GLU B CA  1 
ATOM   853  C C   . GLU B 1 34 ? -1.55591  -6.79374  13.78017  1.000 43.67234  ? 31  GLU B C   1 
ATOM   854  O O   . GLU B 1 34 ? -1.13426  -6.08111  14.69723  1.000 62.06724  ? 31  GLU B O   1 
ATOM   855  C CB  . GLU B 1 34 ? 0.11715   -6.47216  11.94107  1.000 53.85617  ? 31  GLU B CB  1 
ATOM   856  C CG  . GLU B 1 34 ? 1.33155   -7.02956  11.18930  1.000 68.81518  ? 31  GLU B CG  1 
ATOM   857  C CD  . GLU B 1 34 ? 2.28871   -5.95624  10.66978  1.000 88.61731  ? 31  GLU B CD  1 
ATOM   858  O OE1 . GLU B 1 34 ? 3.50695   -6.22787  10.57566  1.000 73.54771  ? 31  GLU B OE1 1 
ATOM   859  O OE2 . GLU B 1 34 ? 1.83767   -4.84096  10.35020  1.000 72.98374  ? 31  GLU B OE2 1 
ATOM   860  N N   . GLY B 1 35 ? -2.85872  -6.99554  13.56750  1.000 52.04093  ? 32  GLY B N   1 
ATOM   861  C CA  . GLY B 1 35 ? -3.88750  -6.48736  14.45867  1.000 45.88080  ? 32  GLY B CA  1 
ATOM   862  C C   . GLY B 1 35 ? -3.86041  -4.98502  14.63786  1.000 56.25787  ? 32  GLY B C   1 
ATOM   863  O O   . GLY B 1 35 ? -3.89346  -4.49315  15.77031  1.000 67.28532  ? 32  GLY B O   1 
ATOM   864  N N   . LYS B 1 36 ? -3.79869  -4.24615  13.53339  1.000 57.71891  ? 33  LYS B N   1 
ATOM   865  C CA  . LYS B 1 36 ? -3.64881  -2.80006  13.56929  1.000 64.49959  ? 33  LYS B CA  1 
ATOM   866  C C   . LYS B 1 36 ? -4.87446  -2.10646  12.99218  1.000 59.63014  ? 33  LYS B C   1 
ATOM   867  O O   . LYS B 1 36 ? -5.69502  -2.71057  12.29796  1.000 69.81041  ? 33  LYS B O   1 
ATOM   868  C CB  . LYS B 1 36 ? -2.40837  -2.35938  12.78998  1.000 63.94311  ? 33  LYS B CB  1 
ATOM   869  C CG  . LYS B 1 36 ? -1.18084  -3.19496  13.05826  1.000 83.37446  ? 33  LYS B CG  1 
ATOM   870  C CD  . LYS B 1 36 ? -0.10726  -2.91626  12.03347  1.000 84.41967  ? 33  LYS B CD  1 
ATOM   871  C CE  . LYS B 1 36 ? 1.18711   -2.49957  12.70062  1.000 86.32131  ? 33  LYS B CE  1 
ATOM   872  N NZ  . LYS B 1 36 ? 2.32115   -2.52399  11.73953  1.000 80.25704  ? 33  LYS B NZ  1 
ATOM   873  N N   . LEU B 1 37 ? -4.97835  -0.81703  13.28584  1.000 62.77974  ? 34  LEU B N   1 
ATOM   874  C CA  . LEU B 1 37 ? -6.02423  0.02632   12.73641  1.000 54.69455  ? 34  LEU B CA  1 
ATOM   875  C C   . LEU B 1 37 ? -5.47959  0.82221   11.55279  1.000 55.45655  ? 34  LEU B C   1 
ATOM   876  O O   . LEU B 1 37 ? -4.27270  1.03821   11.41531  1.000 60.06798  ? 34  LEU B O   1 
ATOM   877  C CB  . LEU B 1 37 ? -6.57674  0.95238   13.82464  1.000 66.66563  ? 34  LEU B CB  1 
ATOM   878  C CG  . LEU B 1 37 ? -7.69148  1.96062   13.53858  1.000 76.71457  ? 34  LEU B CG  1 
ATOM   879  C CD1 . LEU B 1 37 ? -8.82323  1.33671   12.74783  1.000 86.00159  ? 34  LEU B CD1 1 
ATOM   880  C CD2 . LEU B 1 37 ? -8.20263  2.48994   14.86105  1.000 64.92780  ? 34  LEU B CD2 1 
ATOM   881  N N   . VAL B 1 38 ? -6.39091  1.23436   10.68133  1.000 47.65818  ? 35  VAL B N   1 
ATOM   882  C CA  . VAL B 1 38 ? -6.06524  1.99441   9.48489   1.000 51.29064  ? 35  VAL B CA  1 
ATOM   883  C C   . VAL B 1 38 ? -6.48733  3.43680   9.72430   1.000 37.40066  ? 35  VAL B C   1 
ATOM   884  O O   . VAL B 1 38 ? -7.67749  3.73064   9.89294   1.000 32.81911  ? 35  VAL B O   1 
ATOM   885  C CB  . VAL B 1 38 ? -6.74840  1.40999   8.24409   1.000 33.34764  ? 35  VAL B CB  1 
ATOM   886  C CG1 . VAL B 1 38 ? -6.40861  2.24355   7.02201   1.000 22.29483  ? 35  VAL B CG1 1 
ATOM   887  C CG2 . VAL B 1 38 ? -6.33007  -0.04016  8.05775   1.000 29.99237  ? 35  VAL B CG2 1 
ATOM   888  N N   . GLU B 1 39 ? -5.50954  4.34022   9.74883   1.000 35.72218  ? 36  GLU B N   1 
ATOM   889  C CA  . GLU B 1 39 ? -5.82303  5.75898   9.84950   1.000 40.06368  ? 36  GLU B CA  1 
ATOM   890  C C   . GLU B 1 39 ? -6.27572  6.32019   8.51129   1.000 46.62113  ? 36  GLU B C   1 
ATOM   891  O O   . GLU B 1 39 ? -7.22311  7.11060   8.45379   1.000 69.15512  ? 36  GLU B O   1 
ATOM   892  C CB  . GLU B 1 39 ? -4.60963  6.53824   10.35499  1.000 46.44889  ? 36  GLU B CB  1 
ATOM   893  C CG  . GLU B 1 39 ? -4.36714  6.39732   11.82694  1.000 58.56282  ? 36  GLU B CG  1 
ATOM   894  C CD  . GLU B 1 39 ? -3.58557  7.55498   12.41222  1.000 70.96357  ? 36  GLU B CD  1 
ATOM   895  O OE1 . GLU B 1 39 ? -2.40623  7.72431   12.04229  1.000 69.73014  ? 36  GLU B OE1 1 
ATOM   896  O OE2 . GLU B 1 39 ? -4.15723  8.30666   13.23108  1.000 85.01569  ? 36  GLU B OE2 1 
ATOM   897  N N   . LYS B 1 40 ? -5.61595  5.91762   7.42981   1.000 51.18964  ? 37  LYS B N   1 
ATOM   898  C CA  . LYS B 1 40 ? -5.86522  6.49106   6.11884   1.000 45.62825  ? 37  LYS B CA  1 
ATOM   899  C C   . LYS B 1 40 ? -5.64524  5.42149   5.06181   1.000 30.23471  ? 37  LYS B C   1 
ATOM   900  O O   . LYS B 1 40 ? -4.67317  4.66409   5.12668   1.000 42.37899  ? 37  LYS B O   1 
ATOM   901  C CB  . LYS B 1 40 ? -4.94663  7.69245   5.86838   1.000 51.98488  ? 37  LYS B CB  1 
ATOM   902  C CG  . LYS B 1 40 ? -5.17521  8.40653   4.54971   1.000 49.57459  ? 37  LYS B CG  1 
ATOM   903  C CD  . LYS B 1 40 ? -4.09530  9.44798   4.30937   1.000 22.81673  ? 37  LYS B CD  1 
ATOM   904  C CE  . LYS B 1 40 ? -4.34827  10.21979  3.02813   1.000 39.46627  ? 37  LYS B CE  1 
ATOM   905  N NZ  . LYS B 1 40 ? -3.21520  11.12992  2.70315   1.000 39.69170  ? 37  LYS B NZ  1 
ATOM   906  N N   . LEU B 1 41 ? -6.56078  5.35650   4.10258   1.000 33.04312  ? 38  LEU B N   1 
ATOM   907  C CA  . LEU B 1 41 ? -6.42388  4.49628   2.93817   1.000 19.17125  ? 38  LEU B CA  1 
ATOM   908  C C   . LEU B 1 41 ? -6.12123  5.37616   1.73605   1.000 29.21558  ? 38  LEU B C   1 
ATOM   909  O O   . LEU B 1 41 ? -6.85687  6.32942   1.46018   1.000 31.80769  ? 38  LEU B O   1 
ATOM   910  C CB  . LEU B 1 41 ? -7.69327  3.67201   2.70590   1.000 29.42263  ? 38  LEU B CB  1 
ATOM   911  C CG  . LEU B 1 41 ? -7.62995  2.47872   1.74477   1.000 41.48521  ? 38  LEU B CG  1 
ATOM   912  C CD1 . LEU B 1 41 ? -8.73675  1.49257   2.06922   1.000 36.45914  ? 38  LEU B CD1 1 
ATOM   913  C CD2 . LEU B 1 41 ? -7.73260  2.91388   0.28929   1.000 32.71465  ? 38  LEU B CD2 1 
ATOM   914  N N   . ILE B 1 42 ? -5.03597  5.06606   1.03539   1.000 25.16293  ? 39  ILE B N   1 
ATOM   915  C CA  . ILE B 1 42 ? -4.59638  5.83667   -0.12039  1.000 31.02924  ? 39  ILE B CA  1 
ATOM   916  C C   . ILE B 1 42 ? -4.66353  4.92355   -1.33449  1.000 30.16388  ? 39  ILE B C   1 
ATOM   917  O O   . ILE B 1 42 ? -3.84809  4.00300   -1.47325  1.000 33.55365  ? 39  ILE B O   1 
ATOM   918  C CB  . ILE B 1 42 ? -3.18394  6.40219   0.06810   1.000 35.57019  ? 39  ILE B CB  1 
ATOM   919  C CG1 . ILE B 1 42 ? -3.12910  7.27231   1.32527   1.000 28.83597  ? 39  ILE B CG1 1 
ATOM   920  C CG2 . ILE B 1 42 ? -2.76940  7.20220   -1.15673  1.000 29.55774  ? 39  ILE B CG2 1 
ATOM   921  C CD1 . ILE B 1 42 ? -1.76756  7.86566   1.59866   1.000 35.81638  ? 39  ILE B CD1 1 
ATOM   922  N N   . LEU B 1 43 ? -5.63294  5.17422   -2.21072  1.000 44.08218  ? 40  LEU B N   1 
ATOM   923  C CA  . LEU B 1 43 ? -5.80896  4.40015   -3.43359  1.000 46.87033  ? 40  LEU B CA  1 
ATOM   924  C C   . LEU B 1 43 ? -4.99731  5.07463   -4.53597  1.000 53.97043  ? 40  LEU B C   1 
ATOM   925  O O   . LEU B 1 43 ? -5.30008  6.20229   -4.93933  1.000 69.04335  ? 40  LEU B O   1 
ATOM   926  C CB  . LEU B 1 43 ? -7.29235  4.30871   -3.78992  1.000 49.41990  ? 40  LEU B CB  1 
ATOM   927  C CG  . LEU B 1 43 ? -7.81766  3.18934   -4.69569  1.000 55.54627  ? 40  LEU B CG  1 
ATOM   928  C CD1 . LEU B 1 43 ? -7.31749  3.32627   -6.12513  1.000 65.44117  ? 40  LEU B CD1 1 
ATOM   929  C CD2 . LEU B 1 43 ? -7.46441  1.82714   -4.12807  1.000 70.25028  ? 40  LEU B CD2 1 
ATOM   930  N N   . THR B 1 44 ? -3.96990  4.38577   -5.02505  1.000 56.36109  ? 41  THR B N   1 
ATOM   931  C CA  . THR B 1 44 ? -3.09905  4.90304   -6.07758  1.000 59.42737  ? 41  THR B CA  1 
ATOM   932  C C   . THR B 1 44 ? -3.36229  4.09576   -7.34726  1.000 69.72283  ? 41  THR B C   1 
ATOM   933  O O   . THR B 1 44 ? -2.59666  3.20416   -7.71613  1.000 65.56154  ? 41  THR B O   1 
ATOM   934  C CB  . THR B 1 44 ? -1.62232  4.83949   -5.65313  1.000 53.54334  ? 41  THR B CB  1 
ATOM   935  O OG1 . THR B 1 44 ? -1.45040  5.52686   -4.40707  1.000 58.29544  ? 41  THR B OG1 1 
ATOM   936  C CG2 . THR B 1 44 ? -0.73865  5.49378   -6.70146  1.000 61.17007  ? 41  THR B CG2 1 
ATOM   937  N N   . SER B 1 45 ? -4.46953  4.41525   -8.01311  1.000 69.63753  ? 42  SER B N   1 
ATOM   938  C CA  . SER B 1 45 ? -4.82146  3.81677   -9.29452  1.000 75.55039  ? 42  SER B CA  1 
ATOM   939  C C   . SER B 1 45 ? -6.02976  4.55513   -9.84660  1.000 80.61950  ? 42  SER B C   1 
ATOM   940  O O   . SER B 1 45 ? -6.78461  5.18840   -9.10317  1.000 87.50046  ? 42  SER B O   1 
ATOM   941  C CB  . SER B 1 45 ? -5.12336  2.31841   -9.17169  1.000 61.72633  ? 42  SER B CB  1 
ATOM   942  O OG  . SER B 1 45 ? -6.49242  2.08554   -8.89250  1.000 55.68350  ? 42  SER B OG  1 
ATOM   943  N N   . ASN B 1 46 ? -6.20311  4.46276   -11.16386 1.000 88.03611  ? 43  ASN B N   1 
ATOM   944  C CA  . ASN B 1 46 ? -7.34199  5.08404   -11.83953 1.000 105.86616 ? 43  ASN B CA  1 
ATOM   945  C C   . ASN B 1 46 ? -8.50612  4.09425   -11.88802 1.000 115.59902 ? 43  ASN B C   1 
ATOM   946  O O   . ASN B 1 46 ? -8.87909  3.55524   -12.93169 1.000 105.16005 ? 43  ASN B O   1 
ATOM   947  C CB  . ASN B 1 46 ? -6.94413  5.55511   -13.23157 1.000 98.75999  ? 43  ASN B CB  1 
ATOM   948  C CG  . ASN B 1 46 ? -5.90454  6.65403   -13.19677 1.000 95.31561  ? 43  ASN B CG  1 
ATOM   949  O OD1 . ASN B 1 46 ? -4.83615  6.53350   -13.79576 1.000 102.66351 ? 43  ASN B OD1 1 
ATOM   950  N ND2 . ASN B 1 46 ? -6.21153  7.73539   -12.48951 1.000 97.91343  ? 43  ASN B ND2 1 
ATOM   951  N N   . PHE B 1 47 ? -9.08014  3.85831   -10.71363 1.000 108.70740 ? 44  PHE B N   1 
ATOM   952  C CA  . PHE B 1 47 ? -10.23618 2.98728   -10.56334 1.000 107.37654 ? 44  PHE B CA  1 
ATOM   953  C C   . PHE B 1 47 ? -11.42989 3.81063   -10.10594 1.000 100.85426 ? 44  PHE B C   1 
ATOM   954  O O   . PHE B 1 47 ? -11.32663 4.58075   -9.14470  1.000 79.42211  ? 44  PHE B O   1 
ATOM   955  C CB  . PHE B 1 47 ? -9.95033  1.85509   -9.57421  1.000 97.94903  ? 44  PHE B CB  1 
ATOM   956  C CG  . PHE B 1 47 ? -9.48305  0.59036   -10.23145 1.000 93.16990  ? 44  PHE B CG  1 
ATOM   957  C CD1 . PHE B 1 47 ? -9.96275  0.23275   -11.47993 1.000 68.67548  ? 44  PHE B CD1 1 
ATOM   958  C CD2 . PHE B 1 47 ? -8.56185  -0.23349  -9.61308  1.000 84.38638  ? 44  PHE B CD2 1 
ATOM   959  C CE1 . PHE B 1 47 ? -9.53943  -0.92637  -12.09782 1.000 66.75945  ? 44  PHE B CE1 1 
ATOM   960  C CE2 . PHE B 1 47 ? -8.13305  -1.39544  -10.22753 1.000 76.32046  ? 44  PHE B CE2 1 
ATOM   961  C CZ  . PHE B 1 47 ? -8.62265  -1.73844  -11.46949 1.000 68.68191  ? 44  PHE B CZ  1 
ATOM   962  N N   . THR B 1 48 ? -12.55251 3.65298   -10.80421 1.000 99.49217  ? 45  THR B N   1 
ATOM   963  C CA  . THR B 1 48 ? -13.76937 4.36557   -10.44990 1.000 85.25564  ? 45  THR B CA  1 
ATOM   964  C C   . THR B 1 48 ? -14.17802 4.03326   -9.01913  1.000 75.49280  ? 45  THR B C   1 
ATOM   965  O O   . THR B 1 48 ? -13.72892 3.04639   -8.42884  1.000 75.07930  ? 45  THR B O   1 
ATOM   966  C CB  . THR B 1 48 ? -14.90667 3.99893   -11.40311 1.000 90.64382  ? 45  THR B CB  1 
ATOM   967  O OG1 . THR B 1 48 ? -15.58041 2.83332   -10.91246 1.000 79.63165  ? 45  THR B OG1 1 
ATOM   968  C CG2 . THR B 1 48 ? -14.36401 3.70537   -12.79330 1.000 78.63935  ? 45  THR B CG2 1 
ATOM   969  N N   . GLU B 1 49 ? -15.03960 4.88033   -8.45231  1.000 80.88631  ? 46  GLU B N   1 
ATOM   970  C CA  . GLU B 1 49 ? -15.56978 4.57669   -7.12919  1.000 74.06893  ? 46  GLU B CA  1 
ATOM   971  C C   . GLU B 1 49 ? -16.32773 3.25544   -7.14839  1.000 69.75253  ? 46  GLU B C   1 
ATOM   972  O O   . GLU B 1 49 ? -16.13157 2.41301   -6.26719  1.000 66.05125  ? 46  GLU B O   1 
ATOM   973  C CB  . GLU B 1 49 ? -16.44859 5.72895   -6.62512  1.000 77.52742  ? 46  GLU B CB  1 
ATOM   974  C CG  . GLU B 1 49 ? -17.96659 5.54174   -6.72523  1.000 96.13141  ? 46  GLU B CG  1 
ATOM   975  C CD  . GLU B 1 49 ? -18.51590 5.81477   -8.11977  1.000 111.74743 ? 46  GLU B CD  1 
ATOM   976  O OE1 . GLU B 1 49 ? -17.71432 5.97969   -9.06401  1.000 118.39484 ? 46  GLU B OE1 1 
ATOM   977  O OE2 . GLU B 1 49 ? -19.75535 5.87038   -8.27078  1.000 100.41963 ? 46  GLU B OE2 1 
ATOM   978  N N   . ARG B 1 50 ? -17.11687 3.01512   -8.20015  1.000 80.48447  ? 47  ARG B N   1 
ATOM   979  C CA  . ARG B 1 50 ? -17.96623 1.82841   -8.24160  1.000 68.70420  ? 47  ARG B CA  1 
ATOM   980  C C   . ARG B 1 50 ? -17.14560 0.54444   -8.19857  1.000 69.51598  ? 47  ARG B C   1 
ATOM   981  O O   . ARG B 1 50 ? -17.52821 -0.41973  -7.52555  1.000 71.39310  ? 47  ARG B O   1 
ATOM   982  C CB  . ARG B 1 50 ? -18.84804 1.85830   -9.48977  1.000 69.72636  ? 47  ARG B CB  1 
ATOM   983  C CG  . ARG B 1 50 ? -20.32519 2.06255   -9.18748  1.000 85.18858  ? 47  ARG B CG  1 
ATOM   984  C CD  . ARG B 1 50 ? -21.20816 1.75980   -10.38809 1.000 71.93624  ? 47  ARG B CD  1 
ATOM   985  N NE  . ARG B 1 50 ? -22.59332 1.54327   -9.98640  1.000 76.90596  ? 47  ARG B NE  1 
ATOM   986  C CZ  . ARG B 1 50 ? -23.09142 0.36799   -9.62613  1.000 73.06632  ? 47  ARG B CZ  1 
ATOM   987  N NH1 . ARG B 1 50 ? -22.34509 -0.72460  -9.61403  1.000 75.45849  ? 47  ARG B NH1 1 
ATOM   988  N NH2 . ARG B 1 50 ? -24.37042 0.28630   -9.27048  1.000 64.74036  ? 47  ARG B NH2 1 
ATOM   989  N N   . THR B 1 51 ? -16.01339 0.51018   -8.90828  1.000 69.28186  ? 48  THR B N   1 
ATOM   990  C CA  . THR B 1 51 ? -15.17762 -0.68743  -8.89712  1.000 70.48154  ? 48  THR B CA  1 
ATOM   991  C C   . THR B 1 51 ? -14.61081 -0.95956  -7.50846  1.000 57.90907  ? 48  THR B C   1 
ATOM   992  O O   . THR B 1 51 ? -14.45897 -2.12267  -7.11702  1.000 57.96269  ? 48  THR B O   1 
ATOM   993  C CB  . THR B 1 51 ? -14.04892 -0.55701  -9.92378  1.000 65.94003  ? 48  THR B CB  1 
ATOM   994  O OG1 . THR B 1 51 ? -14.60854 -0.37189  -11.23052 1.000 81.35254  ? 48  THR B OG1 1 
ATOM   995  C CG2 . THR B 1 51 ? -13.18043 -1.80876  -9.93070  1.000 44.35573  ? 48  THR B CG2 1 
ATOM   996  N N   . VAL B 1 52 ? -14.31485 0.09392   -6.74382  1.000 62.52330  ? 49  VAL B N   1 
ATOM   997  C CA  . VAL B 1 52 ? -13.83167 -0.08903  -5.37831  1.000 57.45395  ? 49  VAL B CA  1 
ATOM   998  C C   . VAL B 1 52 ? -14.93908 -0.63740  -4.48406  1.000 47.79869  ? 49  VAL B C   1 
ATOM   999  O O   . VAL B 1 52 ? -14.71152 -1.55381  -3.68481  1.000 53.57579  ? 49  VAL B O   1 
ATOM   1000 C CB  . VAL B 1 52 ? -13.25657 1.23275   -4.83612  1.000 55.96846  ? 49  VAL B CB  1 
ATOM   1001 C CG1 . VAL B 1 52 ? -13.15481 1.19008   -3.31878  1.000 68.15405  ? 49  VAL B CG1 1 
ATOM   1002 C CG2 . VAL B 1 52 ? -11.88835 1.50449   -5.45219  1.000 44.99486  ? 49  VAL B CG2 1 
ATOM   1003 N N   . ARG B 1 53 ? -16.15259 -0.09307  -4.60134  1.000 56.86578  ? 50  ARG B N   1 
ATOM   1004 C CA  . ARG B 1 53 ? -17.27380 -0.62508  -3.83197  1.000 58.50896  ? 50  ARG B CA  1 
ATOM   1005 C C   . ARG B 1 53 ? -17.58527 -2.05342  -4.25449  1.000 54.54874  ? 50  ARG B C   1 
ATOM   1006 O O   . ARG B 1 53 ? -17.78169 -2.93799  -3.41259  1.000 54.17763  ? 50  ARG B O   1 
ATOM   1007 C CB  . ARG B 1 53 ? -18.50870 0.26375   -4.00248  1.000 63.27329  ? 50  ARG B CB  1 
ATOM   1008 C CG  . ARG B 1 53 ? -18.53861 1.51094   -3.12573  1.000 74.10412  ? 50  ARG B CG  1 
ATOM   1009 C CD  . ARG B 1 53 ? -17.64185 2.59198   -3.65774  1.000 79.70318  ? 50  ARG B CD  1 
ATOM   1010 N NE  . ARG B 1 53 ? -17.43612 3.69986   -2.73855  1.000 99.55309  ? 50  ARG B NE  1 
ATOM   1011 C CZ  . ARG B 1 53 ? -16.48084 3.73966   -1.82372  1.000 91.67677  ? 50  ARG B CZ  1 
ATOM   1012 N NH1 . ARG B 1 53 ? -15.69589 2.69742   -1.59673  1.000 70.69087  ? 50  ARG B NH1 1 
ATOM   1013 N NH2 . ARG B 1 53 ? -16.29374 4.85912   -1.13747  1.000 77.49609  ? 50  ARG B NH2 1 
ATOM   1014 N N   . ARG B 1 54 ? -17.64061 -2.28943  -5.56704  1.000 56.94136  ? 51  ARG B N   1 
ATOM   1015 C CA  . ARG B 1 54 ? -17.83085 -3.63752  -6.08695  1.000 54.87363  ? 51  ARG B CA  1 
ATOM   1016 C C   . ARG B 1 54 ? -16.76709 -4.58336  -5.54570  1.000 51.41001  ? 51  ARG B C   1 
ATOM   1017 O O   . ARG B 1 54 ? -17.06474 -5.72987  -5.18931  1.000 51.83618  ? 51  ARG B O   1 
ATOM   1018 C CB  . ARG B 1 54 ? -17.80217 -3.60053  -7.61685  1.000 55.03637  ? 51  ARG B CB  1 
ATOM   1019 C CG  . ARG B 1 54 ? -18.60166 -4.69719  -8.30559  1.000 68.70760  ? 51  ARG B CG  1 
ATOM   1020 C CD  . ARG B 1 54 ? -17.95326 -6.04702  -8.10881  1.000 70.20752  ? 51  ARG B CD  1 
ATOM   1021 N NE  . ARG B 1 54 ? -18.68742 -7.13321  -8.73710  1.000 69.91200  ? 51  ARG B NE  1 
ATOM   1022 C CZ  . ARG B 1 54 ? -19.74555 -7.72705  -8.20499  1.000 76.08975  ? 51  ARG B CZ  1 
ATOM   1023 N NH1 . ARG B 1 54 ? -20.25784 -7.32607  -7.05523  1.000 62.42276  ? 51  ARG B NH1 1 
ATOM   1024 N NH2 . ARG B 1 54 ? -20.30311 -8.74876  -8.84291  1.000 69.54964  ? 51  ARG B NH2 1 
ATOM   1025 N N   . ALA B 1 55 ? -15.51997 -4.11543  -5.47012  1.000 46.87561  ? 52  ALA B N   1 
ATOM   1026 C CA  . ALA B 1 55 ? -14.45429 -4.93396  -4.90223  1.000 39.26957  ? 52  ALA B CA  1 
ATOM   1027 C C   . ALA B 1 55 ? -14.72257 -5.24013  -3.43381  1.000 43.26150  ? 52  ALA B C   1 
ATOM   1028 O O   . ALA B 1 55 ? -14.65946 -6.39906  -3.01012  1.000 38.47995  ? 52  ALA B O   1 
ATOM   1029 C CB  . ALA B 1 55 ? -13.10514 -4.23353  -5.07049  1.000 28.80877  ? 52  ALA B CB  1 
ATOM   1030 N N   . PHE B 1 56 ? -15.03780 -4.20826  -2.64311  1.000 41.93279  ? 53  PHE B N   1 
ATOM   1031 C CA  . PHE B 1 56 ? -15.25250 -4.40077  -1.21104  1.000 38.09289  ? 53  PHE B CA  1 
ATOM   1032 C C   . PHE B 1 56 ? -16.38878 -5.37475  -0.92512  1.000 36.18441  ? 53  PHE B C   1 
ATOM   1033 O O   . PHE B 1 56 ? -16.34778 -6.09098  0.08233   1.000 27.61412  ? 53  PHE B O   1 
ATOM   1034 C CB  . PHE B 1 56 ? -15.53169 -3.05986  -0.53225  1.000 42.86463  ? 53  PHE B CB  1 
ATOM   1035 C CG  . PHE B 1 56 ? -14.30213 -2.37674  -0.00841  1.000 39.40089  ? 53  PHE B CG  1 
ATOM   1036 C CD1 . PHE B 1 56 ? -13.53144 -2.97174  0.97681   1.000 38.89167  ? 53  PHE B CD1 1 
ATOM   1037 C CD2 . PHE B 1 56 ? -13.92461 -1.13470  -0.48877  1.000 49.38931  ? 53  PHE B CD2 1 
ATOM   1038 C CE1 . PHE B 1 56 ? -12.39999 -2.34592  1.46585   1.000 36.38583  ? 53  PHE B CE1 1 
ATOM   1039 C CE2 . PHE B 1 56 ? -12.79588 -0.50280  -0.00292  1.000 47.04072  ? 53  PHE B CE2 1 
ATOM   1040 C CZ  . PHE B 1 56 ? -12.03169 -1.10918  0.97581   1.000 32.03420  ? 53  PHE B CZ  1 
ATOM   1041 N N   . ASP B 1 57 ? -17.41029 -5.41467  -1.78643  1.000 38.36260  ? 54  ASP B N   1 
ATOM   1042 C CA  . ASP B 1 57 ? -18.50286 -6.36230  -1.58330  1.000 37.41346  ? 54  ASP B CA  1 
ATOM   1043 C C   . ASP B 1 57 ? -18.01193 -7.79863  -1.68007  1.000 52.86379  ? 54  ASP B C   1 
ATOM   1044 O O   . ASP B 1 57 ? -18.45000 -8.66530  -0.91401  1.000 52.36067  ? 54  ASP B O   1 
ATOM   1045 C CB  . ASP B 1 57 ? -19.62027 -6.12855  -2.60004  1.000 46.19656  ? 54  ASP B CB  1 
ATOM   1046 C CG  . ASP B 1 57 ? -20.36834 -4.84232  -2.35725  1.000 68.97941  ? 54  ASP B CG  1 
ATOM   1047 O OD1 . ASP B 1 57 ? -20.44535 -4.01661  -3.29032  1.000 78.41113  ? 54  ASP B OD1 1 
ATOM   1048 O OD2 . ASP B 1 57 ? -20.86047 -4.64858  -1.22555  1.000 68.91948  ? 54  ASP B OD2 1 
ATOM   1049 N N   . LEU B 1 58 ? -17.09830 -8.06928  -2.61580  1.000 52.88837  ? 55  LEU B N   1 
ATOM   1050 C CA  . LEU B 1 58 ? -16.66188 -9.44133  -2.84657  1.000 46.50706  ? 55  LEU B CA  1 
ATOM   1051 C C   . LEU B 1 58 ? -15.66873 -9.89916  -1.78944  1.000 40.65198  ? 55  LEU B C   1 
ATOM   1052 O O   . LEU B 1 58 ? -15.66846 -11.07619 -1.41442  1.000 47.04235  ? 55  LEU B O   1 
ATOM   1053 C CB  . LEU B 1 58 ? -16.05676 -9.57529  -4.24387  1.000 46.16951  ? 55  LEU B CB  1 
ATOM   1054 C CG  . LEU B 1 58 ? -17.00515 -9.97010  -5.37910  1.000 59.67057  ? 55  LEU B CG  1 
ATOM   1055 C CD1 . LEU B 1 58 ? -18.34015 -9.23621  -5.30309  1.000 69.19955  ? 55  LEU B CD1 1 
ATOM   1056 C CD2 . LEU B 1 58 ? -16.32071 -9.69871  -6.69969  1.000 50.47159  ? 55  LEU B CD2 1 
ATOM   1057 N N   . VAL B 1 59 ? -14.81884 -8.99430  -1.29861  1.000 36.25248  ? 56  VAL B N   1 
ATOM   1058 C CA  . VAL B 1 59 ? -13.89628 -9.35996  -0.22718  1.000 32.02516  ? 56  VAL B CA  1 
ATOM   1059 C C   . VAL B 1 59 ? -14.66782 -9.68787  1.04424   1.000 41.47663  ? 56  VAL B C   1 
ATOM   1060 O O   . VAL B 1 59 ? -14.29647 -10.59690 1.79637   1.000 51.20598  ? 56  VAL B O   1 
ATOM   1061 C CB  . VAL B 1 59 ? -12.86830 -8.23733  0.00435   1.000 37.86463  ? 56  VAL B CB  1 
ATOM   1062 C CG1 . VAL B 1 59 ? -11.63297 -8.77236  0.71021   1.000 74.63881  ? 56  VAL B CG1 1 
ATOM   1063 C CG2 . VAL B 1 59 ? -12.47442 -7.62049  -1.30438  1.000 59.26967  ? 56  VAL B CG2 1 
ATOM   1064 N N   . ARG B 1 60 ? -15.75965 -8.96189  1.29679   1.000 37.57686  ? 57  ARG B N   1 
ATOM   1065 C CA  . ARG B 1 60 ? -16.61375 -9.26822  2.43886   1.000 27.20281  ? 57  ARG B CA  1 
ATOM   1066 C C   . ARG B 1 60 ? -17.28670 -10.62482 2.27937   1.000 33.50021  ? 57  ARG B C   1 
ATOM   1067 O O   . ARG B 1 60 ? -17.38786 -11.39134 3.24447   1.000 34.81601  ? 57  ARG B O   1 
ATOM   1068 C CB  . ARG B 1 60 ? -17.66306 -8.17043  2.61170   1.000 36.70409  ? 57  ARG B CB  1 
ATOM   1069 C CG  . ARG B 1 60 ? -18.79356 -8.52549  3.56747   1.000 29.35211  ? 57  ARG B CG  1 
ATOM   1070 C CD  . ARG B 1 60 ? -18.29500 -8.63965  4.99571   1.000 24.32349  ? 57  ARG B CD  1 
ATOM   1071 N NE  . ARG B 1 60 ? -19.35217 -9.03084  5.92137   1.000 31.04385  ? 57  ARG B NE  1 
ATOM   1072 C CZ  . ARG B 1 60 ? -19.59237 -10.27789 6.30443   1.000 35.23801  ? 57  ARG B CZ  1 
ATOM   1073 N NH1 . ARG B 1 60 ? -18.86471 -11.29036 5.86096   1.000 35.68687  ? 57  ARG B NH1 1 
ATOM   1074 N NH2 . ARG B 1 60 ? -20.58552 -10.51472 7.15693   1.000 37.49633  ? 57  ARG B NH2 1 
ATOM   1075 N N   . GLU B 1 61 ? -17.74768 -10.94122 1.06672   1.000 33.22047  ? 58  GLU B N   1 
ATOM   1076 C CA  . GLU B 1 61 ? -18.49165 -12.17896 0.86027   1.000 29.18164  ? 58  GLU B CA  1 
ATOM   1077 C C   . GLU B 1 61 ? -17.56682 -13.38805 0.83928   1.000 32.52856  ? 58  GLU B C   1 
ATOM   1078 O O   . GLU B 1 61 ? -17.93135 -14.46334 1.32951   1.000 28.81019  ? 58  GLU B O   1 
ATOM   1079 C CB  . GLU B 1 61 ? -19.29139 -12.10299 -0.43850  1.000 31.92943  ? 58  GLU B CB  1 
ATOM   1080 C CG  . GLU B 1 61 ? -20.16279 -13.32057 -0.68716  1.000 40.40571  ? 58  GLU B CG  1 
ATOM   1081 C CD  . GLU B 1 61 ? -20.45235 -13.53117 -2.15776  1.000 44.97041  ? 58  GLU B CD  1 
ATOM   1082 O OE1 . GLU B 1 61 ? -20.01144 -12.69599 -2.97206  1.000 47.70498  ? 58  GLU B OE1 1 
ATOM   1083 O OE2 . GLU B 1 61 ? -21.11334 -14.53392 -2.49464  1.000 61.52266  ? 58  GLU B OE2 1 
ATOM   1084 N N   . LEU B 1 62 ? -16.37096 -13.23624 0.27241   1.000 41.56820  ? 59  LEU B N   1 
ATOM   1085 C CA  . LEU B 1 62 ? -15.44765 -14.35638 0.14819   1.000 34.23229  ? 59  LEU B CA  1 
ATOM   1086 C C   . LEU B 1 62 ? -14.58731 -14.55527 1.38822   1.000 43.03842  ? 59  LEU B C   1 
ATOM   1087 O O   . LEU B 1 62 ? -14.27731 -15.69918 1.73770   1.000 48.56375  ? 59  LEU B O   1 
ATOM   1088 C CB  . LEU B 1 62 ? -14.55101 -14.16554 -1.07907  1.000 28.41977  ? 59  LEU B CB  1 
ATOM   1089 C CG  . LEU B 1 62 ? -15.28380 -14.03867 -2.41835  1.000 22.41184  ? 59  LEU B CG  1 
ATOM   1090 C CD1 . LEU B 1 62 ? -14.30877 -13.76343 -3.55103  1.000 25.08947  ? 59  LEU B CD1 1 
ATOM   1091 C CD2 . LEU B 1 62 ? -16.10546 -15.28215 -2.70578  1.000 33.42572  ? 59  LEU B CD2 1 
ATOM   1092 N N   . LEU B 1 63 ? -14.20974 -13.47759 2.07708   1.000 47.62618  ? 60  LEU B N   1 
ATOM   1093 C CA  . LEU B 1 63 ? -13.35657 -13.54726 3.26178   1.000 37.71987  ? 60  LEU B CA  1 
ATOM   1094 C C   . LEU B 1 63 ? -14.13792 -13.05371 4.47801   1.000 40.22995  ? 60  LEU B C   1 
ATOM   1095 O O   . LEU B 1 63 ? -13.88794 -11.95116 4.98413   1.000 36.70053  ? 60  LEU B O   1 
ATOM   1096 C CB  . LEU B 1 63 ? -12.08279 -12.72765 3.06257   1.000 26.26487  ? 60  LEU B CB  1 
ATOM   1097 C CG  . LEU B 1 63 ? -10.82258 -13.18203 3.80143   1.000 34.66764  ? 60  LEU B CG  1 
ATOM   1098 C CD1 . LEU B 1 63 ? -10.31061 -14.49187 3.22569   1.000 32.18636  ? 60  LEU B CD1 1 
ATOM   1099 C CD2 . LEU B 1 63 ? -9.74725  -12.10868 3.73789   1.000 46.52382  ? 60  LEU B CD2 1 
ATOM   1100 N N   . PRO B 1 64 ? -15.08983 -13.85137 4.97773   1.000 36.21100  ? 61  PRO B N   1 
ATOM   1101 C CA  . PRO B 1 64 ? -15.91149 -13.38548 6.10608   1.000 35.02179  ? 61  PRO B CA  1 
ATOM   1102 C C   . PRO B 1 64 ? -15.16734 -13.36114 7.42670   1.000 35.35767  ? 61  PRO B C   1 
ATOM   1103 O O   . PRO B 1 64 ? -15.56682 -12.61292 8.32775   1.000 41.01706  ? 61  PRO B O   1 
ATOM   1104 C CB  . PRO B 1 64 ? -17.07164 -14.39456 6.14320   1.000 29.58597  ? 61  PRO B CB  1 
ATOM   1105 C CG  . PRO B 1 64 ? -16.94663 -15.20931 4.87639   1.000 34.70516  ? 61  PRO B CG  1 
ATOM   1106 C CD  . PRO B 1 64 ? -15.49420 -15.19466 4.54192   1.000 31.98399  ? 61  PRO B CD  1 
ATOM   1107 N N   . ALA B 1 65 ? -14.10633 -14.15703 7.57663   1.000 30.13285  ? 62  ALA B N   1 
ATOM   1108 C CA  . ALA B 1 65 ? -13.33513 -14.13968 8.81344   1.000 39.57117  ? 62  ALA B CA  1 
ATOM   1109 C C   . ALA B 1 65 ? -12.63593 -12.80694 9.03390   1.000 36.72875  ? 62  ALA B C   1 
ATOM   1110 O O   . ALA B 1 65 ? -12.29726 -12.47760 10.17577  1.000 38.51438  ? 62  ALA B O   1 
ATOM   1111 C CB  . ALA B 1 65 ? -12.31126 -15.27523 8.81041   1.000 39.40576  ? 62  ALA B CB  1 
ATOM   1112 N N   . LYS B 1 66 ? -12.40926 -12.03872 7.96928   1.000 43.34018  ? 63  LYS B N   1 
ATOM   1113 C CA  . LYS B 1 66 ? -11.81068 -10.71483 8.06225   1.000 33.40508  ? 63  LYS B CA  1 
ATOM   1114 C C   . LYS B 1 66 ? -12.82525 -9.60722  7.82600   1.000 42.85348  ? 63  LYS B C   1 
ATOM   1115 O O   . LYS B 1 66 ? -12.42876 -8.47010  7.54976   1.000 41.55683  ? 63  LYS B O   1 
ATOM   1116 C CB  . LYS B 1 66 ? -10.65475 -10.57529 7.06758   1.000 36.36298  ? 63  LYS B CB  1 
ATOM   1117 C CG  . LYS B 1 66 ? -9.35888  -11.24843 7.49333   1.000 43.69275  ? 63  LYS B CG  1 
ATOM   1118 C CD  . LYS B 1 66 ? -9.43058  -12.76253 7.36901   1.000 37.67245  ? 63  LYS B CD  1 
ATOM   1119 C CE  . LYS B 1 66 ? -8.15708  -13.41542 7.87440   1.000 36.95346  ? 63  LYS B CE  1 
ATOM   1120 N NZ  . LYS B 1 66 ? -8.24263  -14.89935 7.80700   1.000 38.68750  ? 63  LYS B NZ  1 
ATOM   1121 N N   . ALA B 1 67 ? -14.12205 -9.91704  7.92936   1.000 45.13535  ? 64  ALA B N   1 
ATOM   1122 C CA  . ALA B 1 67 ? -15.16273 -8.93714  7.63371   1.000 42.31345  ? 64  ALA B CA  1 
ATOM   1123 C C   . ALA B 1 67 ? -14.97409 -7.66194  8.44135   1.000 38.74615  ? 64  ALA B C   1 
ATOM   1124 O O   . ALA B 1 67 ? -15.20258 -6.55807  7.93630   1.000 50.00503  ? 64  ALA B O   1 
ATOM   1125 C CB  . ALA B 1 67 ? -16.53890 -9.54385  7.90796   1.000 31.35127  ? 64  ALA B CB  1 
ATOM   1126 N N   . GLU B 1 68 ? -14.53119 -7.79688  9.69172   1.000 38.64970  ? 65  GLU B N   1 
ATOM   1127 C CA  . GLU B 1 68 ? -14.34724 -6.63465  10.55437  1.000 32.16660  ? 65  GLU B CA  1 
ATOM   1128 C C   . GLU B 1 68 ? -13.32237 -5.66715  9.97373   1.000 41.10622  ? 65  GLU B C   1 
ATOM   1129 O O   . GLU B 1 68 ? -13.51981 -4.44783  10.01027  1.000 44.21358  ? 65  GLU B O   1 
ATOM   1130 C CB  . GLU B 1 68 ? -13.92099 -7.08195  11.95430  1.000 53.36725  ? 65  GLU B CB  1 
ATOM   1131 C CG  . GLU B 1 68 ? -14.77725 -8.19269  12.57078  1.000 71.30975  ? 65  GLU B CG  1 
ATOM   1132 C CD  . GLU B 1 68 ? -14.50406 -9.56349  11.96503  1.000 64.76195  ? 65  GLU B CD  1 
ATOM   1133 O OE1 . GLU B 1 68 ? -13.34251 -9.83547  11.60026  1.000 57.36965  ? 65  GLU B OE1 1 
ATOM   1134 O OE2 . GLU B 1 68 ? -15.45502 -10.35969 11.82833  1.000 59.71413  ? 65  GLU B OE2 1 
ATOM   1135 N N   . ILE B 1 69 ? -12.22150 -6.19125  9.43107   1.000 36.84367  ? 66  ILE B N   1 
ATOM   1136 C CA  . ILE B 1 69 ? -11.19756 -5.33127  8.84642   1.000 32.36961  ? 66  ILE B CA  1 
ATOM   1137 C C   . ILE B 1 69 ? -11.66157 -4.76334  7.51264   1.000 37.77342  ? 66  ILE B C   1 
ATOM   1138 O O   . ILE B 1 69 ? -11.29387 -3.63939  7.14793   1.000 41.93891  ? 66  ILE B O   1 
ATOM   1139 C CB  . ILE B 1 69 ? -9.88096  -6.11925  8.70949   1.000 46.40901  ? 66  ILE B CB  1 
ATOM   1140 C CG1 . ILE B 1 69 ? -9.26581  -6.36336  10.08873  1.000 44.34732  ? 66  ILE B CG1 1 
ATOM   1141 C CG2 . ILE B 1 69 ? -8.89130  -5.40304  7.79966   1.000 47.89485  ? 66  ILE B CG2 1 
ATOM   1142 C CD1 . ILE B 1 69 ? -8.61817  -7.70856  10.22893  1.000 49.22361  ? 66  ILE B CD1 1 
ATOM   1143 N N   . ILE B 1 70 ? -12.49818 -5.50928  6.78314   1.000 40.99987  ? 67  ILE B N   1 
ATOM   1144 C CA  . ILE B 1 70 ? -12.91687 -5.09573  5.44574   1.000 35.49353  ? 67  ILE B CA  1 
ATOM   1145 C C   . ILE B 1 70 ? -13.64645 -3.76146  5.49670   1.000 39.78492  ? 67  ILE B C   1 
ATOM   1146 O O   . ILE B 1 70 ? -13.36340 -2.85667  4.70116   1.000 47.81362  ? 67  ILE B O   1 
ATOM   1147 C CB  . ILE B 1 70 ? -13.78413 -6.18936  4.79466   1.000 38.13315  ? 67  ILE B CB  1 
ATOM   1148 C CG1 . ILE B 1 70 ? -13.00080 -7.49661  4.70592   1.000 37.50100  ? 67  ILE B CG1 1 
ATOM   1149 C CG2 . ILE B 1 70 ? -14.20598 -5.77667  3.40257   1.000 29.17680  ? 67  ILE B CG2 1 
ATOM   1150 C CD1 . ILE B 1 70 ? -11.74107 -7.38739  3.86878   1.000 35.25861  ? 67  ILE B CD1 1 
ATOM   1151 N N   . ASP B 1 71 ? -14.59346 -3.61640  6.43226   1.000 31.24981  ? 68  ASP B N   1 
ATOM   1152 C CA  . ASP B 1 71 ? -15.35020 -2.37165  6.53988   1.000 52.08763  ? 68  ASP B CA  1 
ATOM   1153 C C   . ASP B 1 71 ? -14.46562 -1.22096  6.99632   1.000 48.23103  ? 68  ASP B C   1 
ATOM   1154 O O   . ASP B 1 71 ? -14.57161 -0.11049  6.46723   1.000 48.71377  ? 68  ASP B O   1 
ATOM   1155 C CB  . ASP B 1 71 ? -16.52965 -2.53323  7.49803   1.000 45.93914  ? 68  ASP B CB  1 
ATOM   1156 C CG  . ASP B 1 71 ? -17.13987 -3.91722  7.44860   1.000 62.37327  ? 68  ASP B CG  1 
ATOM   1157 O OD1 . ASP B 1 71 ? -16.98453 -4.65337  8.44056   1.000 65.75021  ? 68  ASP B OD1 1 
ATOM   1158 O OD2 . ASP B 1 71 ? -17.77321 -4.28990  6.43378   1.000 65.17590  ? 68  ASP B OD2 1 
ATOM   1159 N N   . ALA B 1 72 ? -13.60091 -1.45977  7.98855   1.000 36.41247  ? 69  ALA B N   1 
ATOM   1160 C CA  . ALA B 1 72 ? -12.66383 -0.42596  8.41803   1.000 33.97896  ? 69  ALA B CA  1 
ATOM   1161 C C   . ALA B 1 72 ? -11.90411 0.14579   7.22691   1.000 46.67343  ? 69  ALA B C   1 
ATOM   1162 O O   . ALA B 1 72 ? -11.73926 1.36568   7.11113   1.000 48.86522  ? 69  ALA B O   1 
ATOM   1163 C CB  . ALA B 1 72 ? -11.70179 -0.99126  9.46549   1.000 50.98621  ? 69  ALA B CB  1 
ATOM   1164 N N   . LEU B 1 73 ? -11.47023 -0.72215  6.30834   1.000 42.03945  ? 70  LEU B N   1 
ATOM   1165 C CA  . LEU B 1 73 ? -10.91097 -0.25564  5.04351   1.000 25.79749  ? 70  LEU B CA  1 
ATOM   1166 C C   . LEU B 1 73 ? -11.97473 0.37411   4.14970   1.000 33.92567  ? 70  LEU B C   1 
ATOM   1167 O O   . LEU B 1 73 ? -11.67754 1.31267   3.40189   1.000 31.33940  ? 70  LEU B O   1 
ATOM   1168 C CB  . LEU B 1 73 ? -10.23142 -1.41543  4.31765   1.000 37.49322  ? 70  LEU B CB  1 
ATOM   1169 C CG  . LEU B 1 73 ? -8.96722  -1.97244  4.97027   1.000 49.02737  ? 70  LEU B CG  1 
ATOM   1170 C CD1 . LEU B 1 73 ? -8.65562  -3.35021  4.41658   1.000 38.06845  ? 70  LEU B CD1 1 
ATOM   1171 C CD2 . LEU B 1 73 ? -7.79859  -1.02547  4.74425   1.000 28.13901  ? 70  LEU B CD2 1 
ATOM   1172 N N   . ARG B 1 74 ? -13.21179 -0.12429  4.20937   1.000 46.78628  ? 71  ARG B N   1 
ATOM   1173 C CA  . ARG B 1 74 ? -14.27389 0.41293   3.36332   1.000 55.02597  ? 71  ARG B CA  1 
ATOM   1174 C C   . ARG B 1 74 ? -14.62071 1.84495   3.75430   1.000 52.06385  ? 71  ARG B C   1 
ATOM   1175 O O   . ARG B 1 74 ? -14.90126 2.68122   2.88752   1.000 51.36455  ? 71  ARG B O   1 
ATOM   1176 C CB  . ARG B 1 74 ? -15.50435 -0.49012  3.45232   1.000 50.56228  ? 71  ARG B CB  1 
ATOM   1177 C CG  . ARG B 1 74 ? -16.50845 -0.34135  2.32807   1.000 37.05447  ? 71  ARG B CG  1 
ATOM   1178 C CD  . ARG B 1 74 ? -17.54481 -1.44904  2.42052   1.000 54.85507  ? 71  ARG B CD  1 
ATOM   1179 N NE  . ARG B 1 74 ? -18.31550 -1.59328  1.19242   1.000 76.38597  ? 71  ARG B NE  1 
ATOM   1180 C CZ  . ARG B 1 74 ? -19.03630 -2.66276  0.88382   1.000 74.18370  ? 71  ARG B CZ  1 
ATOM   1181 N NH1 . ARG B 1 74 ? -19.09767 -3.71086  1.68886   1.000 67.16512  ? 71  ARG B NH1 1 
ATOM   1182 N NH2 . ARG B 1 74 ? -19.70682 -2.68334  -0.26448  1.000 64.74533  ? 71  ARG B NH2 1 
ATOM   1183 N N   . GLU B 1 75 ? -14.59932 2.14710   5.05412   1.000 43.54814  ? 72  GLU B N   1 
ATOM   1184 C CA  . GLU B 1 75 ? -14.89187 3.49981   5.51167   1.000 39.20706  ? 72  GLU B CA  1 
ATOM   1185 C C   . GLU B 1 75 ? -13.71211 4.43875   5.30680   1.000 47.45127  ? 72  GLU B C   1 
ATOM   1186 O O   . GLU B 1 75 ? -13.90826 5.64788   5.14398   1.000 55.24922  ? 72  GLU B O   1 
ATOM   1187 C CB  . GLU B 1 75 ? -15.29945 3.47310   6.98244   1.000 53.25895  ? 72  GLU B CB  1 
ATOM   1188 C CG  . GLU B 1 75 ? -16.18280 2.29053   7.32630   1.000 54.18226  ? 72  GLU B CG  1 
ATOM   1189 C CD  . GLU B 1 75 ? -17.12356 2.57003   8.46683   1.000 71.19385  ? 72  GLU B CD  1 
ATOM   1190 O OE1 . GLU B 1 75 ? -17.53175 1.61116   9.15508   1.000 68.35608  ? 72  GLU B OE1 1 
ATOM   1191 O OE2 . GLU B 1 75 ? -17.45545 3.75360   8.66989   1.000 69.48825  ? 72  GLU B OE2 1 
ATOM   1192 N N   . GLU B 1 76 ? -12.48782 3.91108   5.31366   1.000 58.21408  ? 73  GLU B N   1 
ATOM   1193 C CA  . GLU B 1 76 ? -11.34362 4.73606   4.94998   1.000 48.09138  ? 73  GLU B CA  1 
ATOM   1194 C C   . GLU B 1 76 ? -11.29620 4.97496   3.44789   1.000 42.65026  ? 73  GLU B C   1 
ATOM   1195 O O   . GLU B 1 76 ? -10.75510 5.99172   2.99801   1.000 37.61693  ? 73  GLU B O   1 
ATOM   1196 C CB  . GLU B 1 76 ? -10.04860 4.08686   5.43905   1.000 45.37903  ? 73  GLU B CB  1 
ATOM   1197 C CG  . GLU B 1 76 ? -9.92367  4.01070   6.95610   1.000 41.96014  ? 73  GLU B CG  1 
ATOM   1198 C CD  . GLU B 1 76 ? -9.74530  5.37262   7.60643   1.000 47.01310  ? 73  GLU B CD  1 
ATOM   1199 O OE1 . GLU B 1 76 ? -9.47489  6.35529   6.88282   1.000 57.75440  ? 73  GLU B OE1 1 
ATOM   1200 O OE2 . GLU B 1 76 ? -9.87229  5.46020   8.84636   1.000 64.16280  ? 73  GLU B OE2 1 
ATOM   1201 N N   . ALA B 1 77 ? -11.86161 4.05581   2.66230   1.000 52.85094  ? 74  ALA B N   1 
ATOM   1202 C CA  . ALA B 1 77 ? -11.95369 4.25433   1.22136   1.000 43.89752  ? 74  ALA B CA  1 
ATOM   1203 C C   . ALA B 1 77 ? -13.02927 5.27206   0.86678   1.000 60.33722  ? 74  ALA B C   1 
ATOM   1204 O O   . ALA B 1 77 ? -12.83968 6.08308   -0.04610  1.000 64.72469  ? 74  ALA B O   1 
ATOM   1205 C CB  . ALA B 1 77 ? -12.22957 2.92445   0.52342   1.000 47.41970  ? 74  ALA B CB  1 
ATOM   1206 N N   . GLU B 1 78 ? -14.16310 5.24656   1.57308   1.000 60.65823  ? 75  GLU B N   1 
ATOM   1207 C CA  . GLU B 1 78 ? -15.17852 6.26850   1.35027   1.000 57.17767  ? 75  GLU B CA  1 
ATOM   1208 C C   . GLU B 1 78 ? -14.70675 7.62605   1.84861   1.000 57.42194  ? 75  GLU B C   1 
ATOM   1209 O O   . GLU B 1 78 ? -15.12540 8.66141   1.31837   1.000 55.84171  ? 75  GLU B O   1 
ATOM   1210 C CB  . GLU B 1 78 ? -16.49608 5.86043   2.01587   1.000 78.39983  ? 75  GLU B CB  1 
ATOM   1211 C CG  . GLU B 1 78 ? -16.56035 6.10051   3.51550   1.000 80.05387  ? 75  GLU B CG  1 
ATOM   1212 C CD  . GLU B 1 78 ? -17.72642 5.38598   4.17363   1.000 79.57371  ? 75  GLU B CD  1 
ATOM   1213 O OE1 . GLU B 1 78 ? -17.97953 4.21308   3.82440   1.000 78.68293  ? 75  GLU B OE1 1 
ATOM   1214 O OE2 . GLU B 1 78 ? -18.39116 5.99659   5.03807   1.000 53.92520  ? 75  GLU B OE2 1 
ATOM   1215 N N   . LYS B 1 79 ? -13.82958 7.63978   2.85473   1.000 67.69595  ? 76  LYS B N   1 
ATOM   1216 C CA  . LYS B 1 79 ? -13.19980 8.88525   3.27096   1.000 70.82943  ? 76  LYS B CA  1 
ATOM   1217 C C   . LYS B 1 79 ? -12.15531 9.33604   2.25902   1.000 71.03810  ? 76  LYS B C   1 
ATOM   1218 O O   . LYS B 1 79 ? -11.96021 10.54128  2.06232   1.000 57.20802  ? 76  LYS B O   1 
ATOM   1219 C CB  . LYS B 1 79 ? -12.57270 8.71029   4.65334   1.000 62.87928  ? 76  LYS B CB  1 
ATOM   1220 C CG  . LYS B 1 79 ? -12.08536 9.99547   5.29278   1.000 51.08307  ? 76  LYS B CG  1 
ATOM   1221 C CD  . LYS B 1 79 ? -11.52580 9.72442   6.67989   1.000 72.65522  ? 76  LYS B CD  1 
ATOM   1222 C CE  . LYS B 1 79 ? -12.53509 8.98065   7.54166   1.000 71.73037  ? 76  LYS B CE  1 
ATOM   1223 N NZ  . LYS B 1 79 ? -11.97847 8.62043   8.87562   1.000 52.52939  ? 76  LYS B NZ  1 
ATOM   1224 N N   . TYR B 1 80 ? -11.48245 8.38494   1.60626   1.000 68.49090  ? 77  TYR B N   1 
ATOM   1225 C CA  . TYR B 1 80 ? -10.50906 8.73243   0.57672   1.000 65.19646  ? 77  TYR B CA  1 
ATOM   1226 C C   . TYR B 1 80 ? -11.19095 9.35938   -0.63325  1.000 76.17367  ? 77  TYR B C   1 
ATOM   1227 O O   . TYR B 1 80 ? -10.77555 10.42078  -1.11284  1.000 83.04872  ? 77  TYR B O   1 
ATOM   1228 C CB  . TYR B 1 80 ? -9.71382  7.49153   0.16584   1.000 66.09714  ? 77  TYR B CB  1 
ATOM   1229 C CG  . TYR B 1 80 ? -8.89424  7.68394   -1.09133  1.000 55.77256  ? 77  TYR B CG  1 
ATOM   1230 C CD1 . TYR B 1 80 ? -7.63839  8.27412   -1.04103  1.000 47.16973  ? 77  TYR B CD1 1 
ATOM   1231 C CD2 . TYR B 1 80 ? -9.37742  7.27512   -2.32916  1.000 64.40119  ? 77  TYR B CD2 1 
ATOM   1232 C CE1 . TYR B 1 80 ? -6.88770  8.45379   -2.18688  1.000 57.02592  ? 77  TYR B CE1 1 
ATOM   1233 C CE2 . TYR B 1 80 ? -8.63632  7.45421   -3.47931  1.000 77.35639  ? 77  TYR B CE2 1 
ATOM   1234 C CZ  . TYR B 1 80 ? -7.39120  8.04076   -3.40286  1.000 74.28973  ? 77  TYR B CZ  1 
ATOM   1235 O OH  . TYR B 1 80 ? -6.64883  8.21683   -4.54783  1.000 71.43541  ? 77  TYR B OH  1 
ATOM   1236 N N   . PHE B 1 81 ? -12.24005 8.71129   -1.14573  1.000 65.97911  ? 78  PHE B N   1 
ATOM   1237 C CA  . PHE B 1 81 ? -12.95158 9.24270   -2.30168  1.000 61.02064  ? 78  PHE B CA  1 
ATOM   1238 C C   . PHE B 1 81 ? -13.73424 10.50367  -1.96736  1.000 76.57243  ? 78  PHE B C   1 
ATOM   1239 O O   . PHE B 1 81 ? -14.09726 11.25236  -2.88084  1.000 88.04632  ? 78  PHE B O   1 
ATOM   1240 C CB  . PHE B 1 81 ? -13.87789 8.17471   -2.88099  1.000 42.23891  ? 78  PHE B CB  1 
ATOM   1241 C CG  . PHE B 1 81 ? -13.15012 7.08000   -3.60335  1.000 67.47002  ? 78  PHE B CG  1 
ATOM   1242 C CD1 . PHE B 1 81 ? -12.17845 7.38395   -4.54238  1.000 76.23714  ? 78  PHE B CD1 1 
ATOM   1243 C CD2 . PHE B 1 81 ? -13.41881 5.74990   -3.33023  1.000 69.51982  ? 78  PHE B CD2 1 
ATOM   1244 C CE1 . PHE B 1 81 ? -11.49910 6.38265   -5.20777  1.000 70.32696  ? 78  PHE B CE1 1 
ATOM   1245 C CE2 . PHE B 1 81 ? -12.74121 4.74305   -3.99123  1.000 76.15887  ? 78  PHE B CE2 1 
ATOM   1246 C CZ  . PHE B 1 81 ? -11.77977 5.06046   -4.93183  1.000 65.60615  ? 78  PHE B CZ  1 
ATOM   1247 N N   . ALA B 1 82 ? -14.00055 10.75690  -0.68398  1.000 65.05149  ? 79  ALA B N   1 
ATOM   1248 C CA  . ALA B 1 82 ? -14.51930 12.05761  -0.28455  1.000 81.18864  ? 79  ALA B CA  1 
ATOM   1249 C C   . ALA B 1 82 ? -13.49720 13.16265  -0.50852  1.000 84.87503  ? 79  ALA B C   1 
ATOM   1250 O O   . ALA B 1 82 ? -13.87970 14.33462  -0.59680  1.000 98.76796  ? 79  ALA B O   1 
ATOM   1251 C CB  . ALA B 1 82 ? -14.95001 12.02995  1.18261   1.000 69.19526  ? 79  ALA B CB  1 
ATOM   1252 N N   . GLU B 1 83 ? -12.21640 12.80846  -0.60534  1.000 79.19384  ? 80  GLU B N   1 
ATOM   1253 C CA  . GLU B 1 83 ? -11.13530 13.75085  -0.88131  1.000 79.37167  ? 80  GLU B CA  1 
ATOM   1254 C C   . GLU B 1 83 ? -11.13680 14.90938  0.10831   1.000 92.96672  ? 80  GLU B C   1 
ATOM   1255 O O   . GLU B 1 83 ? -11.03889 14.70408  1.31814   1.000 100.96726 ? 80  GLU B O   1 
ATOM   1256 C CB  . GLU B 1 83 ? -11.23491 14.27748  -2.31699  1.000 90.01292  ? 80  GLU B CB  1 
ATOM   1257 C CG  . GLU B 1 83 ? -11.21431 13.19187  -3.39082  1.000 92.36523  ? 80  GLU B CG  1 
ATOM   1258 C CD  . GLU B 1 83 ? -9.85235  12.53525  -3.55118  1.000 90.03985  ? 80  GLU B CD  1 
ATOM   1259 O OE1 . GLU B 1 83 ? -8.85374  13.08955  -3.04478  1.000 91.19084  ? 80  GLU B OE1 1 
ATOM   1260 O OE2 . GLU B 1 83 ? -9.78013  11.46256  -4.18872  1.000 66.85468  ? 80  GLU B OE2 1 
ATOM   1261 O OXT . GLU B 1 83 ? -11.24033 16.07151  -0.28072  1.000 112.09857 ? 80  GLU B OXT 1 
HETATM 1262 O O   . HOH C 2 .  ? 11.75963  5.45725   7.20094   1.000 49.62714  ? 101 HOH A O   1 
HETATM 1263 O O   . HOH C 2 .  ? -1.21329  10.88939  3.87506   1.000 32.29918  ? 102 HOH A O   1 
HETATM 1264 O O   . HOH C 2 .  ? 14.02968  -4.67150  0.32588   1.000 39.76488  ? 103 HOH A O   1 
HETATM 1265 O O   . HOH C 2 .  ? 15.22489  -6.05753  10.45272  1.000 35.93584  ? 104 HOH A O   1 
HETATM 1266 O O   . HOH C 2 .  ? 7.30225   -10.49331 5.74473   1.000 40.64096  ? 105 HOH A O   1 
HETATM 1267 O O   . HOH C 2 .  ? 15.27645  -2.62091  0.33512   1.000 46.07264  ? 106 HOH A O   1 
HETATM 1268 O O   . HOH C 2 .  ? 3.99407   -1.35541  14.23406  1.000 42.46637  ? 107 HOH A O   1 
HETATM 1269 O O   . HOH C 2 .  ? 15.64498  -12.71314 -6.80832  1.000 24.07451  ? 108 HOH A O   1 
HETATM 1270 O O   . HOH C 2 .  ? -0.86884  -10.06959 -8.68316  1.000 39.03242  ? 109 HOH A O   1 
HETATM 1271 O O   . HOH C 2 .  ? 12.71932  6.37320   10.33056  1.000 45.73845  ? 110 HOH A O   1 
HETATM 1272 O O   . HOH C 2 .  ? 18.13991  2.86462   12.31468  1.000 43.97894  ? 111 HOH A O   1 
HETATM 1273 O O   . HOH D 2 .  ? -11.32966 -9.20242  11.48522  1.000 39.91049  ? 101 HOH B O   1 
HETATM 1274 O O   . HOH D 2 .  ? -18.17433 -0.31339  -0.72600  1.000 60.68426  ? 102 HOH B O   1 
HETATM 1275 O O   . HOH D 2 .  ? 2.15342   0.31208   -14.66732 1.000 38.57506  ? 103 HOH B O   1 
HETATM 1276 O O   . HOH D 2 .  ? -3.63189  -7.47519  -7.09099  1.000 24.46964  ? 104 HOH B O   1 
HETATM 1277 O O   . HOH D 2 .  ? -8.83187  7.13830   4.21124   1.000 49.11124  ? 105 HOH B O   1 
HETATM 1278 O O   . HOH D 2 .  ? -13.89691 7.43462   10.06116  1.000 58.71239  ? 106 HOH B O   1 
HETATM 1279 O O   . HOH D 2 .  ? -1.32602  8.99801   6.64168   1.000 47.80227  ? 107 HOH B O   1 
HETATM 1280 O O   . HOH D 2 .  ? -6.93231  11.79033  -4.36536  1.000 52.53048  ? 108 HOH B O   1 
HETATM 1281 O O   . HOH D 2 .  ? -1.17172  -10.50302 3.74639   1.000 40.98337  ? 109 HOH B O   1 
HETATM 1282 O O   . HOH D 2 .  ? -20.21289 -14.94097 3.02672   1.000 35.33616  ? 110 HOH B O   1 
HETATM 1283 O O   . HOH D 2 .  ? -7.28087  -8.49865  14.19710  1.000 35.26039  ? 111 HOH B O   1 
# 
